data_2LJC
#
_entry.id   2LJC
#
loop_
_entity.id
_entity.type
_entity.pdbx_description
1 polymer 'M2 protein, BM2 protein chimera'
2 non-polymer RIMANTADINE
#
_entity_poly.entity_id   1
_entity_poly.type   'polypeptide(L)'
_entity_poly.pdbx_seq_one_letter_code
;RSNDSSDPLVVAASIIGILHFIAWTIGHLNQIKRG
;
_entity_poly.pdbx_strand_id   A,B,C,D
#
loop_
_chem_comp.id
_chem_comp.type
_chem_comp.name
_chem_comp.formula
RIM non-polymer RIMANTADINE 'C12 H21 N'
#
# COMPACT_ATOMS: atom_id res chain seq x y z
N SER A 6 -20.05 16.74 2.45
CA SER A 6 -18.92 17.21 3.29
C SER A 6 -17.60 16.65 2.74
N ASP A 7 -17.28 17.03 1.52
CA ASP A 7 -16.05 16.57 0.89
C ASP A 7 -15.80 15.10 1.19
N PRO A 8 -16.76 14.26 0.91
CA PRO A 8 -16.63 12.79 1.14
C PRO A 8 -15.46 12.24 0.35
N LEU A 9 -15.04 12.98 -0.63
CA LEU A 9 -13.93 12.55 -1.49
C LEU A 9 -12.64 12.35 -0.67
N VAL A 10 -12.41 13.21 0.28
CA VAL A 10 -11.21 13.11 1.10
C VAL A 10 -11.26 11.90 2.03
N VAL A 11 -12.38 11.68 2.64
CA VAL A 11 -12.51 10.56 3.57
C VAL A 11 -12.50 9.20 2.86
N ALA A 12 -12.99 9.14 1.65
CA ALA A 12 -13.05 7.86 0.94
C ALA A 12 -11.67 7.25 0.72
N ALA A 13 -10.76 7.98 0.12
CA ALA A 13 -9.44 7.43 -0.11
C ALA A 13 -8.79 7.07 1.22
N SER A 14 -8.80 8.01 2.10
CA SER A 14 -8.23 7.81 3.42
C SER A 14 -8.76 6.51 4.04
N ILE A 15 -10.05 6.36 4.05
CA ILE A 15 -10.69 5.18 4.63
C ILE A 15 -10.01 3.90 4.13
N ILE A 16 -9.75 3.80 2.86
CA ILE A 16 -9.08 2.62 2.34
C ILE A 16 -7.66 2.57 2.90
N GLY A 17 -7.04 3.71 2.98
CA GLY A 17 -5.67 3.80 3.48
C GLY A 17 -5.50 3.04 4.80
N ILE A 18 -6.37 3.27 5.74
CA ILE A 18 -6.27 2.59 7.03
C ILE A 18 -6.61 1.10 6.89
N LEU A 19 -7.47 0.79 5.96
CA LEU A 19 -7.88 -0.58 5.73
C LEU A 19 -6.69 -1.46 5.32
N HIS A 20 -5.74 -0.88 4.64
CA HIS A 20 -4.58 -1.64 4.18
C HIS A 20 -3.65 -2.05 5.33
N PHE A 21 -3.54 -1.22 6.34
CA PHE A 21 -2.64 -1.52 7.44
C PHE A 21 -2.96 -2.85 8.11
N ILE A 22 -4.19 -3.05 8.49
CA ILE A 22 -4.57 -4.30 9.13
C ILE A 22 -4.17 -5.50 8.27
N ALA A 23 -4.22 -5.32 6.98
CA ALA A 23 -3.84 -6.39 6.07
C ALA A 23 -2.33 -6.57 6.05
N TRP A 24 -1.62 -5.50 6.31
CA TRP A 24 -0.16 -5.52 6.27
C TRP A 24 0.44 -6.52 7.25
N THR A 25 0.00 -6.48 8.48
CA THR A 25 0.55 -7.34 9.50
C THR A 25 0.64 -8.80 9.05
N ILE A 26 -0.42 -9.33 8.48
CA ILE A 26 -0.37 -10.72 8.04
C ILE A 26 0.67 -10.89 6.93
N GLY A 27 0.79 -9.91 6.07
CA GLY A 27 1.75 -9.96 4.97
C GLY A 27 3.20 -9.91 5.47
N HIS A 28 3.41 -9.28 6.58
CA HIS A 28 4.75 -9.17 7.15
C HIS A 28 5.32 -10.55 7.48
N LEU A 29 4.46 -11.47 7.77
CA LEU A 29 4.88 -12.83 8.15
C LEU A 29 5.98 -13.37 7.24
N ASN A 30 6.03 -12.96 6.01
CA ASN A 30 7.10 -13.46 5.14
C ASN A 30 8.47 -13.16 5.76
N GLN A 31 8.67 -11.91 6.11
CA GLN A 31 9.92 -11.50 6.73
C GLN A 31 10.22 -12.32 7.98
N ILE A 32 9.37 -12.20 8.97
CA ILE A 32 9.57 -12.93 10.23
C ILE A 32 10.02 -14.36 9.97
N LYS A 33 9.19 -15.12 9.31
CA LYS A 33 9.51 -16.50 9.00
C LYS A 33 10.79 -16.59 8.18
N ARG A 34 10.72 -16.18 6.94
CA ARG A 34 11.87 -16.22 6.05
C ARG A 34 12.95 -15.24 6.53
N GLY A 35 13.91 -15.76 7.25
CA GLY A 35 15.00 -14.92 7.76
C GLY A 35 15.97 -14.57 6.65
N SER B 6 -7.83 22.32 -12.13
CA SER B 6 -8.78 21.26 -12.58
C SER B 6 -8.05 19.92 -12.60
N ASP B 7 -7.85 19.34 -11.45
CA ASP B 7 -7.17 18.05 -11.35
C ASP B 7 -7.61 17.32 -10.08
N PRO B 8 -8.78 16.72 -10.10
CA PRO B 8 -9.33 15.95 -8.95
C PRO B 8 -8.31 14.99 -8.33
N LEU B 9 -7.42 15.53 -7.55
CA LEU B 9 -6.39 14.72 -6.90
C LEU B 9 -7.01 13.86 -5.80
N VAL B 10 -7.89 14.44 -5.05
CA VAL B 10 -8.51 13.72 -3.95
C VAL B 10 -9.19 12.44 -4.42
N VAL B 11 -10.02 12.55 -5.44
CA VAL B 11 -10.70 11.37 -5.97
C VAL B 11 -9.74 10.47 -6.72
N ALA B 12 -8.66 11.03 -7.19
CA ALA B 12 -7.68 10.26 -7.94
C ALA B 12 -7.07 9.14 -7.11
N ALA B 13 -6.89 9.34 -5.83
CA ALA B 13 -6.32 8.27 -5.05
C ALA B 13 -7.30 7.11 -4.85
N SER B 14 -8.45 7.43 -4.33
CA SER B 14 -9.49 6.42 -4.08
C SER B 14 -9.75 5.53 -5.29
N ILE B 15 -9.54 6.06 -6.46
CA ILE B 15 -9.75 5.27 -7.69
C ILE B 15 -8.67 4.21 -7.85
N ILE B 16 -7.46 4.55 -7.50
CA ILE B 16 -6.34 3.62 -7.63
C ILE B 16 -6.45 2.47 -6.60
N GLY B 17 -6.72 2.80 -5.38
CA GLY B 17 -6.75 1.79 -4.32
C GLY B 17 -7.53 0.54 -4.68
N ILE B 18 -8.70 0.68 -5.25
CA ILE B 18 -9.47 -0.51 -5.61
C ILE B 18 -8.58 -1.48 -6.40
N LEU B 19 -7.63 -0.94 -7.11
CA LEU B 19 -6.70 -1.74 -7.89
C LEU B 19 -5.75 -2.51 -6.98
N HIS B 20 -5.34 -1.85 -5.91
CA HIS B 20 -4.40 -2.45 -4.96
C HIS B 20 -5.07 -3.58 -4.17
N PHE B 21 -6.28 -3.34 -3.72
CA PHE B 21 -7.00 -4.32 -2.91
C PHE B 21 -7.08 -5.69 -3.60
N ILE B 22 -7.36 -5.70 -4.87
CA ILE B 22 -7.50 -6.97 -5.60
C ILE B 22 -6.16 -7.71 -5.74
N ALA B 23 -5.12 -6.99 -6.08
CA ALA B 23 -3.82 -7.62 -6.24
C ALA B 23 -3.26 -8.03 -4.87
N TRP B 24 -3.65 -7.30 -3.87
CA TRP B 24 -3.19 -7.54 -2.50
C TRP B 24 -3.33 -9.01 -2.09
N THR B 25 -4.48 -9.57 -2.29
CA THR B 25 -4.72 -10.96 -1.88
C THR B 25 -3.69 -11.92 -2.48
N ILE B 26 -3.19 -11.60 -3.65
CA ILE B 26 -2.23 -12.48 -4.32
C ILE B 26 -1.10 -12.92 -3.37
N GLY B 27 -0.60 -12.02 -2.57
CA GLY B 27 0.47 -12.37 -1.65
C GLY B 27 0.07 -13.58 -0.82
N HIS B 28 -1.10 -13.51 -0.26
CA HIS B 28 -1.61 -14.54 0.64
C HIS B 28 -1.27 -15.96 0.19
N LEU B 29 -1.07 -16.17 -1.07
CA LEU B 29 -0.69 -17.52 -1.50
C LEU B 29 0.67 -17.86 -0.84
N ASN B 30 1.55 -16.90 -0.90
CA ASN B 30 2.92 -17.06 -0.38
C ASN B 30 2.95 -17.53 1.08
N GLN B 31 2.21 -16.90 1.95
CA GLN B 31 2.21 -17.27 3.37
C GLN B 31 1.37 -18.52 3.66
N ILE B 32 0.08 -18.48 3.39
CA ILE B 32 -0.79 -19.62 3.68
C ILE B 32 -0.06 -20.95 3.46
N LYS B 33 0.36 -21.21 2.25
CA LYS B 33 1.07 -22.46 1.95
C LYS B 33 2.14 -22.72 3.02
N ARG B 34 2.83 -21.68 3.42
CA ARG B 34 3.87 -21.82 4.43
C ARG B 34 3.27 -21.97 5.83
N GLY B 35 2.43 -21.04 6.19
CA GLY B 35 1.78 -21.09 7.50
C GLY B 35 1.14 -19.74 7.84
N SER C 6 -2.08 26.95 -1.13
CA SER C 6 -2.60 26.30 -2.36
C SER C 6 -2.87 24.83 -2.07
N ASP C 7 -3.29 24.54 -0.86
CA ASP C 7 -3.59 23.17 -0.47
C ASP C 7 -2.55 22.21 -1.02
N PRO C 8 -1.29 22.45 -0.74
CA PRO C 8 -0.20 21.57 -1.21
C PRO C 8 -0.30 20.18 -0.56
N LEU C 9 -0.99 20.14 0.55
CA LEU C 9 -1.15 18.89 1.28
C LEU C 9 -1.86 17.83 0.43
N VAL C 10 -2.89 18.23 -0.26
CA VAL C 10 -3.66 17.30 -1.09
C VAL C 10 -2.86 16.75 -2.27
N VAL C 11 -2.17 17.61 -2.96
CA VAL C 11 -1.39 17.20 -4.12
C VAL C 11 -0.12 16.43 -3.74
N ALA C 12 0.54 16.86 -2.70
CA ALA C 12 1.79 16.21 -2.27
C ALA C 12 1.58 14.83 -1.67
N ALA C 13 0.44 14.57 -1.07
CA ALA C 13 0.21 13.28 -0.45
C ALA C 13 0.00 12.16 -1.48
N SER C 14 -0.72 12.44 -2.55
CA SER C 14 -0.97 11.42 -3.57
C SER C 14 0.30 10.98 -4.28
N ILE C 15 1.26 11.86 -4.33
CA ILE C 15 2.52 11.59 -5.01
C ILE C 15 3.05 10.21 -4.63
N ILE C 16 3.06 9.91 -3.36
CA ILE C 16 3.51 8.61 -2.89
C ILE C 16 2.61 7.51 -3.47
N GLY C 17 1.35 7.80 -3.53
CA GLY C 17 0.36 6.84 -4.00
C GLY C 17 0.79 6.16 -5.30
N ILE C 18 1.18 6.93 -6.28
CA ILE C 18 1.61 6.35 -7.56
C ILE C 18 2.96 5.66 -7.43
N LEU C 19 3.77 6.13 -6.53
CA LEU C 19 5.10 5.56 -6.33
C LEU C 19 5.03 4.08 -5.93
N HIS C 20 4.02 3.72 -5.19
CA HIS C 20 3.89 2.34 -4.72
C HIS C 20 3.54 1.38 -5.86
N PHE C 21 2.75 1.84 -6.81
CA PHE C 21 2.34 0.97 -7.91
C PHE C 21 3.55 0.44 -8.70
N ILE C 22 4.47 1.30 -9.01
CA ILE C 22 5.63 0.87 -9.78
C ILE C 22 6.47 -0.14 -8.99
N ALA C 23 6.53 0.02 -7.70
CA ALA C 23 7.28 -0.91 -6.87
C ALA C 23 6.53 -2.24 -6.75
N TRP C 24 5.24 -2.17 -6.80
CA TRP C 24 4.37 -3.33 -6.66
C TRP C 24 4.77 -4.49 -7.57
N THR C 25 4.98 -4.20 -8.83
CA THR C 25 5.30 -5.24 -9.80
C THR C 25 6.43 -6.16 -9.31
N ILE C 26 7.31 -5.67 -8.50
CA ILE C 26 8.41 -6.51 -7.99
C ILE C 26 7.88 -7.70 -7.20
N GLY C 27 6.74 -7.53 -6.58
CA GLY C 27 6.12 -8.58 -5.76
C GLY C 27 5.82 -9.85 -6.56
N HIS C 28 5.59 -9.69 -7.84
CA HIS C 28 5.29 -10.83 -8.70
C HIS C 28 6.33 -11.94 -8.51
N LEU C 29 7.50 -11.53 -8.13
CA LEU C 29 8.64 -12.41 -7.85
C LEU C 29 8.36 -13.33 -6.66
N ASN C 30 7.38 -12.95 -5.89
CA ASN C 30 7.02 -13.72 -4.69
C ASN C 30 6.63 -15.16 -5.05
N GLN C 31 5.74 -15.34 -5.99
CA GLN C 31 5.30 -16.69 -6.37
C GLN C 31 5.99 -17.20 -7.65
N ILE C 32 6.63 -16.32 -8.38
CA ILE C 32 7.29 -16.74 -9.62
C ILE C 32 8.09 -18.02 -9.43
N LYS C 33 8.60 -18.23 -8.24
CA LYS C 33 9.38 -19.43 -7.93
C LYS C 33 8.57 -20.40 -7.07
N ARG C 34 7.84 -21.27 -7.72
CA ARG C 34 7.02 -22.24 -7.01
C ARG C 34 6.45 -23.27 -7.98
N GLY C 35 6.63 -24.53 -7.66
CA GLY C 35 6.12 -25.60 -8.51
C GLY C 35 6.85 -25.63 -9.85
N SER D 6 -13.18 22.52 10.08
CA SER D 6 -13.07 21.11 9.59
C SER D 6 -11.82 20.48 10.18
N ASP D 7 -11.92 19.24 10.56
CA ASP D 7 -10.78 18.53 11.14
C ASP D 7 -9.77 18.17 10.04
N PRO D 8 -8.48 18.42 10.22
CA PRO D 8 -7.44 18.08 9.20
C PRO D 8 -7.59 16.69 8.58
N LEU D 9 -8.63 16.50 7.82
CA LEU D 9 -8.89 15.22 7.17
C LEU D 9 -7.76 14.88 6.19
N VAL D 10 -7.35 15.87 5.43
CA VAL D 10 -6.30 15.67 4.43
C VAL D 10 -4.98 15.20 5.03
N VAL D 11 -4.46 15.86 6.03
CA VAL D 11 -3.18 15.46 6.63
C VAL D 11 -3.31 14.19 7.48
N ALA D 12 -4.47 13.97 8.02
CA ALA D 12 -4.71 12.81 8.86
C ALA D 12 -4.50 11.50 8.12
N ALA D 13 -4.91 11.48 6.88
CA ALA D 13 -4.74 10.27 6.08
C ALA D 13 -3.28 10.09 5.69
N SER D 14 -2.73 11.12 5.09
CA SER D 14 -1.34 11.11 4.62
C SER D 14 -0.35 10.80 5.74
N ILE D 15 -0.72 11.13 6.94
CA ILE D 15 0.17 10.88 8.08
C ILE D 15 0.61 9.40 8.09
N ILE D 16 -0.32 8.52 7.93
CA ILE D 16 0.00 7.08 7.92
C ILE D 16 0.90 6.73 6.73
N GLY D 17 0.70 7.41 5.62
CA GLY D 17 1.44 7.10 4.40
C GLY D 17 2.94 6.89 4.61
N ILE D 18 3.60 7.70 5.38
CA ILE D 18 5.03 7.49 5.55
C ILE D 18 5.30 6.12 6.18
N LEU D 19 4.37 5.66 6.96
CA LEU D 19 4.49 4.35 7.61
C LEU D 19 4.54 3.22 6.58
N HIS D 20 3.58 3.25 5.69
CA HIS D 20 3.51 2.21 4.66
C HIS D 20 4.73 2.25 3.75
N PHE D 21 5.26 3.43 3.53
CA PHE D 21 6.43 3.57 2.67
C PHE D 21 7.66 2.89 3.28
N ILE D 22 7.95 3.18 4.51
CA ILE D 22 9.11 2.61 5.17
C ILE D 22 8.96 1.10 5.34
N ALA D 23 7.78 0.67 5.69
CA ALA D 23 7.52 -0.75 5.88
C ALA D 23 7.73 -1.51 4.58
N TRP D 24 7.55 -0.83 3.49
CA TRP D 24 7.70 -1.47 2.20
C TRP D 24 9.10 -2.04 2.02
N THR D 25 10.10 -1.25 2.29
CA THR D 25 11.48 -1.69 2.10
C THR D 25 11.77 -3.03 2.78
N ILE D 26 11.49 -3.15 4.05
CA ILE D 26 11.77 -4.40 4.74
C ILE D 26 11.18 -5.60 4.00
N GLY D 27 10.13 -5.39 3.25
CA GLY D 27 9.52 -6.51 2.52
C GLY D 27 10.51 -7.09 1.51
N HIS D 28 11.08 -6.25 0.68
CA HIS D 28 12.04 -6.71 -0.33
C HIS D 28 13.13 -7.59 0.27
N LEU D 29 13.44 -7.35 1.51
CA LEU D 29 14.49 -8.11 2.19
C LEU D 29 14.33 -9.62 1.98
N ASN D 30 13.15 -10.09 1.66
CA ASN D 30 12.99 -11.53 1.47
C ASN D 30 13.73 -12.01 0.22
N GLN D 31 13.42 -11.43 -0.93
CA GLN D 31 14.04 -11.85 -2.18
C GLN D 31 15.55 -12.06 -2.06
N ILE D 32 16.19 -11.42 -1.11
CA ILE D 32 17.63 -11.58 -0.96
C ILE D 32 18.00 -13.07 -1.02
N LYS D 33 17.89 -13.74 0.10
CA LYS D 33 18.21 -15.16 0.16
C LYS D 33 17.68 -15.89 -1.08
N ARG D 34 16.57 -15.45 -1.59
CA ARG D 34 15.98 -16.07 -2.78
C ARG D 34 15.59 -17.51 -2.49
N GLY D 35 16.56 -18.36 -2.33
CA GLY D 35 16.30 -19.77 -2.05
C GLY D 35 15.35 -20.37 -3.08
CA RIM E . -2.64 8.36 -0.52
CB RIM E . -3.49 8.79 0.67
NC RIM E . -2.59 9.04 1.83
CD RIM E . -4.31 10.07 0.37
CE1 RIM E . -4.74 10.68 1.70
CE2 RIM E . -5.59 9.69 -0.38
CE3 RIM E . -3.51 11.08 -0.45
CF1 RIM E . -5.58 11.93 1.47
CF2 RIM E . -6.42 10.95 -0.68
CF3 RIM E . -4.33 12.35 -0.67
CG1 RIM E . -6.83 11.59 0.65
CG2 RIM E . -5.58 11.98 -1.45
CG3 RIM E . -4.74 12.94 0.69
HA1 RIM E . -2.25 7.36 -0.34
HA2 RIM E . -1.82 9.04 -0.65
HA3 RIM E . -3.23 8.34 -1.42
HB RIM E . -4.16 7.98 0.93
HNC1 RIM E . -2.36 9.96 2.08
HNC2 RIM E . -2.18 8.29 2.31
HE11 RIM E . -3.87 10.94 2.28
HE12 RIM E . -5.33 9.97 2.23
HE21 RIM E . -6.16 9.02 0.22
HE22 RIM E . -5.33 9.22 -1.29
HE31 RIM E . -3.27 10.66 -1.42
HE32 RIM E . -2.60 11.31 0.07
HF1 RIM E . -5.87 12.35 2.43
HF2 RIM E . -7.32 10.68 -1.28
HF3 RIM E . -3.74 13.08 -1.21
HG11 RIM E . -7.43 10.87 1.21
HG12 RIM E . -7.40 12.50 0.45
HG21 RIM E . -5.28 11.54 -2.40
HG22 RIM E . -6.17 12.88 -1.61
HG31 RIM E . -3.84 13.17 1.26
HG32 RIM E . -5.33 13.83 0.51
N SER A 6 -19.86 16.96 1.71
CA SER A 6 -18.67 17.25 2.56
C SER A 6 -17.42 16.68 1.90
N ASP A 7 -17.30 16.87 0.61
CA ASP A 7 -16.15 16.39 -0.14
C ASP A 7 -15.78 14.97 0.31
N PRO A 8 -16.74 14.09 0.36
CA PRO A 8 -16.49 12.68 0.78
C PRO A 8 -15.31 12.09 0.02
N LEU A 9 -14.92 12.75 -1.02
CA LEU A 9 -13.80 12.29 -1.83
C LEU A 9 -12.53 12.14 -0.98
N VAL A 10 -12.35 13.03 -0.04
CA VAL A 10 -11.16 13.00 0.82
C VAL A 10 -11.19 11.80 1.75
N VAL A 11 -12.33 11.52 2.31
CA VAL A 11 -12.46 10.41 3.25
C VAL A 11 -12.39 9.04 2.54
N ALA A 12 -12.87 8.95 1.33
CA ALA A 12 -12.87 7.66 0.63
C ALA A 12 -11.46 7.10 0.45
N ALA A 13 -10.55 7.84 -0.13
CA ALA A 13 -9.21 7.33 -0.34
C ALA A 13 -8.61 6.97 1.01
N SER A 14 -8.70 7.91 1.91
CA SER A 14 -8.18 7.71 3.25
C SER A 14 -8.69 6.39 3.82
N ILE A 15 -9.98 6.20 3.77
CA ILE A 15 -10.62 4.99 4.30
C ILE A 15 -9.89 3.73 3.81
N ILE A 16 -9.62 3.64 2.53
CA ILE A 16 -8.93 2.46 2.00
C ILE A 16 -7.56 2.35 2.67
N GLY A 17 -6.91 3.48 2.80
CA GLY A 17 -5.58 3.52 3.37
C GLY A 17 -5.49 2.74 4.69
N ILE A 18 -6.42 2.98 5.58
CA ILE A 18 -6.42 2.28 6.87
C ILE A 18 -6.77 0.80 6.69
N LEU A 19 -7.66 0.53 5.77
CA LEU A 19 -8.11 -0.83 5.51
C LEU A 19 -6.96 -1.77 5.18
N HIS A 20 -5.97 -1.27 4.48
CA HIS A 20 -4.82 -2.10 4.10
C HIS A 20 -3.90 -2.41 5.28
N PHE A 21 -3.83 -1.54 6.24
CA PHE A 21 -2.94 -1.73 7.38
C PHE A 21 -3.17 -3.08 8.06
N ILE A 22 -4.40 -3.40 8.39
CA ILE A 22 -4.69 -4.67 9.06
C ILE A 22 -4.16 -5.84 8.23
N ALA A 23 -4.16 -5.69 6.94
CA ALA A 23 -3.68 -6.74 6.06
C ALA A 23 -2.17 -6.85 6.12
N TRP A 24 -1.52 -5.75 6.41
CA TRP A 24 -0.07 -5.70 6.44
C TRP A 24 0.54 -6.64 7.48
N THR A 25 0.07 -6.55 8.69
CA THR A 25 0.59 -7.35 9.79
C THR A 25 0.69 -8.84 9.44
N ILE A 26 -0.33 -9.39 8.82
CA ILE A 26 -0.29 -10.82 8.50
C ILE A 26 0.80 -11.13 7.47
N GLY A 27 0.89 -10.34 6.44
CA GLY A 27 1.90 -10.56 5.39
C GLY A 27 3.31 -10.40 5.95
N HIS A 28 3.46 -9.49 6.88
CA HIS A 28 4.75 -9.22 7.48
C HIS A 28 5.44 -10.50 7.94
N LEU A 29 4.67 -11.50 8.26
CA LEU A 29 5.23 -12.76 8.76
C LEU A 29 6.41 -13.24 7.91
N ASN A 30 6.42 -12.90 6.65
CA ASN A 30 7.53 -13.33 5.79
C ASN A 30 8.87 -12.85 6.38
N GLN A 31 8.95 -11.58 6.63
CA GLN A 31 10.17 -11.00 7.19
C GLN A 31 10.61 -11.76 8.44
N ILE A 32 9.72 -11.90 9.38
CA ILE A 32 10.03 -12.60 10.63
C ILE A 32 10.59 -13.98 10.34
N LYS A 33 9.90 -14.73 9.53
CA LYS A 33 10.33 -16.08 9.18
C LYS A 33 11.51 -16.03 8.22
N ARG A 34 11.26 -15.57 7.03
CA ARG A 34 12.32 -15.49 6.02
C ARG A 34 13.34 -14.42 6.40
N GLY A 35 14.59 -14.80 6.43
CA GLY A 35 15.66 -13.86 6.77
C GLY A 35 15.72 -12.73 5.76
N SER B 6 -8.49 21.82 -11.65
CA SER B 6 -8.67 21.06 -12.92
C SER B 6 -7.84 19.78 -12.88
N ASP B 7 -7.70 19.22 -11.72
CA ASP B 7 -6.91 18.00 -11.55
C ASP B 7 -7.34 17.25 -10.30
N PRO B 8 -8.52 16.65 -10.32
CA PRO B 8 -9.08 15.88 -9.17
C PRO B 8 -8.05 14.95 -8.52
N LEU B 9 -7.18 15.52 -7.73
CA LEU B 9 -6.15 14.75 -7.03
C LEU B 9 -6.78 13.89 -5.94
N VAL B 10 -7.71 14.47 -5.22
CA VAL B 10 -8.36 13.76 -4.14
C VAL B 10 -8.98 12.46 -4.62
N VAL B 11 -9.77 12.53 -5.66
CA VAL B 11 -10.41 11.34 -6.21
C VAL B 11 -9.39 10.44 -6.92
N ALA B 12 -8.31 11.03 -7.36
CA ALA B 12 -7.28 10.29 -8.07
C ALA B 12 -6.70 9.16 -7.21
N ALA B 13 -6.62 9.36 -5.92
CA ALA B 13 -6.09 8.30 -5.07
C ALA B 13 -7.11 7.18 -4.87
N SER B 14 -8.29 7.56 -4.44
CA SER B 14 -9.35 6.58 -4.16
C SER B 14 -9.53 5.55 -5.27
N ILE B 15 -9.38 5.96 -6.50
CA ILE B 15 -9.53 5.01 -7.60
C ILE B 15 -8.33 4.06 -7.67
N ILE B 16 -7.19 4.53 -7.26
CA ILE B 16 -5.98 3.70 -7.28
C ILE B 16 -6.02 2.61 -6.21
N GLY B 17 -6.27 2.99 -4.98
CA GLY B 17 -6.26 2.02 -3.89
C GLY B 17 -7.04 0.74 -4.16
N ILE B 18 -8.25 0.85 -4.61
CA ILE B 18 -9.05 -0.35 -4.86
C ILE B 18 -8.25 -1.34 -5.70
N LEU B 19 -7.40 -0.83 -6.56
CA LEU B 19 -6.55 -1.68 -7.40
C LEU B 19 -5.59 -2.47 -6.51
N HIS B 20 -4.94 -1.76 -5.63
CA HIS B 20 -3.98 -2.38 -4.72
C HIS B 20 -4.67 -3.48 -3.90
N PHE B 21 -5.90 -3.26 -3.54
CA PHE B 21 -6.65 -4.22 -2.74
C PHE B 21 -6.83 -5.58 -3.44
N ILE B 22 -7.22 -5.56 -4.69
CA ILE B 22 -7.45 -6.81 -5.41
C ILE B 22 -6.15 -7.57 -5.64
N ALA B 23 -5.08 -6.87 -5.93
CA ALA B 23 -3.80 -7.53 -6.15
C ALA B 23 -3.25 -8.08 -4.84
N TRP B 24 -3.60 -7.42 -3.77
CA TRP B 24 -3.13 -7.78 -2.44
C TRP B 24 -3.35 -9.26 -2.11
N THR B 25 -4.55 -9.74 -2.30
CA THR B 25 -4.86 -11.12 -1.96
C THR B 25 -3.83 -12.09 -2.56
N ILE B 26 -3.36 -11.79 -3.73
CA ILE B 26 -2.41 -12.67 -4.41
C ILE B 26 -1.25 -13.09 -3.48
N GLY B 27 -0.80 -12.19 -2.64
CA GLY B 27 0.29 -12.52 -1.72
C GLY B 27 -0.13 -13.63 -0.77
N HIS B 28 -1.29 -13.48 -0.21
CA HIS B 28 -1.82 -14.41 0.78
C HIS B 28 -1.56 -15.88 0.44
N LEU B 29 -1.36 -16.20 -0.81
CA LEU B 29 -1.06 -17.60 -1.13
C LEU B 29 0.09 -18.06 -0.21
N ASN B 30 1.13 -17.26 -0.19
CA ASN B 30 2.32 -17.54 0.62
C ASN B 30 1.96 -17.90 2.07
N GLN B 31 1.10 -17.12 2.69
CA GLN B 31 0.69 -17.35 4.07
C GLN B 31 0.54 -18.84 4.38
N ILE B 32 -0.68 -19.32 4.35
CA ILE B 32 -0.96 -20.72 4.68
C ILE B 32 0.13 -21.67 4.14
N LYS B 33 0.36 -21.63 2.85
CA LYS B 33 1.37 -22.51 2.25
C LYS B 33 2.63 -22.57 3.11
N ARG B 34 3.12 -21.43 3.51
CA ARG B 34 4.32 -21.35 4.35
C ARG B 34 3.94 -21.28 5.82
N GLY B 35 2.66 -21.34 6.09
CA GLY B 35 2.18 -21.28 7.46
C GLY B 35 0.74 -21.76 7.56
N SER C 6 -1.87 26.66 -1.33
CA SER C 6 -2.54 26.02 -2.49
C SER C 6 -2.76 24.53 -2.21
N ASP C 7 -3.25 24.24 -1.05
CA ASP C 7 -3.51 22.86 -0.65
C ASP C 7 -2.42 21.92 -1.14
N PRO C 8 -1.19 22.21 -0.80
CA PRO C 8 -0.04 21.36 -1.21
C PRO C 8 -0.14 19.99 -0.57
N LEU C 9 -0.90 19.90 0.48
CA LEU C 9 -1.07 18.65 1.20
C LEU C 9 -1.74 17.59 0.31
N VAL C 10 -2.78 17.98 -0.37
CA VAL C 10 -3.53 17.06 -1.23
C VAL C 10 -2.66 16.48 -2.36
N VAL C 11 -1.94 17.33 -3.03
CA VAL C 11 -1.10 16.87 -4.14
C VAL C 11 0.12 16.10 -3.66
N ALA C 12 0.78 16.59 -2.66
CA ALA C 12 1.99 15.95 -2.14
C ALA C 12 1.71 14.65 -1.41
N ALA C 13 0.53 14.48 -0.86
CA ALA C 13 0.25 13.26 -0.14
C ALA C 13 0.05 12.09 -1.09
N SER C 14 -0.66 12.29 -2.17
CA SER C 14 -0.90 11.22 -3.15
C SER C 14 0.36 10.87 -3.94
N ILE C 15 1.22 11.84 -4.14
CA ILE C 15 2.43 11.63 -4.93
C ILE C 15 3.14 10.35 -4.50
N ILE C 16 3.16 10.07 -3.23
CA ILE C 16 3.81 8.86 -2.75
C ILE C 16 3.07 7.62 -3.26
N GLY C 17 1.78 7.66 -3.16
CA GLY C 17 0.93 6.54 -3.55
C GLY C 17 1.28 5.97 -4.93
N ILE C 18 1.47 6.82 -5.89
CA ILE C 18 1.79 6.34 -7.24
C ILE C 18 3.16 5.64 -7.29
N LEU C 19 4.05 6.05 -6.43
CA LEU C 19 5.39 5.47 -6.40
C LEU C 19 5.37 3.99 -5.98
N HIS C 20 4.41 3.61 -5.18
CA HIS C 20 4.34 2.22 -4.71
C HIS C 20 3.92 1.26 -5.83
N PHE C 21 3.15 1.74 -6.76
CA PHE C 21 2.67 0.88 -7.86
C PHE C 21 3.84 0.24 -8.62
N ILE C 22 4.80 1.03 -9.02
CA ILE C 22 5.94 0.49 -9.77
C ILE C 22 6.73 -0.49 -8.90
N ALA C 23 6.74 -0.25 -7.62
CA ALA C 23 7.44 -1.12 -6.70
C ALA C 23 6.69 -2.44 -6.54
N TRP C 24 5.38 -2.37 -6.57
CA TRP C 24 4.51 -3.53 -6.40
C TRP C 24 4.90 -4.69 -7.31
N THR C 25 5.01 -4.41 -8.58
CA THR C 25 5.34 -5.44 -9.56
C THR C 25 6.56 -6.26 -9.17
N ILE C 26 7.46 -5.70 -8.40
CA ILE C 26 8.65 -6.43 -8.00
C ILE C 26 8.30 -7.68 -7.16
N GLY C 27 7.47 -7.49 -6.18
CA GLY C 27 7.05 -8.58 -5.30
C GLY C 27 6.41 -9.72 -6.07
N HIS C 28 5.82 -9.39 -7.18
CA HIS C 28 5.14 -10.38 -8.01
C HIS C 28 6.01 -11.60 -8.26
N LEU C 29 7.30 -11.41 -8.26
CA LEU C 29 8.22 -12.52 -8.56
C LEU C 29 7.84 -13.81 -7.82
N ASN C 30 7.32 -13.72 -6.63
CA ASN C 30 7.00 -14.96 -5.91
C ASN C 30 6.06 -15.86 -6.74
N GLN C 31 4.95 -15.33 -7.16
CA GLN C 31 3.98 -16.15 -7.91
C GLN C 31 4.58 -16.71 -9.20
N ILE C 32 5.20 -15.87 -10.01
CA ILE C 32 5.78 -16.34 -11.27
C ILE C 32 6.80 -17.46 -11.01
N LYS C 33 7.56 -17.34 -9.96
CA LYS C 33 8.56 -18.35 -9.63
C LYS C 33 7.88 -19.67 -9.29
N ARG C 34 6.86 -19.61 -8.49
CA ARG C 34 6.13 -20.81 -8.08
C ARG C 34 5.48 -21.46 -9.29
N GLY C 35 5.62 -22.75 -9.40
CA GLY C 35 5.03 -23.47 -10.53
C GLY C 35 5.72 -23.10 -11.84
N SER D 6 -13.55 22.87 10.30
CA SER D 6 -13.25 21.60 9.58
C SER D 6 -12.01 20.96 10.19
N ASP D 7 -12.10 19.68 10.47
CA ASP D 7 -11.00 18.95 11.06
C ASP D 7 -10.01 18.53 9.96
N PRO D 8 -8.74 18.85 10.05
CA PRO D 8 -7.72 18.46 9.02
C PRO D 8 -7.86 17.01 8.54
N LEU D 9 -8.87 16.76 7.77
CA LEU D 9 -9.12 15.42 7.25
C LEU D 9 -8.04 15.05 6.23
N VAL D 10 -7.69 15.98 5.40
CA VAL D 10 -6.68 15.76 4.37
C VAL D 10 -5.34 15.31 4.95
N VAL D 11 -4.82 16.02 5.92
CA VAL D 11 -3.53 15.66 6.53
C VAL D 11 -3.65 14.42 7.41
N ALA D 12 -4.82 14.18 7.93
CA ALA D 12 -5.03 13.04 8.80
C ALA D 12 -4.75 11.71 8.09
N ALA D 13 -5.13 11.62 6.85
CA ALA D 13 -4.89 10.39 6.10
C ALA D 13 -3.40 10.27 5.76
N SER D 14 -2.89 11.30 5.14
CA SER D 14 -1.49 11.35 4.72
C SER D 14 -0.53 10.98 5.85
N ILE D 15 -0.96 11.22 7.06
CA ILE D 15 -0.12 10.92 8.22
C ILE D 15 0.23 9.43 8.23
N ILE D 16 -0.70 8.60 7.86
CA ILE D 16 -0.46 7.16 7.86
C ILE D 16 0.52 6.78 6.74
N GLY D 17 0.38 7.38 5.59
CA GLY D 17 1.19 7.02 4.43
C GLY D 17 2.67 6.85 4.73
N ILE D 18 3.28 7.70 5.50
CA ILE D 18 4.70 7.53 5.76
C ILE D 18 4.95 6.16 6.40
N LEU D 19 3.95 5.66 7.11
CA LEU D 19 4.06 4.35 7.76
C LEU D 19 4.22 3.23 6.72
N HIS D 20 3.34 3.23 5.75
CA HIS D 20 3.38 2.20 4.71
C HIS D 20 4.64 2.32 3.87
N PHE D 21 5.14 3.52 3.72
CA PHE D 21 6.34 3.75 2.93
C PHE D 21 7.57 3.14 3.59
N ILE D 22 7.77 3.43 4.85
CA ILE D 22 8.93 2.91 5.58
C ILE D 22 8.85 1.39 5.75
N ALA D 23 7.66 0.90 5.99
CA ALA D 23 7.47 -0.52 6.20
C ALA D 23 7.72 -1.28 4.89
N TRP D 24 7.49 -0.62 3.81
CA TRP D 24 7.69 -1.24 2.50
C TRP D 24 9.14 -1.68 2.30
N THR D 25 10.05 -0.84 2.71
CA THR D 25 11.47 -1.10 2.52
C THR D 25 11.88 -2.49 2.98
N ILE D 26 11.53 -2.89 4.17
CA ILE D 26 11.93 -4.22 4.65
C ILE D 26 11.48 -5.30 3.67
N GLY D 27 10.37 -5.09 3.00
CA GLY D 27 9.88 -6.08 2.03
C GLY D 27 11.00 -6.49 1.06
N HIS D 28 11.63 -5.51 0.49
CA HIS D 28 12.68 -5.74 -0.52
C HIS D 28 13.64 -6.87 -0.15
N LEU D 29 13.76 -7.15 1.10
CA LEU D 29 14.65 -8.26 1.50
C LEU D 29 14.19 -9.53 0.75
N ASN D 30 12.92 -9.76 0.82
CA ASN D 30 12.30 -10.96 0.23
C ASN D 30 12.81 -11.22 -1.19
N GLN D 31 13.05 -10.18 -1.93
CA GLN D 31 13.54 -10.34 -3.30
C GLN D 31 14.99 -10.83 -3.30
N ILE D 32 15.85 -10.08 -2.68
CA ILE D 32 17.28 -10.42 -2.60
C ILE D 32 17.48 -11.93 -2.47
N LYS D 33 17.18 -12.46 -1.31
CA LYS D 33 17.34 -13.90 -1.08
C LYS D 33 16.76 -14.69 -2.25
N ARG D 34 15.64 -14.24 -2.76
CA ARG D 34 15.00 -14.89 -3.88
C ARG D 34 14.61 -16.33 -3.51
N GLY D 35 15.59 -17.19 -3.42
CA GLY D 35 15.33 -18.59 -3.08
C GLY D 35 14.55 -19.29 -4.18
CA RIM E . -2.53 8.40 -0.35
CB RIM E . -3.46 8.84 0.79
NC RIM E . -2.61 9.11 2.00
CD RIM E . -4.27 10.11 0.43
CE1 RIM E . -4.77 10.74 1.72
CE2 RIM E . -5.49 9.72 -0.39
CE3 RIM E . -3.42 11.12 -0.36
CF1 RIM E . -5.61 11.99 1.42
CF2 RIM E . -6.32 10.97 -0.76
CF3 RIM E . -4.24 12.38 -0.63
CG1 RIM E . -6.81 11.60 0.54
CG2 RIM E . -5.45 11.99 -1.50
CG3 RIM E . -4.74 12.99 0.68
HA1 RIM E . -2.16 7.41 -0.13
HA2 RIM E . -1.70 9.09 -0.43
HA3 RIM E . -3.08 8.37 -1.27
HB RIM E . -4.14 8.03 1.03
HNC1 RIM E . -2.94 8.87 2.89
HNC2 RIM E . -1.73 9.51 1.89
HE11 RIM E . -3.94 11.02 2.35
HE12 RIM E . -5.39 10.01 2.23
HE21 RIM E . -6.07 9.04 0.20
HE22 RIM E . -5.18 9.24 -1.28
HE31 RIM E . -3.12 10.69 -1.30
HE32 RIM E . -2.54 11.37 0.21
HF1 RIM E . -5.95 12.42 2.37
HF2 RIM E . -7.18 10.67 -1.40
HF3 RIM E . -3.63 13.11 -1.17
HG11 RIM E . -7.42 10.89 1.08
HG12 RIM E . -7.37 12.50 0.31
HG21 RIM E . -5.10 11.54 -2.42
HG22 RIM E . -6.04 12.88 -1.69
HG31 RIM E . -3.88 13.24 1.30
HG32 RIM E . -5.33 13.88 0.46
N SER A 6 -20.10 16.89 1.89
CA SER A 6 -19.14 17.18 3.00
C SER A 6 -17.75 16.66 2.63
N ASP A 7 -17.30 17.04 1.46
CA ASP A 7 -15.99 16.62 0.98
C ASP A 7 -15.77 15.13 1.22
N PRO A 8 -16.65 14.30 0.75
CA PRO A 8 -16.54 12.82 0.91
C PRO A 8 -15.43 12.27 0.01
N LEU A 9 -14.80 13.15 -0.70
CA LEU A 9 -13.70 12.76 -1.59
C LEU A 9 -12.46 12.44 -0.75
N VAL A 10 -12.14 13.33 0.16
CA VAL A 10 -10.98 13.16 1.04
C VAL A 10 -11.14 11.96 1.96
N VAL A 11 -12.33 11.77 2.45
CA VAL A 11 -12.59 10.67 3.36
C VAL A 11 -12.58 9.31 2.66
N ALA A 12 -12.97 9.26 1.41
CA ALA A 12 -13.02 7.97 0.71
C ALA A 12 -11.64 7.34 0.53
N ALA A 13 -10.70 8.05 -0.03
CA ALA A 13 -9.39 7.45 -0.22
C ALA A 13 -8.81 7.07 1.14
N SER A 14 -8.90 8.01 2.04
CA SER A 14 -8.41 7.80 3.40
C SER A 14 -8.97 6.49 3.95
N ILE A 15 -10.26 6.33 3.85
CA ILE A 15 -10.93 5.13 4.37
C ILE A 15 -10.24 3.85 3.87
N ILE A 16 -9.97 3.76 2.60
CA ILE A 16 -9.30 2.56 2.08
C ILE A 16 -7.91 2.44 2.70
N GLY A 17 -7.21 3.53 2.72
CA GLY A 17 -5.85 3.56 3.25
C GLY A 17 -5.75 2.86 4.62
N ILE A 18 -6.66 3.17 5.50
CA ILE A 18 -6.64 2.57 6.83
C ILE A 18 -7.00 1.08 6.77
N LEU A 19 -7.81 0.72 5.81
CA LEU A 19 -8.24 -0.67 5.65
C LEU A 19 -7.08 -1.60 5.35
N HIS A 20 -6.07 -1.11 4.68
CA HIS A 20 -4.91 -1.94 4.33
C HIS A 20 -4.03 -2.23 5.55
N PHE A 21 -3.99 -1.32 6.49
CA PHE A 21 -3.13 -1.48 7.66
C PHE A 21 -3.34 -2.84 8.34
N ILE A 22 -4.57 -3.18 8.61
CA ILE A 22 -4.85 -4.46 9.27
C ILE A 22 -4.36 -5.63 8.43
N ALA A 23 -4.37 -5.45 7.14
CA ALA A 23 -3.90 -6.51 6.25
C ALA A 23 -2.38 -6.64 6.32
N TRP A 24 -1.73 -5.52 6.40
CA TRP A 24 -0.27 -5.47 6.43
C TRP A 24 0.36 -6.42 7.45
N THR A 25 -0.10 -6.36 8.67
CA THR A 25 0.45 -7.20 9.73
C THR A 25 0.55 -8.68 9.34
N ILE A 26 -0.40 -9.18 8.61
CA ILE A 26 -0.38 -10.60 8.24
C ILE A 26 0.75 -10.92 7.25
N GLY A 27 0.85 -10.17 6.18
CA GLY A 27 1.89 -10.41 5.18
C GLY A 27 3.29 -10.24 5.79
N HIS A 28 3.39 -9.34 6.72
CA HIS A 28 4.66 -9.06 7.37
C HIS A 28 5.33 -10.35 7.84
N LEU A 29 4.54 -11.35 8.08
CA LEU A 29 5.06 -12.63 8.58
C LEU A 29 6.30 -13.09 7.80
N ASN A 30 6.39 -12.72 6.55
CA ASN A 30 7.55 -13.15 5.76
C ASN A 30 8.84 -12.63 6.39
N GLN A 31 8.91 -11.35 6.62
CA GLN A 31 10.09 -10.75 7.20
C GLN A 31 10.49 -11.49 8.47
N ILE A 32 9.54 -11.67 9.36
CA ILE A 32 9.82 -12.37 10.62
C ILE A 32 10.38 -13.77 10.36
N LYS A 33 9.75 -14.51 9.50
CA LYS A 33 10.21 -15.86 9.19
C LYS A 33 11.48 -15.81 8.34
N ARG A 34 11.34 -15.38 7.12
CA ARG A 34 12.49 -15.29 6.22
C ARG A 34 13.35 -14.08 6.57
N GLY A 35 14.61 -14.32 6.82
CA GLY A 35 15.53 -13.24 7.16
C GLY A 35 16.80 -13.78 7.79
N SER B 6 -8.57 22.73 -11.40
CA SER B 6 -9.19 21.61 -12.15
C SER B 6 -8.26 20.41 -12.16
N ASP B 7 -8.16 19.75 -11.03
CA ASP B 7 -7.30 18.59 -10.90
C ASP B 7 -7.75 17.71 -9.72
N PRO B 8 -8.80 16.96 -9.91
CA PRO B 8 -9.36 16.06 -8.85
C PRO B 8 -8.32 15.11 -8.26
N LEU B 9 -7.42 15.68 -7.49
CA LEU B 9 -6.36 14.89 -6.86
C LEU B 9 -6.94 14.01 -5.77
N VAL B 10 -7.86 14.56 -5.02
CA VAL B 10 -8.47 13.85 -3.92
C VAL B 10 -9.09 12.53 -4.38
N VAL B 11 -9.88 12.57 -5.41
CA VAL B 11 -10.52 11.37 -5.95
C VAL B 11 -9.50 10.49 -6.65
N ALA B 12 -8.43 11.10 -7.09
CA ALA B 12 -7.38 10.37 -7.79
C ALA B 12 -6.73 9.30 -6.92
N ALA B 13 -6.61 9.54 -5.64
CA ALA B 13 -6.00 8.53 -4.78
C ALA B 13 -6.93 7.33 -4.60
N SER B 14 -8.14 7.60 -4.19
CA SER B 14 -9.14 6.55 -3.97
C SER B 14 -9.18 5.53 -5.12
N ILE B 15 -8.80 5.95 -6.28
CA ILE B 15 -8.81 5.03 -7.43
C ILE B 15 -7.73 3.96 -7.25
N ILE B 16 -6.61 4.35 -6.68
CA ILE B 16 -5.50 3.45 -6.39
C ILE B 16 -5.82 2.55 -5.19
N GLY B 17 -6.71 3.03 -4.37
CA GLY B 17 -7.10 2.33 -3.17
C GLY B 17 -7.63 0.92 -3.45
N ILE B 18 -8.58 0.82 -4.34
CA ILE B 18 -9.16 -0.47 -4.68
C ILE B 18 -8.20 -1.36 -5.48
N LEU B 19 -7.46 -0.75 -6.38
CA LEU B 19 -6.53 -1.52 -7.22
C LEU B 19 -5.54 -2.31 -6.36
N HIS B 20 -4.92 -1.62 -5.44
CA HIS B 20 -3.93 -2.26 -4.57
C HIS B 20 -4.61 -3.34 -3.71
N PHE B 21 -5.87 -3.14 -3.43
CA PHE B 21 -6.61 -4.08 -2.59
C PHE B 21 -6.88 -5.42 -3.29
N ILE B 22 -7.23 -5.39 -4.55
CA ILE B 22 -7.52 -6.64 -5.27
C ILE B 22 -6.27 -7.46 -5.51
N ALA B 23 -5.18 -6.81 -5.80
CA ALA B 23 -3.92 -7.51 -6.04
C ALA B 23 -3.40 -8.10 -4.74
N TRP B 24 -3.73 -7.45 -3.66
CA TRP B 24 -3.28 -7.84 -2.33
C TRP B 24 -3.50 -9.33 -2.05
N THR B 25 -4.69 -9.81 -2.27
CA THR B 25 -4.98 -11.21 -1.98
C THR B 25 -3.92 -12.13 -2.59
N ILE B 26 -3.43 -11.77 -3.74
CA ILE B 26 -2.44 -12.60 -4.43
C ILE B 26 -1.30 -13.05 -3.50
N GLY B 27 -0.93 -12.22 -2.56
CA GLY B 27 0.14 -12.57 -1.63
C GLY B 27 -0.23 -13.82 -0.82
N HIS B 28 -1.45 -13.85 -0.37
CA HIS B 28 -1.94 -14.92 0.48
C HIS B 28 -1.47 -16.31 0.03
N LEU B 29 -1.15 -16.48 -1.21
CA LEU B 29 -0.62 -17.79 -1.63
C LEU B 29 0.60 -18.09 -0.73
N ASN B 30 1.43 -17.09 -0.60
CA ASN B 30 2.65 -17.19 0.20
C ASN B 30 2.39 -17.73 1.61
N GLN B 31 1.38 -17.23 2.28
CA GLN B 31 1.10 -17.67 3.66
C GLN B 31 0.21 -18.91 3.75
N ILE B 32 -0.94 -18.88 3.10
CA ILE B 32 -1.89 -20.02 3.18
C ILE B 32 -1.18 -21.37 3.32
N LYS B 33 -0.41 -21.76 2.35
CA LYS B 33 0.29 -23.03 2.41
C LYS B 33 0.93 -23.24 3.79
N ARG B 34 1.60 -22.23 4.28
CA ARG B 34 2.25 -22.32 5.58
C ARG B 34 1.20 -22.45 6.69
N GLY B 35 0.12 -21.73 6.55
CA GLY B 35 -0.95 -21.78 7.54
C GLY B 35 -2.01 -20.72 7.23
N SER C 6 -2.31 26.39 -1.71
CA SER C 6 -3.01 25.57 -2.75
C SER C 6 -3.15 24.14 -2.25
N ASP C 7 -3.44 23.99 -0.98
CA ASP C 7 -3.62 22.67 -0.38
C ASP C 7 -2.60 21.68 -0.92
N PRO C 8 -1.34 22.02 -0.86
CA PRO C 8 -0.26 21.13 -1.35
C PRO C 8 -0.30 19.78 -0.64
N LEU C 9 -1.05 19.74 0.43
CA LEU C 9 -1.15 18.51 1.22
C LEU C 9 -1.74 17.37 0.38
N VAL C 10 -2.77 17.67 -0.37
CA VAL C 10 -3.43 16.67 -1.20
C VAL C 10 -2.54 16.19 -2.36
N VAL C 11 -1.91 17.11 -3.02
CA VAL C 11 -1.04 16.76 -4.15
C VAL C 11 0.23 16.06 -3.70
N ALA C 12 0.67 16.37 -2.51
CA ALA C 12 1.91 15.78 -1.99
C ALA C 12 1.80 14.28 -1.76
N ALA C 13 0.80 13.82 -1.05
CA ALA C 13 0.70 12.39 -0.78
C ALA C 13 0.34 11.64 -2.04
N SER C 14 -0.38 12.29 -2.91
CA SER C 14 -0.80 11.66 -4.15
C SER C 14 0.40 11.00 -4.85
N ILE C 15 1.47 11.73 -5.03
CA ILE C 15 2.65 11.19 -5.70
C ILE C 15 3.07 9.83 -5.11
N ILE C 16 2.91 9.67 -3.82
CA ILE C 16 3.29 8.42 -3.17
C ILE C 16 2.48 7.25 -3.74
N GLY C 17 1.21 7.46 -3.87
CA GLY C 17 0.32 6.41 -4.34
C GLY C 17 0.88 5.67 -5.56
N ILE C 18 1.33 6.40 -6.54
CA ILE C 18 1.88 5.77 -7.74
C ILE C 18 3.24 5.12 -7.47
N LEU C 19 3.96 5.67 -6.53
CA LEU C 19 5.29 5.16 -6.18
C LEU C 19 5.25 3.71 -5.70
N HIS C 20 4.23 3.35 -4.97
CA HIS C 20 4.11 1.98 -4.46
C HIS C 20 3.78 0.98 -5.56
N PHE C 21 3.09 1.42 -6.58
CA PHE C 21 2.68 0.53 -7.67
C PHE C 21 3.88 -0.08 -8.40
N ILE C 22 4.82 0.73 -8.78
CA ILE C 22 5.99 0.21 -9.50
C ILE C 22 6.78 -0.74 -8.62
N ALA C 23 6.75 -0.51 -7.34
CA ALA C 23 7.44 -1.37 -6.40
C ALA C 23 6.72 -2.72 -6.27
N TRP C 24 5.42 -2.69 -6.37
CA TRP C 24 4.58 -3.87 -6.22
C TRP C 24 4.99 -5.00 -7.18
N THR C 25 5.09 -4.69 -8.44
CA THR C 25 5.43 -5.68 -9.44
C THR C 25 6.68 -6.48 -9.09
N ILE C 26 7.58 -5.89 -8.35
CA ILE C 26 8.81 -6.59 -7.99
C ILE C 26 8.52 -7.88 -7.21
N GLY C 27 7.66 -7.81 -6.24
CA GLY C 27 7.30 -8.98 -5.43
C GLY C 27 6.79 -10.13 -6.31
N HIS C 28 6.22 -9.78 -7.42
CA HIS C 28 5.67 -10.77 -8.34
C HIS C 28 6.64 -11.92 -8.59
N LEU C 29 7.91 -11.65 -8.50
CA LEU C 29 8.91 -12.69 -8.77
C LEU C 29 8.54 -14.00 -8.08
N ASN C 30 8.00 -13.93 -6.89
CA ASN C 30 7.62 -15.15 -6.18
C ASN C 30 6.46 -15.86 -6.91
N GLN C 31 5.41 -15.14 -7.19
CA GLN C 31 4.24 -15.69 -7.88
C GLN C 31 4.66 -16.58 -9.06
N ILE C 32 5.44 -16.01 -9.95
CA ILE C 32 5.88 -16.75 -11.13
C ILE C 32 6.81 -17.90 -10.76
N LYS C 33 7.51 -17.77 -9.66
CA LYS C 33 8.42 -18.82 -9.24
C LYS C 33 7.67 -20.13 -8.97
N ARG C 34 6.58 -20.04 -8.26
CA ARG C 34 5.78 -21.22 -7.93
C ARG C 34 5.17 -21.82 -9.20
N GLY C 35 5.44 -23.07 -9.43
CA GLY C 35 4.91 -23.75 -10.61
C GLY C 35 5.54 -23.20 -11.88
N SER D 6 -14.12 22.13 10.50
CA SER D 6 -13.02 21.98 9.51
C SER D 6 -11.84 21.29 10.18
N ASP D 7 -11.96 20.01 10.39
CA ASP D 7 -10.89 19.23 11.02
C ASP D 7 -9.91 18.72 9.95
N PRO D 8 -8.63 19.06 10.00
CA PRO D 8 -7.63 18.60 8.98
C PRO D 8 -7.80 17.14 8.57
N LEU D 9 -8.81 16.87 7.80
CA LEU D 9 -9.07 15.52 7.33
C LEU D 9 -7.97 15.08 6.36
N VAL D 10 -7.55 16.00 5.53
CA VAL D 10 -6.53 15.74 4.52
C VAL D 10 -5.19 15.28 5.14
N VAL D 11 -4.70 16.01 6.10
CA VAL D 11 -3.42 15.67 6.75
C VAL D 11 -3.54 14.46 7.66
N ALA D 12 -4.71 14.23 8.16
CA ALA D 12 -4.94 13.11 9.07
C ALA D 12 -4.70 11.77 8.38
N ALA D 13 -5.27 11.62 7.21
CA ALA D 13 -5.10 10.37 6.49
C ALA D 13 -3.66 10.25 5.98
N SER D 14 -3.20 11.27 5.31
CA SER D 14 -1.86 11.27 4.74
C SER D 14 -0.79 10.82 5.74
N ILE D 15 -0.87 11.23 6.98
CA ILE D 15 0.14 10.85 7.96
C ILE D 15 0.40 9.33 7.95
N ILE D 16 -0.59 8.57 7.60
CA ILE D 16 -0.46 7.12 7.49
C ILE D 16 0.36 6.76 6.24
N GLY D 17 0.33 7.66 5.31
CA GLY D 17 1.03 7.49 4.03
C GLY D 17 2.49 7.08 4.21
N ILE D 18 3.20 7.79 5.04
CA ILE D 18 4.62 7.50 5.25
C ILE D 18 4.83 6.17 5.98
N LEU D 19 3.89 5.78 6.80
CA LEU D 19 4.00 4.52 7.53
C LEU D 19 4.16 3.35 6.57
N HIS D 20 3.28 3.29 5.61
CA HIS D 20 3.32 2.21 4.62
C HIS D 20 4.59 2.28 3.77
N PHE D 21 5.08 3.48 3.58
CA PHE D 21 6.30 3.67 2.79
C PHE D 21 7.53 3.12 3.49
N ILE D 22 7.71 3.50 4.74
CA ILE D 22 8.87 3.04 5.50
C ILE D 22 8.78 1.55 5.79
N ALA D 23 7.60 1.07 6.04
CA ALA D 23 7.41 -0.34 6.33
C ALA D 23 7.66 -1.18 5.08
N TRP D 24 7.42 -0.60 3.95
CA TRP D 24 7.60 -1.31 2.68
C TRP D 24 9.03 -1.83 2.53
N THR D 25 9.98 -1.04 2.95
CA THR D 25 11.39 -1.37 2.82
C THR D 25 11.75 -2.79 3.28
N ILE D 26 11.27 -3.21 4.43
CA ILE D 26 11.64 -4.55 4.91
C ILE D 26 11.38 -5.61 3.84
N GLY D 27 10.41 -5.39 2.99
CA GLY D 27 10.08 -6.35 1.94
C GLY D 27 11.32 -6.65 1.08
N HIS D 28 11.95 -5.61 0.61
CA HIS D 28 13.09 -5.74 -0.29
C HIS D 28 14.05 -6.86 0.12
N LEU D 29 14.06 -7.23 1.36
CA LEU D 29 14.93 -8.33 1.77
C LEU D 29 14.58 -9.56 0.90
N ASN D 30 13.31 -9.83 0.83
CA ASN D 30 12.78 -10.98 0.10
C ASN D 30 13.44 -11.14 -1.28
N GLN D 31 13.68 -10.05 -1.96
CA GLN D 31 14.32 -10.12 -3.28
C GLN D 31 15.75 -10.65 -3.13
N ILE D 32 16.57 -9.91 -2.43
CA ILE D 32 17.98 -10.30 -2.21
C ILE D 32 18.15 -11.81 -2.10
N LYS D 33 17.72 -12.37 -1.00
CA LYS D 33 17.86 -13.81 -0.81
C LYS D 33 17.33 -14.55 -2.03
N ARG D 34 16.18 -14.16 -2.50
CA ARG D 34 15.58 -14.79 -3.67
C ARG D 34 15.32 -16.27 -3.41
N GLY D 35 16.38 -17.05 -3.41
CA GLY D 35 16.25 -18.48 -3.18
C GLY D 35 15.62 -19.18 -4.38
CA RIM E . -2.65 8.28 0.33
CB RIM E . -3.69 8.72 1.38
NC RIM E . -2.98 8.91 2.68
CD RIM E . -4.42 10.03 0.98
CE1 RIM E . -5.06 10.63 2.23
CE2 RIM E . -5.55 9.70 -0.01
CE3 RIM E . -3.46 11.05 0.38
CF1 RIM E . -5.82 11.91 1.87
CF2 RIM E . -6.29 10.98 -0.41
CF3 RIM E . -4.21 12.33 0.00
CG1 RIM E . -6.92 11.59 0.85
CG2 RIM E . -5.31 11.99 -1.01
CG3 RIM E . -4.84 12.91 1.26
HA1 RIM E . -2.35 7.26 0.53
HA2 RIM E . -1.79 8.92 0.39
HA3 RIM E . -3.07 8.34 -0.66
HB RIM E . -4.41 7.91 1.50
HNC1 RIM E . -3.38 8.55 3.50
HNC2 RIM E . -2.07 9.28 2.69
HE11 RIM E . -4.29 10.87 2.95
HE12 RIM E . -5.75 9.92 2.65
HE21 RIM E . -6.22 9.01 0.46
HE22 RIM E . -5.13 9.25 -0.88
HE31 RIM E . -3.00 10.65 -0.52
HE32 RIM E . -2.70 11.27 1.10
HF1 RIM E . -6.26 12.33 2.78
HF2 RIM E . -7.09 10.74 -1.15
HF3 RIM E . -3.50 13.04 -0.43
HG11 RIM E . -7.61 10.87 1.29
HG12 RIM E . -7.43 12.51 0.58
HG21 RIM E . -4.84 11.56 -1.88
HG22 RIM E . -5.84 12.90 -1.25
HG31 RIM E . -4.06 13.13 1.99
HG32 RIM E . -5.38 13.83 0.99
N SER A 6 -19.77 16.94 1.86
CA SER A 6 -18.56 17.70 2.30
C SER A 6 -17.31 17.05 1.71
N ASP A 7 -17.16 17.16 0.42
CA ASP A 7 -16.00 16.59 -0.26
C ASP A 7 -15.65 15.22 0.32
N PRO A 8 -16.60 14.33 0.38
CA PRO A 8 -16.37 12.97 0.93
C PRO A 8 -15.23 12.27 0.20
N LEU A 9 -14.81 12.85 -0.89
CA LEU A 9 -13.72 12.27 -1.67
C LEU A 9 -12.46 12.09 -0.83
N VAL A 10 -12.20 13.02 0.05
CA VAL A 10 -11.01 12.95 0.90
C VAL A 10 -11.07 11.76 1.85
N VAL A 11 -12.23 11.49 2.36
CA VAL A 11 -12.38 10.38 3.30
C VAL A 11 -12.28 9.01 2.61
N ALA A 12 -12.71 8.91 1.37
CA ALA A 12 -12.69 7.62 0.68
C ALA A 12 -11.29 7.05 0.51
N ALA A 13 -10.38 7.79 -0.06
CA ALA A 13 -9.04 7.29 -0.24
C ALA A 13 -8.46 6.93 1.12
N SER A 14 -8.58 7.85 2.01
CA SER A 14 -8.10 7.67 3.37
C SER A 14 -8.61 6.33 3.91
N ILE A 15 -9.89 6.12 3.80
CA ILE A 15 -10.50 4.88 4.31
C ILE A 15 -9.74 3.63 3.84
N ILE A 16 -9.41 3.56 2.57
CA ILE A 16 -8.67 2.39 2.08
C ILE A 16 -7.36 2.27 2.86
N GLY A 17 -6.67 3.37 2.97
CA GLY A 17 -5.39 3.39 3.67
C GLY A 17 -5.47 2.71 5.03
N ILE A 18 -6.47 3.03 5.80
CA ILE A 18 -6.63 2.40 7.12
C ILE A 18 -7.01 0.93 6.97
N LEU A 19 -7.87 0.65 6.04
CA LEU A 19 -8.34 -0.71 5.79
C LEU A 19 -7.19 -1.62 5.35
N HIS A 20 -6.28 -1.07 4.60
CA HIS A 20 -5.15 -1.85 4.08
C HIS A 20 -4.14 -2.20 5.18
N PHE A 21 -4.04 -1.38 6.20
CA PHE A 21 -3.08 -1.61 7.27
C PHE A 21 -3.30 -2.96 7.98
N ILE A 22 -4.53 -3.26 8.33
CA ILE A 22 -4.82 -4.51 9.02
C ILE A 22 -4.33 -5.71 8.20
N ALA A 23 -4.34 -5.54 6.91
CA ALA A 23 -3.89 -6.60 6.02
C ALA A 23 -2.36 -6.74 6.06
N TRP A 24 -1.70 -5.66 6.33
CA TRP A 24 -0.24 -5.64 6.36
C TRP A 24 0.34 -6.55 7.43
N THR A 25 -0.13 -6.39 8.63
CA THR A 25 0.38 -7.16 9.77
C THR A 25 0.45 -8.67 9.49
N ILE A 26 -0.54 -9.23 8.85
CA ILE A 26 -0.51 -10.67 8.59
C ILE A 26 0.64 -11.03 7.64
N GLY A 27 0.83 -10.24 6.61
CA GLY A 27 1.89 -10.49 5.64
C GLY A 27 3.28 -10.34 6.28
N HIS A 28 3.36 -9.44 7.22
CA HIS A 28 4.62 -9.17 7.91
C HIS A 28 5.30 -10.46 8.39
N LEU A 29 4.51 -11.48 8.63
CA LEU A 29 5.05 -12.74 9.14
C LEU A 29 6.31 -13.17 8.39
N ASN A 30 6.41 -12.81 7.14
CA ASN A 30 7.59 -13.17 6.37
C ASN A 30 8.86 -12.60 7.01
N GLN A 31 8.84 -11.32 7.27
CA GLN A 31 9.98 -10.65 7.89
C GLN A 31 10.44 -11.41 9.14
N ILE A 32 9.52 -11.63 10.04
CA ILE A 32 9.84 -12.33 11.28
C ILE A 32 10.43 -13.70 10.99
N LYS A 33 9.84 -14.41 10.08
CA LYS A 33 10.33 -15.75 9.71
C LYS A 33 11.49 -15.65 8.72
N ARG A 34 11.18 -15.30 7.50
CA ARG A 34 12.20 -15.18 6.47
C ARG A 34 13.04 -13.93 6.68
N GLY A 35 14.33 -14.07 6.58
CA GLY A 35 15.23 -12.94 6.76
C GLY A 35 14.91 -11.83 5.78
N SER B 6 -5.27 20.95 -9.93
CA SER B 6 -6.25 21.35 -10.97
C SER B 6 -7.06 20.13 -11.38
N ASP B 7 -6.46 18.98 -11.32
CA ASP B 7 -7.13 17.73 -11.69
C ASP B 7 -7.60 16.98 -10.42
N PRO B 8 -8.78 16.39 -10.41
CA PRO B 8 -9.29 15.63 -9.23
C PRO B 8 -8.22 14.76 -8.55
N LEU B 9 -7.36 15.36 -7.77
CA LEU B 9 -6.32 14.62 -7.07
C LEU B 9 -6.94 13.77 -5.97
N VAL B 10 -7.85 14.36 -5.25
CA VAL B 10 -8.51 13.69 -4.15
C VAL B 10 -9.17 12.39 -4.60
N VAL B 11 -9.91 12.45 -5.67
CA VAL B 11 -10.59 11.27 -6.21
C VAL B 11 -9.59 10.31 -6.85
N ALA B 12 -8.47 10.84 -7.25
CA ALA B 12 -7.44 10.03 -7.89
C ALA B 12 -6.89 8.94 -6.97
N ALA B 13 -6.75 9.23 -5.69
CA ALA B 13 -6.22 8.21 -4.81
C ALA B 13 -7.23 7.08 -4.59
N SER B 14 -8.41 7.44 -4.14
CA SER B 14 -9.46 6.45 -3.90
C SER B 14 -9.70 5.59 -5.14
N ILE B 15 -9.47 6.16 -6.28
CA ILE B 15 -9.66 5.42 -7.54
C ILE B 15 -8.58 4.36 -7.72
N ILE B 16 -7.35 4.74 -7.53
CA ILE B 16 -6.25 3.79 -7.69
C ILE B 16 -6.22 2.76 -6.57
N GLY B 17 -6.39 3.19 -5.36
CA GLY B 17 -6.32 2.29 -4.22
C GLY B 17 -7.13 1.01 -4.38
N ILE B 18 -8.37 1.11 -4.76
CA ILE B 18 -9.18 -0.10 -4.91
C ILE B 18 -8.44 -1.14 -5.75
N LEU B 19 -7.61 -0.68 -6.65
CA LEU B 19 -6.83 -1.60 -7.49
C LEU B 19 -5.87 -2.40 -6.62
N HIS B 20 -5.12 -1.70 -5.81
CA HIS B 20 -4.13 -2.36 -4.96
C HIS B 20 -4.78 -3.38 -4.04
N PHE B 21 -6.03 -3.15 -3.69
CA PHE B 21 -6.74 -4.06 -2.80
C PHE B 21 -6.93 -5.46 -3.41
N ILE B 22 -7.36 -5.52 -4.65
CA ILE B 22 -7.59 -6.82 -5.29
C ILE B 22 -6.28 -7.54 -5.58
N ALA B 23 -5.25 -6.81 -5.89
CA ALA B 23 -3.94 -7.41 -6.15
C ALA B 23 -3.35 -7.94 -4.85
N TRP B 24 -3.74 -7.33 -3.77
CA TRP B 24 -3.24 -7.67 -2.45
C TRP B 24 -3.27 -9.17 -2.17
N THR B 25 -4.38 -9.80 -2.41
CA THR B 25 -4.49 -11.23 -2.14
C THR B 25 -3.30 -12.00 -2.71
N ILE B 26 -2.74 -11.52 -3.78
CA ILE B 26 -1.61 -12.21 -4.41
C ILE B 26 -0.54 -12.64 -3.39
N GLY B 27 -0.18 -11.76 -2.49
CA GLY B 27 0.83 -12.09 -1.49
C GLY B 27 0.37 -13.27 -0.62
N HIS B 28 -0.84 -13.18 -0.15
CA HIS B 28 -1.40 -14.18 0.76
C HIS B 28 -1.08 -15.61 0.37
N LEU B 29 -0.81 -15.87 -0.88
CA LEU B 29 -0.45 -17.24 -1.24
C LEU B 29 0.79 -17.64 -0.41
N ASN B 30 1.76 -16.79 -0.44
CA ASN B 30 3.03 -17.02 0.27
C ASN B 30 2.79 -17.39 1.74
N GLN B 31 1.92 -16.67 2.39
CA GLN B 31 1.62 -16.90 3.80
C GLN B 31 1.04 -18.29 4.04
N ILE B 32 -0.20 -18.49 3.71
CA ILE B 32 -0.85 -19.78 3.93
C ILE B 32 0.09 -20.95 3.66
N LYS B 33 0.55 -21.08 2.44
CA LYS B 33 1.47 -22.16 2.07
C LYS B 33 2.48 -22.43 3.18
N ARG B 34 3.13 -21.39 3.64
CA ARG B 34 4.11 -21.53 4.70
C ARG B 34 3.44 -21.90 6.01
N GLY B 35 2.29 -21.32 6.25
CA GLY B 35 1.54 -21.59 7.48
C GLY B 35 0.40 -20.60 7.66
N SER C 6 -1.40 26.38 -3.39
CA SER C 6 -2.84 26.14 -3.07
C SER C 6 -3.03 24.68 -2.64
N ASP C 7 -3.44 24.49 -1.42
CA ASP C 7 -3.67 23.15 -0.88
C ASP C 7 -2.58 22.19 -1.36
N PRO C 8 -1.35 22.52 -1.12
CA PRO C 8 -0.22 21.65 -1.54
C PRO C 8 -0.29 20.30 -0.83
N LEU C 9 -1.06 20.25 0.22
CA LEU C 9 -1.20 19.03 0.99
C LEU C 9 -1.85 17.92 0.16
N VAL C 10 -2.91 18.24 -0.51
CA VAL C 10 -3.63 17.26 -1.33
C VAL C 10 -2.78 16.70 -2.46
N VAL C 11 -2.11 17.57 -3.18
CA VAL C 11 -1.30 17.14 -4.31
C VAL C 11 -0.02 16.43 -3.85
N ALA C 12 0.62 16.95 -2.85
CA ALA C 12 1.86 16.38 -2.35
C ALA C 12 1.65 15.06 -1.60
N ALA C 13 0.50 14.86 -1.01
CA ALA C 13 0.25 13.64 -0.28
C ALA C 13 0.02 12.43 -1.20
N SER C 14 -0.63 12.63 -2.32
CA SER C 14 -0.91 11.54 -3.26
C SER C 14 0.34 11.03 -3.95
N ILE C 15 1.31 11.89 -4.10
CA ILE C 15 2.54 11.54 -4.80
C ILE C 15 3.05 10.18 -4.33
N ILE C 16 2.84 9.86 -3.08
CA ILE C 16 3.26 8.57 -2.55
C ILE C 16 2.40 7.45 -3.15
N GLY C 17 1.13 7.70 -3.25
CA GLY C 17 0.19 6.71 -3.76
C GLY C 17 0.65 6.07 -5.07
N ILE C 18 1.04 6.86 -6.03
CA ILE C 18 1.48 6.31 -7.30
C ILE C 18 2.82 5.59 -7.17
N LEU C 19 3.62 6.03 -6.23
CA LEU C 19 4.93 5.42 -6.00
C LEU C 19 4.82 3.95 -5.59
N HIS C 20 3.74 3.60 -4.94
CA HIS C 20 3.56 2.21 -4.50
C HIS C 20 3.27 1.26 -5.66
N PHE C 21 2.55 1.73 -6.64
CA PHE C 21 2.19 0.87 -7.78
C PHE C 21 3.43 0.36 -8.52
N ILE C 22 4.33 1.23 -8.88
CA ILE C 22 5.52 0.81 -9.61
C ILE C 22 6.37 -0.11 -8.73
N ALA C 23 6.31 0.09 -7.46
CA ALA C 23 7.07 -0.75 -6.54
C ALA C 23 6.42 -2.14 -6.45
N TRP C 24 5.11 -2.14 -6.47
CA TRP C 24 4.32 -3.36 -6.34
C TRP C 24 4.77 -4.47 -7.28
N THR C 25 4.90 -4.16 -8.53
CA THR C 25 5.30 -5.14 -9.53
C THR C 25 6.55 -5.91 -9.07
N ILE C 26 7.35 -5.29 -8.25
CA ILE C 26 8.58 -5.93 -7.78
C ILE C 26 8.28 -7.14 -6.88
N GLY C 27 7.22 -7.06 -6.11
CA GLY C 27 6.83 -8.15 -5.20
C GLY C 27 6.29 -9.35 -5.97
N HIS C 28 5.71 -9.09 -7.10
CA HIS C 28 5.14 -10.15 -7.93
C HIS C 28 6.18 -11.22 -8.29
N LEU C 29 7.42 -10.85 -8.36
CA LEU C 29 8.48 -11.78 -8.75
C LEU C 29 8.39 -13.12 -8.04
N ASN C 30 7.93 -13.17 -6.82
CA ASN C 30 7.83 -14.46 -6.14
C ASN C 30 6.88 -15.39 -6.91
N GLN C 31 5.69 -14.90 -7.18
CA GLN C 31 4.67 -15.68 -7.91
C GLN C 31 5.30 -16.63 -8.93
N ILE C 32 6.25 -16.13 -9.68
CA ILE C 32 6.91 -16.94 -10.69
C ILE C 32 7.42 -18.27 -10.12
N LYS C 33 7.99 -18.20 -8.95
CA LYS C 33 8.52 -19.41 -8.30
C LYS C 33 7.41 -20.44 -8.10
N ARG C 34 6.27 -19.99 -7.66
CA ARG C 34 5.15 -20.90 -7.42
C ARG C 34 4.90 -21.78 -8.64
N GLY C 35 4.83 -23.06 -8.43
CA GLY C 35 4.61 -24.00 -9.52
C GLY C 35 5.69 -23.87 -10.58
N SER D 6 -12.51 23.31 10.21
CA SER D 6 -12.67 21.87 9.85
C SER D 6 -11.49 21.08 10.40
N ASP D 7 -11.68 19.79 10.54
CA ASP D 7 -10.64 18.92 11.05
C ASP D 7 -9.71 18.50 9.92
N PRO D 8 -8.44 18.87 9.94
CA PRO D 8 -7.46 18.49 8.87
C PRO D 8 -7.58 17.03 8.43
N LEU D 9 -8.61 16.74 7.68
CA LEU D 9 -8.85 15.39 7.19
C LEU D 9 -7.78 15.00 6.18
N VAL D 10 -7.44 15.91 5.32
CA VAL D 10 -6.45 15.67 4.28
C VAL D 10 -5.08 15.26 4.85
N VAL D 11 -4.57 16.02 5.78
CA VAL D 11 -3.27 15.70 6.40
C VAL D 11 -3.35 14.50 7.34
N ALA D 12 -4.53 14.26 7.87
CA ALA D 12 -4.72 13.17 8.81
C ALA D 12 -4.55 11.80 8.14
N ALA D 13 -5.04 11.66 6.94
CA ALA D 13 -4.92 10.39 6.25
C ALA D 13 -3.47 10.13 5.85
N SER D 14 -2.89 11.10 5.19
CA SER D 14 -1.52 10.98 4.70
C SER D 14 -0.54 10.47 5.76
N ILE D 15 -0.72 10.85 7.00
CA ILE D 15 0.22 10.43 8.05
C ILE D 15 0.47 8.91 8.00
N ILE D 16 -0.51 8.16 7.59
CA ILE D 16 -0.38 6.71 7.46
C ILE D 16 0.50 6.37 6.25
N GLY D 17 0.54 7.29 5.33
CA GLY D 17 1.31 7.14 4.09
C GLY D 17 2.74 6.68 4.34
N ILE D 18 3.44 7.35 5.23
CA ILE D 18 4.84 7.01 5.50
C ILE D 18 4.96 5.64 6.17
N LEU D 19 3.96 5.25 6.92
CA LEU D 19 3.99 3.97 7.60
C LEU D 19 4.15 2.82 6.60
N HIS D 20 3.33 2.85 5.58
CA HIS D 20 3.37 1.81 4.55
C HIS D 20 4.66 1.89 3.73
N PHE D 21 5.18 3.08 3.57
CA PHE D 21 6.39 3.27 2.80
C PHE D 21 7.62 2.68 3.50
N ILE D 22 7.79 3.00 4.75
CA ILE D 22 8.94 2.51 5.51
C ILE D 22 8.90 0.99 5.67
N ALA D 23 7.74 0.46 5.90
CA ALA D 23 7.59 -0.99 6.08
C ALA D 23 7.82 -1.71 4.76
N TRP D 24 7.55 -1.04 3.68
CA TRP D 24 7.71 -1.63 2.36
C TRP D 24 9.14 -2.14 2.12
N THR D 25 10.09 -1.32 2.47
CA THR D 25 11.51 -1.63 2.24
C THR D 25 11.91 -3.04 2.70
N ILE D 26 11.49 -3.46 3.87
CA ILE D 26 11.89 -4.78 4.35
C ILE D 26 11.38 -5.89 3.41
N GLY D 27 10.30 -5.65 2.74
CA GLY D 27 9.74 -6.67 1.82
C GLY D 27 10.84 -7.25 0.94
N HIS D 28 11.61 -6.40 0.35
CA HIS D 28 12.67 -6.82 -0.58
C HIS D 28 13.44 -8.05 -0.11
N LEU D 29 13.40 -8.36 1.16
CA LEU D 29 14.10 -9.57 1.63
C LEU D 29 13.72 -10.74 0.70
N ASN D 30 12.45 -10.79 0.42
CA ASN D 30 11.86 -11.86 -0.40
C ASN D 30 12.69 -12.12 -1.67
N GLN D 31 13.19 -11.10 -2.30
CA GLN D 31 13.99 -11.28 -3.51
C GLN D 31 15.40 -11.80 -3.16
N ILE D 32 16.07 -11.12 -2.26
CA ILE D 32 17.43 -11.53 -1.86
C ILE D 32 17.54 -13.04 -1.73
N LYS D 33 17.09 -13.57 -0.63
CA LYS D 33 17.15 -15.01 -0.40
C LYS D 33 16.56 -15.75 -1.60
N ARG D 34 15.52 -15.19 -2.15
CA ARG D 34 14.87 -15.79 -3.32
C ARG D 34 14.27 -17.15 -2.95
N GLY D 35 15.12 -18.11 -2.69
CA GLY D 35 14.65 -19.45 -2.32
C GLY D 35 13.95 -20.11 -3.50
CA RIM E . -3.83 7.84 1.14
CB RIM E . -3.13 9.17 0.87
NC RIM E . -2.21 9.00 -0.29
CD RIM E . -4.13 10.32 0.57
CE1 RIM E . -4.69 10.88 1.88
CE2 RIM E . -5.29 9.84 -0.30
CE3 RIM E . -3.37 11.42 -0.18
CF1 RIM E . -5.62 12.05 1.59
CF2 RIM E . -6.23 11.02 -0.62
CF3 RIM E . -4.30 12.61 -0.46
CG1 RIM E . -6.78 11.58 0.70
CG2 RIM E . -5.46 12.12 -1.34
CG3 RIM E . -4.85 13.14 0.86
HA1 RIM E . -3.12 7.13 1.54
HA2 RIM E . -4.22 7.44 0.22
HA3 RIM E . -4.63 7.98 1.85
HB RIM E . -2.53 9.44 1.74
HNC1 RIM E . -2.49 9.28 -1.19
HNC2 RIM E . -1.35 8.55 -0.17
HE11 RIM E . -3.88 11.20 2.52
HE12 RIM E . -5.25 10.10 2.37
HE21 RIM E . -5.84 9.09 0.22
HE22 RIM E . -4.89 9.44 -1.21
HE31 RIM E . -3.02 11.05 -1.12
HE32 RIM E . -2.55 11.75 0.41
HF1 RIM E . -6.01 12.44 2.54
HF2 RIM E . -7.07 10.67 -1.26
HF3 RIM E . -3.74 13.39 -0.97
HG11 RIM E . -7.32 10.80 1.22
HG12 RIM E . -7.43 12.43 0.48
HG21 RIM E . -5.05 11.72 -2.26
HG22 RIM E . -6.12 12.96 -1.53
HG31 RIM E . -4.02 13.47 1.48
HG32 RIM E . -5.53 13.97 0.64
N SER A 6 -19.81 17.10 0.33
CA SER A 6 -19.47 17.87 -0.90
C SER A 6 -18.07 17.48 -1.37
N ASP A 7 -17.35 16.79 -0.52
CA ASP A 7 -16.00 16.35 -0.86
C ASP A 7 -15.60 15.15 0.00
N PRO A 8 -16.36 14.09 -0.06
CA PRO A 8 -16.10 12.84 0.72
C PRO A 8 -14.94 12.04 0.11
N LEU A 9 -14.40 12.54 -0.95
CA LEU A 9 -13.28 11.86 -1.63
C LEU A 9 -12.00 11.92 -0.80
N VAL A 10 -11.83 12.96 -0.03
CA VAL A 10 -10.62 13.09 0.77
C VAL A 10 -10.59 12.08 1.91
N VAL A 11 -11.67 12.02 2.66
CA VAL A 11 -11.77 11.09 3.78
C VAL A 11 -11.88 9.66 3.27
N ALA A 12 -12.58 9.50 2.18
CA ALA A 12 -12.80 8.18 1.59
C ALA A 12 -11.49 7.43 1.34
N ALA A 13 -10.40 8.11 1.10
CA ALA A 13 -9.15 7.41 0.87
C ALA A 13 -8.68 6.79 2.19
N SER A 14 -8.69 7.60 3.21
CA SER A 14 -8.28 7.12 4.54
C SER A 14 -9.00 5.82 4.87
N ILE A 15 -10.25 5.76 4.53
CA ILE A 15 -11.07 4.59 4.84
C ILE A 15 -10.35 3.29 4.42
N ILE A 16 -9.91 3.22 3.20
CA ILE A 16 -9.22 2.02 2.75
C ILE A 16 -7.85 1.91 3.42
N GLY A 17 -7.22 3.03 3.59
CA GLY A 17 -5.89 3.08 4.19
C GLY A 17 -5.81 2.24 5.47
N ILE A 18 -6.72 2.44 6.38
CA ILE A 18 -6.72 1.69 7.63
C ILE A 18 -7.13 0.23 7.39
N LEU A 19 -7.93 0.02 6.39
CA LEU A 19 -8.42 -1.33 6.06
C LEU A 19 -7.27 -2.27 5.70
N HIS A 20 -6.28 -1.76 5.02
CA HIS A 20 -5.14 -2.59 4.62
C HIS A 20 -4.23 -2.95 5.80
N PHE A 21 -4.17 -2.09 6.78
CA PHE A 21 -3.28 -2.32 7.92
C PHE A 21 -3.50 -3.71 8.54
N ILE A 22 -4.71 -4.05 8.85
CA ILE A 22 -4.99 -5.34 9.45
C ILE A 22 -4.45 -6.47 8.57
N ALA A 23 -4.47 -6.25 7.28
CA ALA A 23 -3.95 -7.24 6.35
C ALA A 23 -2.42 -7.29 6.40
N TRP A 24 -1.82 -6.17 6.67
CA TRP A 24 -0.37 -6.05 6.68
C TRP A 24 0.28 -6.97 7.72
N THR A 25 -0.17 -6.92 8.93
CA THR A 25 0.42 -7.72 10.00
C THR A 25 0.58 -9.20 9.61
N ILE A 26 -0.42 -9.79 9.03
CA ILE A 26 -0.33 -11.20 8.67
C ILE A 26 0.76 -11.44 7.62
N GLY A 27 0.83 -10.58 6.63
CA GLY A 27 1.83 -10.72 5.57
C GLY A 27 3.26 -10.60 6.13
N HIS A 28 3.43 -9.72 7.07
CA HIS A 28 4.74 -9.49 7.67
C HIS A 28 5.39 -10.81 8.13
N LEU A 29 4.58 -11.78 8.46
CA LEU A 29 5.08 -13.05 8.96
C LEU A 29 6.25 -13.56 8.11
N ASN A 30 6.26 -13.22 6.85
CA ASN A 30 7.36 -13.67 5.99
C ASN A 30 8.70 -13.14 6.53
N GLN A 31 8.75 -11.86 6.78
CA GLN A 31 9.97 -11.24 7.29
C GLN A 31 10.49 -11.99 8.53
N ILE A 32 9.63 -12.15 9.51
CA ILE A 32 10.03 -12.85 10.72
C ILE A 32 10.67 -14.19 10.39
N LYS A 33 10.01 -14.97 9.58
CA LYS A 33 10.53 -16.27 9.19
C LYS A 33 11.79 -16.12 8.33
N ARG A 34 11.64 -15.55 7.16
CA ARG A 34 12.78 -15.36 6.27
C ARG A 34 13.63 -14.18 6.74
N GLY A 35 14.86 -14.47 7.06
CA GLY A 35 15.78 -13.43 7.53
C GLY A 35 16.18 -12.50 6.40
N SER B 6 -6.19 21.97 -10.47
CA SER B 6 -7.08 22.03 -11.67
C SER B 6 -7.66 20.65 -11.93
N ASP B 7 -6.83 19.64 -11.87
CA ASP B 7 -7.25 18.26 -12.12
C ASP B 7 -7.57 17.57 -10.78
N PRO B 8 -8.79 17.15 -10.54
CA PRO B 8 -9.17 16.46 -9.27
C PRO B 8 -8.11 15.48 -8.77
N LEU B 9 -7.10 16.01 -8.14
CA LEU B 9 -6.03 15.18 -7.59
C LEU B 9 -6.60 14.19 -6.58
N VAL B 10 -7.49 14.70 -5.76
CA VAL B 10 -8.11 13.89 -4.71
C VAL B 10 -8.81 12.65 -5.26
N VAL B 11 -9.61 12.79 -6.28
CA VAL B 11 -10.33 11.66 -6.85
C VAL B 11 -9.43 10.69 -7.62
N ALA B 12 -8.35 11.20 -8.13
CA ALA B 12 -7.44 10.37 -8.93
C ALA B 12 -6.67 9.36 -8.07
N ALA B 13 -6.05 9.83 -7.03
CA ALA B 13 -5.29 8.95 -6.16
C ALA B 13 -6.20 8.08 -5.29
N SER B 14 -7.38 8.58 -5.02
CA SER B 14 -8.34 7.85 -4.19
C SER B 14 -8.80 6.54 -4.83
N ILE B 15 -9.21 6.59 -6.07
CA ILE B 15 -9.69 5.40 -6.78
C ILE B 15 -8.67 4.26 -6.79
N ILE B 16 -7.43 4.59 -6.61
CA ILE B 16 -6.36 3.58 -6.57
C ILE B 16 -6.47 2.75 -5.29
N GLY B 17 -7.10 3.31 -4.31
CA GLY B 17 -7.28 2.64 -3.02
C GLY B 17 -7.78 1.21 -3.19
N ILE B 18 -8.83 1.04 -3.95
CA ILE B 18 -9.40 -0.30 -4.18
C ILE B 18 -8.47 -1.13 -5.07
N LEU B 19 -7.75 -0.50 -5.95
CA LEU B 19 -6.85 -1.21 -6.85
C LEU B 19 -5.82 -2.00 -6.05
N HIS B 20 -5.19 -1.33 -5.14
CA HIS B 20 -4.17 -1.96 -4.30
C HIS B 20 -4.80 -3.02 -3.39
N PHE B 21 -6.04 -2.82 -3.04
CA PHE B 21 -6.74 -3.76 -2.15
C PHE B 21 -7.02 -5.11 -2.83
N ILE B 22 -7.54 -5.09 -4.02
CA ILE B 22 -7.87 -6.33 -4.71
C ILE B 22 -6.61 -7.10 -5.15
N ALA B 23 -5.59 -6.39 -5.50
CA ALA B 23 -4.34 -7.03 -5.92
C ALA B 23 -3.67 -7.70 -4.73
N TRP B 24 -3.94 -7.17 -3.57
CA TRP B 24 -3.36 -7.67 -2.33
C TRP B 24 -3.46 -9.19 -2.21
N THR B 25 -4.56 -9.74 -2.60
CA THR B 25 -4.77 -11.17 -2.47
C THR B 25 -3.57 -11.96 -2.98
N ILE B 26 -2.95 -11.48 -4.03
CA ILE B 26 -1.80 -12.18 -4.59
C ILE B 26 -0.79 -12.56 -3.49
N GLY B 27 -0.46 -11.64 -2.64
CA GLY B 27 0.50 -11.95 -1.57
C GLY B 27 -0.03 -13.07 -0.68
N HIS B 28 -1.24 -12.92 -0.24
CA HIS B 28 -1.86 -13.87 0.70
C HIS B 28 -1.56 -15.32 0.34
N LEU B 29 -1.25 -15.60 -0.88
CA LEU B 29 -0.90 -16.98 -1.23
C LEU B 29 0.30 -17.40 -0.36
N ASN B 30 1.26 -16.51 -0.31
CA ASN B 30 2.50 -16.75 0.42
C ASN B 30 2.27 -17.31 1.83
N GLN B 31 1.32 -16.77 2.55
CA GLN B 31 1.05 -17.27 3.90
C GLN B 31 0.99 -18.79 3.93
N ILE B 32 -0.18 -19.34 3.67
CA ILE B 32 -0.38 -20.80 3.69
C ILE B 32 0.86 -21.57 3.25
N LYS B 33 1.28 -21.36 2.03
CA LYS B 33 2.46 -22.06 1.52
C LYS B 33 3.60 -21.97 2.52
N ARG B 34 3.83 -20.80 3.03
CA ARG B 34 4.91 -20.59 4.01
C ARG B 34 4.39 -20.81 5.43
N GLY B 35 3.46 -21.72 5.57
CA GLY B 35 2.88 -22.01 6.87
C GLY B 35 1.98 -23.23 6.81
N SER C 6 -0.62 26.34 -2.47
CA SER C 6 -2.09 26.09 -2.37
C SER C 6 -2.35 24.61 -2.20
N ASP C 7 -2.91 24.24 -1.07
CA ASP C 7 -3.21 22.85 -0.79
C ASP C 7 -2.10 21.93 -1.26
N PRO C 8 -0.90 22.16 -0.82
CA PRO C 8 0.26 21.32 -1.22
C PRO C 8 0.12 19.93 -0.64
N LEU C 9 -0.67 19.84 0.41
CA LEU C 9 -0.89 18.57 1.09
C LEU C 9 -1.57 17.54 0.18
N VAL C 10 -2.52 17.98 -0.59
CA VAL C 10 -3.26 17.08 -1.48
C VAL C 10 -2.38 16.52 -2.61
N VAL C 11 -1.68 17.39 -3.27
CA VAL C 11 -0.82 16.98 -4.37
C VAL C 11 0.43 16.25 -3.89
N ALA C 12 1.02 16.72 -2.82
CA ALA C 12 2.25 16.12 -2.30
C ALA C 12 2.06 14.75 -1.68
N ALA C 13 0.90 14.45 -1.12
CA ALA C 13 0.72 13.14 -0.52
C ALA C 13 0.57 12.06 -1.59
N SER C 14 -0.26 12.29 -2.58
CA SER C 14 -0.47 11.30 -3.65
C SER C 14 0.86 10.83 -4.24
N ILE C 15 1.83 11.68 -4.22
CA ILE C 15 3.14 11.37 -4.80
C ILE C 15 3.62 10.01 -4.30
N ILE C 16 3.52 9.76 -3.03
CA ILE C 16 3.95 8.47 -2.47
C ILE C 16 3.05 7.35 -2.99
N GLY C 17 1.77 7.61 -2.97
CA GLY C 17 0.79 6.62 -3.40
C GLY C 17 1.14 5.95 -4.73
N ILE C 18 1.46 6.73 -5.73
CA ILE C 18 1.80 6.15 -7.03
C ILE C 18 3.14 5.43 -6.99
N LEU C 19 4.02 5.89 -6.15
CA LEU C 19 5.35 5.29 -6.04
C LEU C 19 5.28 3.82 -5.59
N HIS C 20 4.28 3.49 -4.82
CA HIS C 20 4.15 2.11 -4.34
C HIS C 20 3.72 1.14 -5.44
N PHE C 21 2.99 1.62 -6.40
CA PHE C 21 2.50 0.77 -7.48
C PHE C 21 3.64 0.11 -8.27
N ILE C 22 4.59 0.91 -8.70
CA ILE C 22 5.70 0.37 -9.47
C ILE C 22 6.51 -0.62 -8.65
N ALA C 23 6.55 -0.42 -7.37
CA ALA C 23 7.29 -1.32 -6.50
C ALA C 23 6.55 -2.66 -6.37
N TRP C 24 5.25 -2.60 -6.39
CA TRP C 24 4.40 -3.78 -6.24
C TRP C 24 4.81 -4.92 -7.17
N THR C 25 4.94 -4.62 -8.43
CA THR C 25 5.32 -5.62 -9.42
C THR C 25 6.58 -6.39 -9.03
N ILE C 26 7.45 -5.79 -8.27
CA ILE C 26 8.70 -6.46 -7.88
C ILE C 26 8.42 -7.73 -7.05
N GLY C 27 7.61 -7.62 -6.03
CA GLY C 27 7.28 -8.76 -5.17
C GLY C 27 6.65 -9.90 -5.97
N HIS C 28 5.99 -9.54 -7.03
CA HIS C 28 5.32 -10.53 -7.86
C HIS C 28 6.27 -11.68 -8.21
N LEU C 29 7.54 -11.40 -8.21
CA LEU C 29 8.53 -12.41 -8.59
C LEU C 29 8.23 -13.77 -7.94
N ASN C 30 7.73 -13.79 -6.74
CA ASN C 30 7.44 -15.09 -6.12
C ASN C 30 6.45 -15.86 -7.00
N GLN C 31 5.34 -15.23 -7.32
CA GLN C 31 4.31 -15.87 -8.15
C GLN C 31 4.69 -15.82 -9.64
N ILE C 32 5.03 -16.96 -10.18
CA ILE C 32 5.37 -17.09 -11.59
C ILE C 32 5.72 -18.54 -11.93
N LYS C 33 6.96 -18.89 -11.82
CA LYS C 33 7.39 -20.26 -12.12
C LYS C 33 6.44 -21.30 -11.55
N ARG C 34 5.96 -21.05 -10.35
CA ARG C 34 5.04 -21.99 -9.72
C ARG C 34 3.96 -22.43 -10.69
N GLY C 35 3.70 -23.70 -10.74
CA GLY C 35 2.68 -24.24 -11.64
C GLY C 35 3.02 -23.91 -13.09
N SER D 6 -13.31 22.83 9.60
CA SER D 6 -12.58 22.08 8.55
C SER D 6 -11.54 21.17 9.19
N ASP D 7 -11.92 19.96 9.46
CA ASP D 7 -11.02 19.01 10.10
C ASP D 7 -9.99 18.51 9.06
N PRO D 8 -8.70 18.65 9.32
CA PRO D 8 -7.64 18.19 8.36
C PRO D 8 -7.93 16.82 7.73
N LEU D 9 -8.86 16.77 6.83
CA LEU D 9 -9.21 15.51 6.16
C LEU D 9 -8.05 15.07 5.24
N VAL D 10 -7.47 16.01 4.55
CA VAL D 10 -6.39 15.71 3.62
C VAL D 10 -5.21 15.05 4.31
N VAL D 11 -4.76 15.61 5.40
CA VAL D 11 -3.63 15.05 6.13
C VAL D 11 -4.02 13.72 6.79
N ALA D 12 -5.28 13.55 7.06
CA ALA D 12 -5.77 12.33 7.71
C ALA D 12 -5.43 11.08 6.90
N ALA D 13 -5.73 11.10 5.63
CA ALA D 13 -5.42 9.93 4.81
C ALA D 13 -3.91 9.82 4.59
N SER D 14 -3.33 10.88 4.11
CA SER D 14 -1.93 10.97 3.85
C SER D 14 -1.07 10.52 5.04
N ILE D 15 -1.60 10.65 6.22
CA ILE D 15 -0.86 10.26 7.43
C ILE D 15 -0.33 8.83 7.27
N ILE D 16 -1.18 7.93 6.84
CA ILE D 16 -0.77 6.53 6.68
C ILE D 16 0.42 6.39 5.71
N GLY D 17 0.45 7.19 4.69
CA GLY D 17 1.50 7.07 3.68
C GLY D 17 2.90 6.92 4.28
N ILE D 18 3.30 7.79 5.17
CA ILE D 18 4.64 7.67 5.75
C ILE D 18 4.81 6.28 6.37
N LEU D 19 3.79 5.81 7.03
CA LEU D 19 3.83 4.47 7.63
C LEU D 19 3.85 3.42 6.52
N HIS D 20 3.11 3.69 5.49
CA HIS D 20 3.02 2.77 4.36
C HIS D 20 4.38 2.60 3.66
N PHE D 21 5.03 3.69 3.38
CA PHE D 21 6.32 3.64 2.70
C PHE D 21 7.41 3.00 3.56
N ILE D 22 7.50 3.40 4.81
CA ILE D 22 8.54 2.86 5.68
C ILE D 22 8.41 1.35 5.86
N ALA D 23 7.22 0.88 6.08
CA ALA D 23 7.01 -0.54 6.26
C ALA D 23 7.21 -1.28 4.95
N TRP D 24 6.96 -0.61 3.86
CA TRP D 24 7.09 -1.22 2.54
C TRP D 24 8.54 -1.57 2.24
N THR D 25 9.45 -0.70 2.61
CA THR D 25 10.86 -0.90 2.33
C THR D 25 11.36 -2.30 2.70
N ILE D 26 11.04 -2.77 3.87
CA ILE D 26 11.51 -4.09 4.29
C ILE D 26 11.18 -5.16 3.23
N GLY D 27 10.13 -4.96 2.47
CA GLY D 27 9.75 -5.94 1.45
C GLY D 27 10.95 -6.33 0.59
N HIS D 28 11.64 -5.35 0.08
CA HIS D 28 12.77 -5.60 -0.80
C HIS D 28 13.66 -6.72 -0.27
N LEU D 29 13.63 -6.94 1.01
CA LEU D 29 14.47 -7.98 1.60
C LEU D 29 14.40 -9.29 0.82
N ASN D 30 13.32 -9.57 0.11
CA ASN D 30 13.23 -10.80 -0.67
C ASN D 30 14.12 -10.80 -1.93
N GLN D 31 14.37 -9.63 -2.49
CA GLN D 31 15.21 -9.54 -3.68
C GLN D 31 16.65 -9.93 -3.36
N ILE D 32 17.14 -9.45 -2.25
CA ILE D 32 18.50 -9.74 -1.84
C ILE D 32 18.79 -11.23 -1.96
N LYS D 33 18.48 -11.97 -0.92
CA LYS D 33 18.71 -13.40 -0.92
C LYS D 33 18.04 -14.06 -2.13
N ARG D 34 16.82 -13.69 -2.39
CA ARG D 34 16.09 -14.25 -3.53
C ARG D 34 15.84 -15.74 -3.31
N GLY D 35 16.88 -16.51 -3.38
CA GLY D 35 16.76 -17.96 -3.19
C GLY D 35 15.78 -18.56 -4.18
CA RIM E . -3.41 7.81 -1.36
CB RIM E . -2.92 9.04 -0.59
NC RIM E . -1.60 9.45 -1.16
CD RIM E . -3.92 10.22 -0.66
CE1 RIM E . -5.01 10.04 0.40
CE2 RIM E . -4.56 10.35 -2.06
CE3 RIM E . -3.16 11.51 -0.35
CF1 RIM E . -5.99 11.22 0.37
CF2 RIM E . -5.52 11.54 -2.08
CF3 RIM E . -4.12 12.72 -0.40
CG1 RIM E . -6.61 11.32 -1.02
CG2 RIM E . -4.75 12.81 -1.78
CG3 RIM E . -5.21 12.52 0.64
HA1 RIM E . -2.81 6.95 -1.09
HA2 RIM E . -3.33 7.97 -2.42
HA3 RIM E . -4.45 7.60 -1.10
HB RIM E . -2.76 8.76 0.45
HNC1 RIM E . -1.12 10.20 -0.77
HNC2 RIM E . -1.25 8.99 -1.95
HE11 RIM E . -4.52 9.99 1.36
HE12 RIM E . -5.53 9.13 0.21
HE21 RIM E . -5.10 9.45 -2.31
HE22 RIM E . -3.78 10.52 -2.78
HE31 RIM E . -2.39 11.66 -1.08
HE32 RIM E . -2.75 11.44 0.64
HF1 RIM E . -6.78 11.07 1.12
HF2 RIM E . -5.98 11.61 -3.07
HF3 RIM E . -3.55 13.62 -0.19
HG11 RIM E . -7.11 10.39 -1.25
HG12 RIM E . -7.29 12.17 -1.05
HG21 RIM E . -3.97 12.94 -2.52
HG22 RIM E . -5.44 13.65 -1.79
HG31 RIM E . -4.76 12.47 1.63
HG32 RIM E . -5.91 13.36 0.58
N SER A 6 -20.35 17.53 1.23
CA SER A 6 -19.19 17.78 2.13
C SER A 6 -17.90 17.43 1.41
N ASP A 7 -18.01 16.63 0.37
CA ASP A 7 -16.85 16.21 -0.41
C ASP A 7 -16.08 15.12 0.34
N PRO A 8 -16.73 14.03 0.65
CA PRO A 8 -16.10 12.90 1.40
C PRO A 8 -14.97 12.23 0.59
N LEU A 9 -14.61 12.84 -0.51
CA LEU A 9 -13.56 12.29 -1.35
C LEU A 9 -12.23 12.23 -0.61
N VAL A 10 -11.93 13.24 0.15
CA VAL A 10 -10.67 13.29 0.90
C VAL A 10 -10.64 12.27 2.03
N VAL A 11 -11.69 12.23 2.80
CA VAL A 11 -11.78 11.30 3.92
C VAL A 11 -11.99 9.86 3.43
N ALA A 12 -12.68 9.72 2.32
CA ALA A 12 -12.99 8.41 1.76
C ALA A 12 -11.74 7.61 1.39
N ALA A 13 -10.65 8.25 1.06
CA ALA A 13 -9.47 7.47 0.72
C ALA A 13 -8.93 6.79 1.97
N SER A 14 -8.80 7.56 3.02
CA SER A 14 -8.31 7.02 4.29
C SER A 14 -9.06 5.75 4.68
N ILE A 15 -10.34 5.73 4.43
CA ILE A 15 -11.16 4.58 4.80
C ILE A 15 -10.50 3.27 4.36
N ILE A 16 -10.11 3.20 3.12
CA ILE A 16 -9.45 1.99 2.63
C ILE A 16 -8.05 1.90 3.25
N GLY A 17 -7.42 3.03 3.35
CA GLY A 17 -6.06 3.10 3.89
C GLY A 17 -5.93 2.31 5.19
N ILE A 18 -6.80 2.54 6.13
CA ILE A 18 -6.74 1.84 7.41
C ILE A 18 -7.10 0.37 7.24
N LEU A 19 -7.95 0.10 6.30
CA LEU A 19 -8.40 -1.27 6.05
C LEU A 19 -7.22 -2.16 5.66
N HIS A 20 -6.24 -1.60 5.01
CA HIS A 20 -5.07 -2.35 4.57
C HIS A 20 -4.13 -2.71 5.73
N PHE A 21 -4.09 -1.88 6.74
CA PHE A 21 -3.17 -2.09 7.87
C PHE A 21 -3.34 -3.48 8.51
N ILE A 22 -4.55 -3.85 8.85
CA ILE A 22 -4.79 -5.14 9.48
C ILE A 22 -4.28 -6.28 8.59
N ALA A 23 -4.30 -6.05 7.31
CA ALA A 23 -3.82 -7.06 6.36
C ALA A 23 -2.30 -7.15 6.38
N TRP A 24 -1.66 -6.07 6.70
CA TRP A 24 -0.21 -6.00 6.68
C TRP A 24 0.45 -6.95 7.69
N THR A 25 0.02 -6.87 8.92
CA THR A 25 0.60 -7.68 9.99
C THR A 25 0.61 -9.18 9.66
N ILE A 26 -0.42 -9.68 9.03
CA ILE A 26 -0.44 -11.10 8.72
C ILE A 26 0.65 -11.48 7.71
N GLY A 27 0.85 -10.66 6.72
CA GLY A 27 1.87 -10.93 5.69
C GLY A 27 3.27 -10.87 6.28
N HIS A 28 3.45 -9.99 7.23
CA HIS A 28 4.74 -9.82 7.87
C HIS A 28 5.33 -11.16 8.30
N LEU A 29 4.48 -12.13 8.55
CA LEU A 29 4.93 -13.44 9.01
C LEU A 29 6.15 -13.90 8.21
N ASN A 30 6.24 -13.49 6.97
CA ASN A 30 7.37 -13.90 6.14
C ASN A 30 8.69 -13.38 6.72
N GLN A 31 8.74 -12.09 6.97
CA GLN A 31 9.95 -11.48 7.51
C GLN A 31 10.48 -12.28 8.70
N ILE A 32 9.61 -12.59 9.62
CA ILE A 32 10.01 -13.35 10.80
C ILE A 32 10.69 -14.65 10.40
N LYS A 33 10.13 -15.31 9.43
CA LYS A 33 10.70 -16.57 8.95
C LYS A 33 11.97 -16.30 8.14
N ARG A 34 11.80 -15.77 6.95
CA ARG A 34 12.92 -15.47 6.09
C ARG A 34 13.59 -14.16 6.50
N GLY A 35 14.89 -14.20 6.63
CA GLY A 35 15.64 -13.00 7.03
C GLY A 35 15.29 -11.82 6.13
N SER B 6 -6.57 21.52 -11.15
CA SER B 6 -7.66 21.95 -12.08
C SER B 6 -8.62 20.80 -12.29
N ASP B 7 -8.16 19.59 -12.04
CA ASP B 7 -9.00 18.39 -12.22
C ASP B 7 -9.12 17.63 -10.88
N PRO B 8 -10.21 16.94 -10.66
CA PRO B 8 -10.41 16.16 -9.40
C PRO B 8 -9.12 15.47 -8.94
N LEU B 9 -8.32 16.18 -8.20
CA LEU B 9 -7.07 15.64 -7.69
C LEU B 9 -7.35 14.56 -6.64
N VAL B 10 -8.19 14.90 -5.68
CA VAL B 10 -8.54 13.98 -4.60
C VAL B 10 -9.12 12.66 -5.12
N VAL B 11 -10.01 12.73 -6.07
CA VAL B 11 -10.63 11.53 -6.63
C VAL B 11 -9.66 10.73 -7.50
N ALA B 12 -8.67 11.41 -8.01
CA ALA B 12 -7.69 10.76 -8.87
C ALA B 12 -6.77 9.83 -8.09
N ALA B 13 -6.20 10.32 -7.01
CA ALA B 13 -5.28 9.54 -6.21
C ALA B 13 -6.00 8.45 -5.41
N SER B 14 -7.25 8.67 -5.09
CA SER B 14 -8.03 7.71 -4.32
C SER B 14 -8.34 6.43 -5.10
N ILE B 15 -8.59 6.54 -6.38
CA ILE B 15 -8.94 5.38 -7.21
C ILE B 15 -7.97 4.22 -7.03
N ILE B 16 -6.77 4.51 -6.63
CA ILE B 16 -5.73 3.51 -6.39
C ILE B 16 -6.05 2.70 -5.13
N GLY B 17 -6.82 3.31 -4.26
CA GLY B 17 -7.20 2.69 -2.99
C GLY B 17 -7.79 1.28 -3.19
N ILE B 18 -8.77 1.16 -4.02
CA ILE B 18 -9.39 -0.14 -4.28
C ILE B 18 -8.46 -1.03 -5.10
N LEU B 19 -7.82 -0.45 -6.08
CA LEU B 19 -6.89 -1.20 -6.92
C LEU B 19 -5.91 -1.99 -6.05
N HIS B 20 -5.35 -1.30 -5.10
CA HIS B 20 -4.38 -1.90 -4.20
C HIS B 20 -4.99 -3.13 -3.50
N PHE B 21 -6.25 -3.06 -3.16
CA PHE B 21 -6.91 -4.15 -2.46
C PHE B 21 -7.00 -5.44 -3.29
N ILE B 22 -7.36 -5.35 -4.53
CA ILE B 22 -7.49 -6.56 -5.36
C ILE B 22 -6.14 -7.25 -5.57
N ALA B 23 -5.11 -6.50 -5.80
CA ALA B 23 -3.80 -7.10 -5.99
C ALA B 23 -3.27 -7.67 -4.67
N TRP B 24 -3.65 -7.03 -3.60
CA TRP B 24 -3.20 -7.42 -2.27
C TRP B 24 -3.43 -8.91 -1.98
N THR B 25 -4.63 -9.38 -2.19
CA THR B 25 -4.96 -10.77 -1.89
C THR B 25 -3.94 -11.74 -2.51
N ILE B 26 -3.43 -11.42 -3.66
CA ILE B 26 -2.48 -12.31 -4.32
C ILE B 26 -1.37 -12.75 -3.36
N GLY B 27 -0.82 -11.84 -2.60
CA GLY B 27 0.24 -12.18 -1.65
C GLY B 27 -0.18 -13.38 -0.80
N HIS B 28 -1.36 -13.30 -0.27
CA HIS B 28 -1.89 -14.32 0.63
C HIS B 28 -1.57 -15.74 0.18
N LEU B 29 -1.28 -15.94 -1.08
CA LEU B 29 -0.94 -17.29 -1.53
C LEU B 29 0.12 -17.87 -0.55
N ASN B 30 1.15 -17.11 -0.35
CA ASN B 30 2.27 -17.49 0.52
C ASN B 30 1.78 -17.97 1.90
N GLN B 31 0.88 -17.23 2.48
CA GLN B 31 0.34 -17.58 3.80
C GLN B 31 0.15 -19.09 3.98
N ILE B 32 -1.07 -19.55 3.81
CA ILE B 32 -1.39 -20.97 3.98
C ILE B 32 -0.25 -21.87 3.52
N LYS B 33 0.11 -21.76 2.27
CA LYS B 33 1.20 -22.58 1.71
C LYS B 33 2.35 -22.70 2.71
N ARG B 34 2.80 -21.58 3.21
CA ARG B 34 3.91 -21.57 4.16
C ARG B 34 3.43 -22.11 5.51
N GLY B 35 2.24 -21.75 5.90
CA GLY B 35 1.69 -22.19 7.18
C GLY B 35 0.45 -21.39 7.54
N SER C 6 -2.34 26.75 -1.93
CA SER C 6 -2.70 25.93 -3.12
C SER C 6 -2.94 24.49 -2.70
N ASP C 7 -3.32 24.31 -1.46
CA ASP C 7 -3.59 22.97 -0.93
C ASP C 7 -2.54 21.98 -1.43
N PRO C 8 -1.29 22.28 -1.24
CA PRO C 8 -0.17 21.40 -1.68
C PRO C 8 -0.25 20.04 -0.98
N LEU C 9 -0.99 20.00 0.09
CA LEU C 9 -1.13 18.76 0.85
C LEU C 9 -1.81 17.65 0.02
N VAL C 10 -2.82 18.03 -0.73
CA VAL C 10 -3.56 17.07 -1.54
C VAL C 10 -2.73 16.47 -2.67
N VAL C 11 -2.01 17.29 -3.36
CA VAL C 11 -1.19 16.83 -4.48
C VAL C 11 0.05 16.07 -4.02
N ALA C 12 0.72 16.55 -3.00
CA ALA C 12 1.95 15.92 -2.53
C ALA C 12 1.77 14.48 -2.04
N ALA C 13 0.82 14.21 -1.18
CA ALA C 13 0.68 12.85 -0.69
C ALA C 13 0.45 11.88 -1.83
N SER C 14 -0.39 12.25 -2.77
CA SER C 14 -0.67 11.39 -3.91
C SER C 14 0.62 10.91 -4.57
N ILE C 15 1.60 11.78 -4.63
CA ILE C 15 2.88 11.48 -5.26
C ILE C 15 3.43 10.13 -4.77
N ILE C 16 3.30 9.87 -3.50
CA ILE C 16 3.78 8.62 -2.94
C ILE C 16 2.94 7.45 -3.49
N GLY C 17 1.66 7.66 -3.55
CA GLY C 17 0.75 6.61 -3.99
C GLY C 17 1.22 5.91 -5.27
N ILE C 18 1.65 6.66 -6.25
CA ILE C 18 2.11 6.04 -7.49
C ILE C 18 3.44 5.30 -7.29
N LEU C 19 4.24 5.77 -6.37
CA LEU C 19 5.55 5.16 -6.10
C LEU C 19 5.41 3.69 -5.68
N HIS C 20 4.34 3.38 -5.00
CA HIS C 20 4.13 2.01 -4.53
C HIS C 20 3.76 1.05 -5.66
N PHE C 21 3.11 1.55 -6.68
CA PHE C 21 2.68 0.70 -7.79
C PHE C 21 3.86 0.08 -8.56
N ILE C 22 4.80 0.90 -8.94
CA ILE C 22 5.95 0.39 -9.69
C ILE C 22 6.78 -0.55 -8.82
N ALA C 23 6.81 -0.31 -7.55
CA ALA C 23 7.55 -1.16 -6.64
C ALA C 23 6.83 -2.50 -6.47
N TRP C 24 5.53 -2.44 -6.47
CA TRP C 24 4.69 -3.62 -6.29
C TRP C 24 5.08 -4.78 -7.20
N THR C 25 5.20 -4.50 -8.47
CA THR C 25 5.52 -5.52 -9.46
C THR C 25 6.80 -6.31 -9.13
N ILE C 26 7.71 -5.70 -8.42
CA ILE C 26 8.97 -6.37 -8.08
C ILE C 26 8.73 -7.69 -7.32
N GLY C 27 7.88 -7.65 -6.33
CA GLY C 27 7.57 -8.83 -5.54
C GLY C 27 7.04 -9.95 -6.42
N HIS C 28 6.45 -9.58 -7.52
CA HIS C 28 5.88 -10.54 -8.44
C HIS C 28 6.88 -11.66 -8.73
N LEU C 29 8.15 -11.36 -8.64
CA LEU C 29 9.15 -12.39 -8.94
C LEU C 29 8.80 -13.69 -8.21
N ASN C 30 8.28 -13.61 -7.00
CA ASN C 30 7.96 -14.82 -6.25
C ASN C 30 6.78 -15.61 -6.86
N GLN C 31 5.65 -14.97 -7.04
CA GLN C 31 4.49 -15.69 -7.58
C GLN C 31 4.81 -16.31 -8.95
N ILE C 32 5.31 -15.53 -9.86
CA ILE C 32 5.62 -16.04 -11.20
C ILE C 32 6.65 -17.18 -11.14
N LYS C 33 7.69 -17.00 -10.37
CA LYS C 33 8.72 -18.02 -10.26
C LYS C 33 8.16 -19.31 -9.67
N ARG C 34 7.41 -19.18 -8.62
CA ARG C 34 6.83 -20.35 -7.97
C ARG C 34 6.09 -21.23 -8.98
N GLY C 35 6.31 -22.50 -8.90
CA GLY C 35 5.67 -23.45 -9.82
C GLY C 35 6.11 -23.19 -11.25
N SER D 6 -12.09 23.85 9.30
CA SER D 6 -12.37 22.41 9.03
C SER D 6 -11.25 21.57 9.64
N ASP D 7 -11.51 20.30 9.81
CA ASP D 7 -10.53 19.39 10.39
C ASP D 7 -9.57 18.90 9.31
N PRO D 8 -8.27 19.04 9.48
CA PRO D 8 -7.26 18.57 8.47
C PRO D 8 -7.60 17.21 7.86
N LEU D 9 -8.55 17.19 6.97
CA LEU D 9 -8.97 15.96 6.31
C LEU D 9 -7.85 15.44 5.39
N VAL D 10 -7.29 16.32 4.62
CA VAL D 10 -6.25 15.93 3.66
C VAL D 10 -5.05 15.28 4.35
N VAL D 11 -4.55 15.89 5.39
CA VAL D 11 -3.40 15.35 6.09
C VAL D 11 -3.75 14.08 6.87
N ALA D 12 -5.01 13.96 7.23
CA ALA D 12 -5.47 12.81 8.01
C ALA D 12 -5.28 11.50 7.26
N ALA D 13 -5.61 11.48 5.99
CA ALA D 13 -5.45 10.26 5.23
C ALA D 13 -3.97 9.95 5.01
N SER D 14 -3.27 10.91 4.48
CA SER D 14 -1.84 10.79 4.20
C SER D 14 -1.02 10.46 5.47
N ILE D 15 -1.52 10.86 6.61
CA ILE D 15 -0.78 10.64 7.85
C ILE D 15 -0.31 9.18 7.93
N ILE D 16 -1.18 8.25 7.70
CA ILE D 16 -0.80 6.85 7.75
C ILE D 16 0.13 6.50 6.59
N GLY D 17 -0.04 7.16 5.48
CA GLY D 17 0.75 6.85 4.29
C GLY D 17 2.25 6.72 4.55
N ILE D 18 2.83 7.60 5.32
CA ILE D 18 4.28 7.49 5.56
C ILE D 18 4.58 6.15 6.24
N LEU D 19 3.65 5.65 7.00
CA LEU D 19 3.83 4.38 7.69
C LEU D 19 4.03 3.24 6.68
N HIS D 20 3.14 3.17 5.73
CA HIS D 20 3.21 2.11 4.72
C HIS D 20 4.50 2.20 3.91
N PHE D 21 4.99 3.40 3.70
CA PHE D 21 6.22 3.60 2.92
C PHE D 21 7.43 2.98 3.62
N ILE D 22 7.58 3.23 4.90
CA ILE D 22 8.72 2.71 5.65
C ILE D 22 8.65 1.19 5.79
N ALA D 23 7.48 0.68 6.06
CA ALA D 23 7.28 -0.74 6.22
C ALA D 23 7.53 -1.47 4.90
N TRP D 24 7.33 -0.77 3.83
CA TRP D 24 7.51 -1.36 2.51
C TRP D 24 8.98 -1.73 2.26
N THR D 25 9.87 -0.86 2.61
CA THR D 25 11.30 -1.08 2.38
C THR D 25 11.78 -2.46 2.82
N ILE D 26 11.43 -2.88 4.01
CA ILE D 26 11.88 -4.19 4.47
C ILE D 26 11.51 -5.28 3.46
N GLY D 27 10.46 -5.07 2.72
CA GLY D 27 10.03 -6.06 1.73
C GLY D 27 11.19 -6.49 0.85
N HIS D 28 11.90 -5.54 0.30
CA HIS D 28 13.01 -5.82 -0.62
C HIS D 28 13.85 -6.99 -0.12
N LEU D 29 13.80 -7.24 1.16
CA LEU D 29 14.56 -8.34 1.73
C LEU D 29 14.40 -9.61 0.88
N ASN D 30 13.32 -9.76 0.16
CA ASN D 30 13.12 -10.94 -0.68
C ASN D 30 14.04 -10.96 -1.91
N GLN D 31 14.39 -9.81 -2.42
CA GLN D 31 15.25 -9.72 -3.60
C GLN D 31 16.65 -10.25 -3.29
N ILE D 32 17.28 -9.65 -2.31
CA ILE D 32 18.63 -10.06 -1.93
C ILE D 32 18.79 -11.58 -1.98
N LYS D 33 18.34 -12.25 -0.95
CA LYS D 33 18.44 -13.70 -0.90
C LYS D 33 17.84 -14.31 -2.17
N ARG D 34 16.67 -13.86 -2.54
CA ARG D 34 16.01 -14.37 -3.73
C ARG D 34 15.64 -15.84 -3.55
N GLY D 35 16.62 -16.69 -3.54
CA GLY D 35 16.38 -18.13 -3.39
C GLY D 35 15.59 -18.68 -4.56
CA RIM E . -4.07 7.64 -1.04
CB RIM E . -3.37 8.87 -0.42
NC RIM E . -2.12 9.12 -1.16
CD RIM E . -4.27 10.14 -0.46
CE1 RIM E . -5.26 10.11 0.71
CE2 RIM E . -5.05 10.23 -1.77
CE3 RIM E . -3.37 11.37 -0.32
CF1 RIM E . -6.12 11.38 0.70
CF2 RIM E . -5.87 11.53 -1.80
CF3 RIM E . -4.20 12.65 -0.31
CG1 RIM E . -6.86 11.52 -0.65
CG2 RIM E . -4.95 12.73 -1.65
CG3 RIM E . -5.21 12.61 0.84
HA1 RIM E . -3.50 6.75 -0.80
HA2 RIM E . -4.12 7.76 -2.10
HA3 RIM E . -5.06 7.54 -0.64
HB RIM E . -3.12 8.64 0.61
HNC1 RIM E . -1.53 9.86 -0.91
HNC2 RIM E . -1.84 8.51 -1.87
HE11 RIM E . -4.70 10.06 1.62
HE12 RIM E . -5.89 9.26 0.63
HE21 RIM E . -5.72 9.40 -1.86
HE22 RIM E . -4.36 10.22 -2.58
HE31 RIM E . -2.67 11.40 -1.15
HE32 RIM E . -2.82 11.30 0.60
HF1 RIM E . -6.86 11.33 1.53
HF2 RIM E . -6.40 11.59 -2.76
HF3 RIM E . -3.54 13.51 -0.21
HG11 RIM E . -7.52 10.67 -0.77
HG12 RIM E . -7.41 12.45 -0.65
HG21 RIM E . -4.22 12.74 -2.46
HG22 RIM E . -5.55 13.64 -1.65
HG31 RIM E . -4.66 12.54 1.78
HG32 RIM E . -5.81 13.51 0.81
N SER A 6 -20.26 17.72 1.13
CA SER A 6 -19.11 17.96 2.05
C SER A 6 -17.81 17.54 1.37
N ASP A 7 -17.93 16.68 0.38
CA ASP A 7 -16.78 16.17 -0.36
C ASP A 7 -16.10 15.07 0.44
N PRO A 8 -16.80 14.00 0.71
CA PRO A 8 -16.25 12.86 1.50
C PRO A 8 -15.17 12.10 0.73
N LEU A 9 -14.76 12.64 -0.38
CA LEU A 9 -13.74 12.00 -1.19
C LEU A 9 -12.39 11.97 -0.46
N VAL A 10 -12.10 13.01 0.26
CA VAL A 10 -10.83 13.09 0.97
C VAL A 10 -10.76 12.09 2.14
N VAL A 11 -11.83 12.04 2.90
CA VAL A 11 -11.87 11.11 4.03
C VAL A 11 -12.00 9.68 3.54
N ALA A 12 -12.66 9.51 2.43
CA ALA A 12 -12.88 8.19 1.84
C ALA A 12 -11.57 7.48 1.49
N ALA A 13 -10.53 8.22 1.21
CA ALA A 13 -9.28 7.55 0.88
C ALA A 13 -8.73 6.86 2.12
N SER A 14 -8.65 7.60 3.20
CA SER A 14 -8.15 7.06 4.46
C SER A 14 -8.83 5.74 4.79
N ILE A 15 -10.09 5.65 4.49
CA ILE A 15 -10.85 4.45 4.81
C ILE A 15 -10.10 3.19 4.37
N ILE A 16 -9.65 3.14 3.15
CA ILE A 16 -8.90 1.97 2.68
C ILE A 16 -7.61 1.84 3.48
N GLY A 17 -6.96 2.94 3.68
CA GLY A 17 -5.68 2.95 4.39
C GLY A 17 -5.73 2.16 5.70
N ILE A 18 -6.70 2.42 6.52
CA ILE A 18 -6.81 1.70 7.79
C ILE A 18 -7.23 0.25 7.56
N LEU A 19 -7.97 0.03 6.51
CA LEU A 19 -8.44 -1.30 6.17
C LEU A 19 -7.29 -2.22 5.75
N HIS A 20 -6.36 -1.68 5.01
CA HIS A 20 -5.22 -2.45 4.53
C HIS A 20 -4.21 -2.78 5.64
N PHE A 21 -4.11 -1.95 6.64
CA PHE A 21 -3.16 -2.18 7.73
C PHE A 21 -3.31 -3.55 8.38
N ILE A 22 -4.52 -3.91 8.73
CA ILE A 22 -4.75 -5.20 9.37
C ILE A 22 -4.23 -6.33 8.48
N ALA A 23 -4.27 -6.12 7.19
CA ALA A 23 -3.78 -7.12 6.25
C ALA A 23 -2.26 -7.17 6.27
N TRP A 24 -1.65 -6.06 6.55
CA TRP A 24 -0.20 -5.97 6.55
C TRP A 24 0.46 -6.88 7.59
N THR A 25 0.01 -6.79 8.80
CA THR A 25 0.60 -7.57 9.90
C THR A 25 0.74 -9.06 9.56
N ILE A 26 -0.25 -9.65 8.96
CA ILE A 26 -0.16 -11.08 8.65
C ILE A 26 0.98 -11.36 7.66
N GLY A 27 1.11 -10.55 6.65
CA GLY A 27 2.16 -10.74 5.65
C GLY A 27 3.55 -10.59 6.25
N HIS A 28 3.67 -9.75 7.24
CA HIS A 28 4.94 -9.51 7.89
C HIS A 28 5.61 -10.84 8.26
N LEU A 29 4.80 -11.85 8.43
CA LEU A 29 5.30 -13.17 8.86
C LEU A 29 6.59 -13.57 8.11
N ASN A 30 6.76 -13.10 6.91
CA ASN A 30 7.97 -13.45 6.18
C ASN A 30 9.20 -13.08 7.01
N GLN A 31 9.23 -11.86 7.47
CA GLN A 31 10.35 -11.39 8.29
C GLN A 31 10.20 -11.86 9.73
N ILE A 32 11.07 -12.75 10.14
CA ILE A 32 11.10 -13.33 11.50
C ILE A 32 11.73 -14.72 11.42
N LYS A 33 11.05 -15.65 10.80
CA LYS A 33 11.55 -17.02 10.69
C LYS A 33 12.64 -17.12 9.62
N ARG A 34 12.26 -16.93 8.39
CA ARG A 34 13.22 -17.02 7.28
C ARG A 34 14.32 -15.97 7.43
N GLY A 35 15.51 -16.33 7.03
CA GLY A 35 16.65 -15.41 7.12
C GLY A 35 16.44 -14.21 6.21
N SER B 6 -8.09 22.00 -10.50
CA SER B 6 -8.40 21.92 -11.95
C SER B 6 -9.30 20.71 -12.21
N ASP B 7 -8.75 19.53 -12.04
CA ASP B 7 -9.48 18.28 -12.25
C ASP B 7 -9.54 17.48 -10.95
N PRO B 8 -10.58 16.69 -10.74
CA PRO B 8 -10.72 15.86 -9.50
C PRO B 8 -9.38 15.28 -9.05
N LEU B 9 -8.65 16.05 -8.30
CA LEU B 9 -7.36 15.61 -7.79
C LEU B 9 -7.56 14.51 -6.73
N VAL B 10 -8.41 14.81 -5.78
CA VAL B 10 -8.70 13.89 -4.69
C VAL B 10 -9.22 12.54 -5.17
N VAL B 11 -10.17 12.56 -6.07
CA VAL B 11 -10.75 11.32 -6.60
C VAL B 11 -9.78 10.60 -7.54
N ALA B 12 -8.88 11.32 -8.13
CA ALA B 12 -7.92 10.73 -9.05
C ALA B 12 -6.90 9.87 -8.31
N ALA B 13 -6.27 10.42 -7.31
CA ALA B 13 -5.27 9.69 -6.55
C ALA B 13 -5.89 8.64 -5.64
N SER B 14 -7.11 8.88 -5.23
CA SER B 14 -7.82 7.97 -4.34
C SER B 14 -8.18 6.66 -5.04
N ILE B 15 -8.58 6.75 -6.28
CA ILE B 15 -8.97 5.58 -7.06
C ILE B 15 -7.95 4.45 -7.00
N ILE B 16 -6.72 4.76 -6.69
CA ILE B 16 -5.68 3.74 -6.63
C ILE B 16 -5.94 2.73 -5.50
N GLY B 17 -6.35 3.20 -4.35
CA GLY B 17 -6.54 2.32 -3.21
C GLY B 17 -7.32 1.05 -3.55
N ILE B 18 -8.45 1.17 -4.18
CA ILE B 18 -9.23 -0.02 -4.51
C ILE B 18 -8.42 -0.93 -5.45
N LEU B 19 -7.66 -0.34 -6.34
CA LEU B 19 -6.85 -1.13 -7.26
C LEU B 19 -5.83 -1.94 -6.45
N HIS B 20 -5.15 -1.26 -5.58
CA HIS B 20 -4.13 -1.89 -4.73
C HIS B 20 -4.79 -2.93 -3.81
N PHE B 21 -6.01 -2.67 -3.40
CA PHE B 21 -6.71 -3.59 -2.51
C PHE B 21 -6.99 -4.95 -3.17
N ILE B 22 -7.50 -4.94 -4.37
CA ILE B 22 -7.82 -6.20 -5.05
C ILE B 22 -6.57 -6.97 -5.45
N ALA B 23 -5.53 -6.27 -5.82
CA ALA B 23 -4.28 -6.91 -6.21
C ALA B 23 -3.63 -7.59 -5.01
N TRP B 24 -3.92 -7.07 -3.85
CA TRP B 24 -3.36 -7.57 -2.60
C TRP B 24 -3.49 -9.08 -2.47
N THR B 25 -4.63 -9.60 -2.78
CA THR B 25 -4.88 -11.04 -2.62
C THR B 25 -3.73 -11.87 -3.20
N ILE B 26 -3.19 -11.45 -4.31
CA ILE B 26 -2.11 -12.20 -4.95
C ILE B 26 -1.03 -12.60 -3.93
N GLY B 27 -0.55 -11.66 -3.18
CA GLY B 27 0.48 -11.96 -2.18
C GLY B 27 0.04 -13.09 -1.25
N HIS B 28 -1.13 -12.94 -0.69
CA HIS B 28 -1.66 -13.90 0.26
C HIS B 28 -1.46 -15.35 -0.18
N LEU B 29 -1.33 -15.58 -1.45
CA LEU B 29 -1.09 -16.96 -1.89
C LEU B 29 0.11 -17.50 -1.10
N ASN B 30 1.16 -16.75 -1.10
CA ASN B 30 2.40 -17.13 -0.44
C ASN B 30 2.25 -17.24 1.09
N GLN B 31 1.68 -16.22 1.71
CA GLN B 31 1.53 -16.19 3.15
C GLN B 31 0.60 -17.25 3.73
N ILE B 32 0.76 -18.49 3.35
CA ILE B 32 -0.08 -19.56 3.90
C ILE B 32 0.59 -20.92 3.77
N LYS B 33 1.05 -21.24 2.58
CA LYS B 33 1.70 -22.52 2.34
C LYS B 33 2.68 -22.85 3.47
N ARG B 34 3.44 -21.88 3.88
CA ARG B 34 4.41 -22.08 4.95
C ARG B 34 3.69 -22.39 6.26
N GLY B 35 2.62 -21.70 6.52
CA GLY B 35 1.84 -21.92 7.74
C GLY B 35 0.63 -20.99 7.79
N SER C 6 -1.76 27.49 -0.69
CA SER C 6 -3.06 27.62 0.03
C SER C 6 -3.45 26.26 0.61
N ASP C 7 -3.17 25.22 -0.12
CA ASP C 7 -3.49 23.87 0.34
C ASP C 7 -2.91 22.83 -0.61
N PRO C 8 -1.62 22.83 -0.80
CA PRO C 8 -0.92 21.87 -1.72
C PRO C 8 -0.86 20.47 -1.11
N LEU C 9 -1.55 20.27 -0.03
CA LEU C 9 -1.55 18.97 0.64
C LEU C 9 -2.14 17.89 -0.25
N VAL C 10 -3.19 18.21 -0.97
CA VAL C 10 -3.86 17.23 -1.82
C VAL C 10 -2.96 16.74 -2.97
N VAL C 11 -2.31 17.65 -3.64
CA VAL C 11 -1.45 17.27 -4.76
C VAL C 11 -0.14 16.61 -4.31
N ALA C 12 0.47 17.14 -3.29
CA ALA C 12 1.73 16.62 -2.78
C ALA C 12 1.61 15.27 -2.09
N ALA C 13 0.47 14.97 -1.50
CA ALA C 13 0.32 13.71 -0.81
C ALA C 13 0.19 12.54 -1.80
N SER C 14 -0.57 12.72 -2.85
CA SER C 14 -0.75 11.65 -3.85
C SER C 14 0.58 11.21 -4.43
N ILE C 15 1.51 12.10 -4.47
CA ILE C 15 2.82 11.82 -5.03
C ILE C 15 3.36 10.50 -4.50
N ILE C 16 3.24 10.26 -3.23
CA ILE C 16 3.71 9.01 -2.65
C ILE C 16 2.85 7.84 -3.17
N GLY C 17 1.57 8.06 -3.20
CA GLY C 17 0.63 7.02 -3.61
C GLY C 17 1.06 6.32 -4.91
N ILE C 18 1.48 7.06 -5.89
CA ILE C 18 1.91 6.44 -7.16
C ILE C 18 3.21 5.68 -6.99
N LEU C 19 4.04 6.12 -6.08
CA LEU C 19 5.33 5.47 -5.84
C LEU C 19 5.16 4.02 -5.40
N HIS C 20 4.09 3.72 -4.71
CA HIS C 20 3.86 2.37 -4.22
C HIS C 20 3.50 1.40 -5.35
N PHE C 21 2.84 1.90 -6.37
CA PHE C 21 2.42 1.05 -7.48
C PHE C 21 3.62 0.43 -8.21
N ILE C 22 4.57 1.26 -8.58
CA ILE C 22 5.74 0.77 -9.29
C ILE C 22 6.55 -0.20 -8.44
N ALA C 23 6.49 -0.01 -7.15
CA ALA C 23 7.22 -0.89 -6.25
C ALA C 23 6.54 -2.26 -6.18
N TRP C 24 5.23 -2.25 -6.28
CA TRP C 24 4.42 -3.45 -6.19
C TRP C 24 4.93 -4.58 -7.09
N THR C 25 5.14 -4.27 -8.34
CA THR C 25 5.63 -5.28 -9.29
C THR C 25 6.83 -6.04 -8.72
N ILE C 26 7.57 -5.42 -7.84
CA ILE C 26 8.76 -6.07 -7.27
C ILE C 26 8.37 -7.25 -6.35
N GLY C 27 7.27 -7.12 -5.65
CA GLY C 27 6.79 -8.18 -4.76
C GLY C 27 6.28 -9.38 -5.55
N HIS C 28 5.79 -9.10 -6.73
CA HIS C 28 5.26 -10.13 -7.61
C HIS C 28 6.29 -11.23 -7.87
N LEU C 29 7.55 -10.89 -7.82
CA LEU C 29 8.61 -11.85 -8.13
C LEU C 29 8.35 -13.21 -7.47
N ASN C 30 7.83 -13.23 -6.29
CA ASN C 30 7.55 -14.52 -5.64
C ASN C 30 6.51 -15.31 -6.45
N GLN C 31 5.40 -14.65 -6.75
CA GLN C 31 4.31 -15.26 -7.51
C GLN C 31 4.81 -16.11 -8.68
N ILE C 32 5.56 -15.51 -9.57
CA ILE C 32 6.06 -16.24 -10.73
C ILE C 32 6.85 -17.48 -10.32
N LYS C 33 7.52 -17.40 -9.19
CA LYS C 33 8.31 -18.53 -8.70
C LYS C 33 7.45 -19.46 -7.85
N ARG C 34 6.97 -20.51 -8.44
CA ARG C 34 6.14 -21.46 -7.72
C ARG C 34 5.97 -22.75 -8.53
N GLY C 35 6.06 -23.87 -7.86
CA GLY C 35 5.93 -25.16 -8.52
C GLY C 35 6.88 -25.28 -9.70
N SER D 6 -13.24 22.48 9.62
CA SER D 6 -12.48 21.74 8.57
C SER D 6 -11.28 21.05 9.22
N ASP D 7 -11.42 19.77 9.46
CA ASP D 7 -10.35 19.00 10.08
C ASP D 7 -9.38 18.49 9.00
N PRO D 8 -8.08 18.58 9.18
CA PRO D 8 -7.08 18.09 8.18
C PRO D 8 -7.44 16.70 7.61
N LEU D 9 -8.41 16.65 6.73
CA LEU D 9 -8.81 15.39 6.11
C LEU D 9 -7.73 14.90 5.13
N VAL D 10 -7.24 15.80 4.33
CA VAL D 10 -6.23 15.46 3.32
C VAL D 10 -5.01 14.82 3.95
N VAL D 11 -4.50 15.41 4.99
CA VAL D 11 -3.31 14.88 5.66
C VAL D 11 -3.64 13.59 6.43
N ALA D 12 -4.90 13.43 6.77
CA ALA D 12 -5.33 12.25 7.53
C ALA D 12 -5.10 10.95 6.76
N ALA D 13 -5.44 10.92 5.50
CA ALA D 13 -5.24 9.69 4.74
C ALA D 13 -3.73 9.47 4.51
N SER D 14 -3.10 10.46 3.96
CA SER D 14 -1.67 10.42 3.67
C SER D 14 -0.83 10.08 4.91
N ILE D 15 -1.35 10.38 6.05
CA ILE D 15 -0.63 10.13 7.30
C ILE D 15 -0.07 8.70 7.32
N ILE D 16 -0.89 7.74 7.01
CA ILE D 16 -0.45 6.34 7.01
C ILE D 16 0.68 6.11 6.00
N GLY D 17 0.64 6.80 4.89
CA GLY D 17 1.63 6.59 3.84
C GLY D 17 3.07 6.54 4.35
N ILE D 18 3.45 7.44 5.23
CA ILE D 18 4.83 7.40 5.72
C ILE D 18 5.09 6.09 6.46
N LEU D 19 4.11 5.60 7.15
CA LEU D 19 4.23 4.34 7.88
C LEU D 19 4.32 3.18 6.90
N HIS D 20 3.40 3.16 5.98
CA HIS D 20 3.33 2.10 4.97
C HIS D 20 4.58 2.11 4.07
N PHE D 21 5.16 3.27 3.89
CA PHE D 21 6.36 3.39 3.05
C PHE D 21 7.58 2.77 3.73
N ILE D 22 7.78 3.09 4.98
CA ILE D 22 8.94 2.57 5.71
C ILE D 22 8.86 1.05 5.88
N ALA D 23 7.68 0.56 6.14
CA ALA D 23 7.49 -0.86 6.33
C ALA D 23 7.65 -1.60 5.01
N TRP D 24 7.38 -0.93 3.94
CA TRP D 24 7.45 -1.54 2.62
C TRP D 24 8.84 -2.10 2.33
N THR D 25 9.85 -1.35 2.63
CA THR D 25 11.24 -1.74 2.34
C THR D 25 11.60 -3.17 2.78
N ILE D 26 11.18 -3.59 3.94
CA ILE D 26 11.52 -4.94 4.39
C ILE D 26 11.07 -6.02 3.39
N GLY D 27 10.04 -5.75 2.63
CA GLY D 27 9.55 -6.74 1.66
C GLY D 27 10.69 -7.32 0.82
N HIS D 28 11.50 -6.47 0.26
CA HIS D 28 12.60 -6.90 -0.60
C HIS D 28 13.31 -8.12 -0.02
N LEU D 29 13.21 -8.30 1.26
CA LEU D 29 13.87 -9.43 1.91
C LEU D 29 13.61 -10.73 1.14
N ASN D 30 12.53 -10.83 0.39
CA ASN D 30 12.26 -12.05 -0.37
C ASN D 30 13.22 -12.25 -1.56
N GLN D 31 13.70 -11.17 -2.13
CA GLN D 31 14.61 -11.25 -3.27
C GLN D 31 15.98 -11.77 -2.82
N ILE D 32 16.47 -11.23 -1.73
CA ILE D 32 17.76 -11.64 -1.20
C ILE D 32 17.89 -13.17 -1.21
N LYS D 33 17.44 -13.79 -0.16
CA LYS D 33 17.51 -15.25 -0.07
C LYS D 33 16.92 -15.89 -1.31
N ARG D 34 15.81 -15.37 -1.75
CA ARG D 34 15.15 -15.91 -2.94
C ARG D 34 14.64 -17.33 -2.68
N GLY D 35 15.55 -18.25 -2.54
CA GLY D 35 15.18 -19.63 -2.27
C GLY D 35 14.16 -20.12 -3.30
CA RIM E . -3.72 7.61 -1.77
CB RIM E . -3.10 8.80 -1.01
NC RIM E . -1.84 9.19 -1.70
CD RIM E . -4.07 10.02 -0.96
CE1 RIM E . -5.07 9.84 0.18
CE2 RIM E . -4.82 10.21 -2.29
CE3 RIM E . -3.24 11.27 -0.66
CF1 RIM E . -5.99 11.06 0.27
CF2 RIM E . -5.72 11.45 -2.20
CF3 RIM E . -4.14 12.50 -0.59
CG1 RIM E . -6.72 11.25 -1.07
CG2 RIM E . -4.86 12.67 -1.92
CG3 RIM E . -5.16 12.32 0.53
HA1 RIM E . -4.72 7.43 -1.43
HA2 RIM E . -3.11 6.73 -1.60
HA3 RIM E . -3.73 7.83 -2.83
HB RIM E . -2.86 8.48 -0.01
HNC1 RIM E . -1.35 9.98 -1.39
HNC2 RIM E . -1.45 8.60 -2.37
HE11 RIM E . -4.52 9.73 1.10
HE12 RIM E . -5.65 8.95 0.01
HE21 RIM E . -5.43 9.35 -2.49
HE22 RIM E . -4.10 10.34 -3.07
HE31 RIM E . -2.50 11.42 -1.42
HE32 RIM E . -2.75 11.13 0.30
HF1 RIM E . -6.74 10.93 1.09
HF2 RIM E . -6.24 11.57 -3.14
HF3 RIM E . -3.53 13.39 -0.40
HG11 RIM E . -7.29 10.36 -1.29
HG12 RIM E . -7.37 12.12 -1.01
HG21 RIM E . -4.13 12.79 -2.71
HG22 RIM E . -5.51 13.55 -1.85
HG31 RIM E . -4.62 12.21 1.46
HG32 RIM E . -5.81 13.19 0.56
N SER A 6 -21.62 14.39 1.08
CA SER A 6 -21.07 15.75 1.35
C SER A 6 -19.68 15.86 0.75
N ASP A 7 -19.35 14.95 -0.13
CA ASP A 7 -18.05 14.94 -0.78
C ASP A 7 -17.00 14.38 0.18
N PRO A 8 -17.12 13.13 0.53
CA PRO A 8 -16.17 12.45 1.43
C PRO A 8 -14.99 11.87 0.65
N LEU A 9 -14.71 12.47 -0.47
CA LEU A 9 -13.63 12.00 -1.34
C LEU A 9 -12.26 12.13 -0.65
N VAL A 10 -12.07 13.19 0.08
CA VAL A 10 -10.80 13.40 0.78
C VAL A 10 -10.65 12.40 1.93
N VAL A 11 -11.69 12.27 2.71
CA VAL A 11 -11.67 11.34 3.84
C VAL A 11 -11.75 9.89 3.34
N ALA A 12 -12.42 9.69 2.24
CA ALA A 12 -12.58 8.35 1.66
C ALA A 12 -11.26 7.66 1.41
N ALA A 13 -10.21 8.39 1.20
CA ALA A 13 -8.93 7.74 0.97
C ALA A 13 -8.48 7.07 2.26
N SER A 14 -8.48 7.84 3.31
CA SER A 14 -8.09 7.32 4.62
C SER A 14 -8.82 6.02 4.94
N ILE A 15 -10.08 5.95 4.56
CA ILE A 15 -10.88 4.78 4.86
C ILE A 15 -10.13 3.50 4.45
N ILE A 16 -9.67 3.44 3.24
CA ILE A 16 -8.92 2.25 2.80
C ILE A 16 -7.59 2.19 3.53
N GLY A 17 -7.02 3.34 3.77
CA GLY A 17 -5.71 3.42 4.42
C GLY A 17 -5.64 2.54 5.67
N ILE A 18 -6.60 2.67 6.55
CA ILE A 18 -6.61 1.86 7.77
C ILE A 18 -6.96 0.41 7.47
N LEU A 19 -7.75 0.21 6.45
CA LEU A 19 -8.17 -1.13 6.07
C LEU A 19 -6.99 -2.01 5.69
N HIS A 20 -6.03 -1.43 5.02
CA HIS A 20 -4.86 -2.18 4.58
C HIS A 20 -3.91 -2.50 5.74
N PHE A 21 -3.89 -1.67 6.75
CA PHE A 21 -2.99 -1.87 7.88
C PHE A 21 -3.13 -3.27 8.46
N ILE A 22 -4.33 -3.66 8.77
CA ILE A 22 -4.55 -4.98 9.34
C ILE A 22 -4.09 -6.09 8.39
N ALA A 23 -4.16 -5.83 7.12
CA ALA A 23 -3.74 -6.82 6.13
C ALA A 23 -2.23 -6.96 6.11
N TRP A 24 -1.55 -5.90 6.45
CA TRP A 24 -0.09 -5.87 6.42
C TRP A 24 0.55 -6.90 7.35
N THR A 25 0.13 -6.92 8.57
CA THR A 25 0.68 -7.82 9.57
C THR A 25 0.72 -9.29 9.11
N ILE A 26 -0.29 -9.75 8.41
CA ILE A 26 -0.29 -11.15 7.98
C ILE A 26 0.76 -11.41 6.89
N GLY A 27 0.90 -10.51 5.95
CA GLY A 27 1.88 -10.68 4.87
C GLY A 27 3.30 -10.69 5.44
N HIS A 28 3.47 -9.99 6.52
CA HIS A 28 4.77 -9.91 7.18
C HIS A 28 5.28 -11.31 7.52
N LEU A 29 4.37 -12.24 7.71
CA LEU A 29 4.72 -13.59 8.11
C LEU A 29 5.89 -14.17 7.31
N ASN A 30 6.09 -13.77 6.09
CA ASN A 30 7.23 -14.31 5.34
C ASN A 30 8.52 -13.99 6.08
N GLN A 31 8.70 -12.73 6.40
CA GLN A 31 9.89 -12.28 7.11
C GLN A 31 10.14 -13.13 8.36
N ILE A 32 9.17 -13.17 9.23
CA ILE A 32 9.31 -13.94 10.47
C ILE A 32 9.83 -15.34 10.17
N LYS A 33 9.18 -16.02 9.26
CA LYS A 33 9.58 -17.38 8.90
C LYS A 33 10.83 -17.35 8.02
N ARG A 34 10.67 -16.88 6.81
CA ARG A 34 11.79 -16.81 5.88
C ARG A 34 12.78 -15.73 6.29
N GLY A 35 14.03 -16.08 6.37
CA GLY A 35 15.07 -15.13 6.77
C GLY A 35 15.02 -13.89 5.88
N SER B 6 -7.50 22.46 -12.81
CA SER B 6 -8.39 21.27 -12.86
C SER B 6 -7.55 20.01 -12.90
N ASP B 7 -7.43 19.35 -11.76
CA ASP B 7 -6.65 18.13 -11.67
C ASP B 7 -7.11 17.29 -10.48
N PRO B 8 -8.15 16.52 -10.66
CA PRO B 8 -8.71 15.64 -9.57
C PRO B 8 -7.62 14.80 -8.89
N LEU B 9 -6.85 15.43 -8.06
CA LEU B 9 -5.79 14.73 -7.34
C LEU B 9 -6.39 13.79 -6.30
N VAL B 10 -7.33 14.30 -5.55
CA VAL B 10 -7.97 13.53 -4.49
C VAL B 10 -8.65 12.27 -5.00
N VAL B 11 -9.48 12.40 -6.00
CA VAL B 11 -10.19 11.24 -6.54
C VAL B 11 -9.29 10.29 -7.33
N ALA B 12 -8.22 10.80 -7.88
CA ALA B 12 -7.33 9.95 -8.66
C ALA B 12 -6.56 8.98 -7.77
N ALA B 13 -5.92 9.49 -6.75
CA ALA B 13 -5.16 8.64 -5.84
C ALA B 13 -6.09 7.85 -4.93
N SER B 14 -7.24 8.40 -4.65
CA SER B 14 -8.20 7.73 -3.77
C SER B 14 -8.83 6.51 -4.43
N ILE B 15 -9.26 6.65 -5.66
CA ILE B 15 -9.92 5.56 -6.38
C ILE B 15 -8.94 4.44 -6.76
N ILE B 16 -7.68 4.76 -6.87
CA ILE B 16 -6.70 3.76 -7.25
C ILE B 16 -6.50 2.71 -6.15
N GLY B 17 -6.56 3.12 -4.90
CA GLY B 17 -6.33 2.20 -3.79
C GLY B 17 -7.09 0.88 -3.92
N ILE B 18 -8.37 0.94 -4.20
CA ILE B 18 -9.14 -0.30 -4.32
C ILE B 18 -8.42 -1.27 -5.26
N LEU B 19 -7.68 -0.74 -6.20
CA LEU B 19 -6.92 -1.58 -7.13
C LEU B 19 -5.91 -2.41 -6.34
N HIS B 20 -5.17 -1.73 -5.53
CA HIS B 20 -4.15 -2.38 -4.72
C HIS B 20 -4.75 -3.49 -3.87
N PHE B 21 -6.00 -3.35 -3.52
CA PHE B 21 -6.70 -4.33 -2.68
C PHE B 21 -6.84 -5.70 -3.35
N ILE B 22 -7.18 -5.73 -4.61
CA ILE B 22 -7.38 -7.02 -5.30
C ILE B 22 -6.06 -7.77 -5.49
N ALA B 23 -5.01 -7.09 -5.83
CA ALA B 23 -3.72 -7.74 -6.03
C ALA B 23 -3.15 -8.22 -4.69
N TRP B 24 -3.52 -7.51 -3.65
CA TRP B 24 -3.04 -7.81 -2.31
C TRP B 24 -3.24 -9.26 -1.89
N THR B 25 -4.44 -9.75 -2.04
CA THR B 25 -4.73 -11.12 -1.62
C THR B 25 -3.70 -12.09 -2.17
N ILE B 26 -3.18 -11.80 -3.33
CA ILE B 26 -2.20 -12.66 -3.97
C ILE B 26 -1.07 -13.06 -3.00
N GLY B 27 -0.61 -12.13 -2.21
CA GLY B 27 0.47 -12.43 -1.27
C GLY B 27 0.10 -13.66 -0.43
N HIS B 28 -1.09 -13.65 0.07
CA HIS B 28 -1.59 -14.69 0.96
C HIS B 28 -1.20 -16.11 0.51
N LEU B 29 -0.89 -16.32 -0.74
CA LEU B 29 -0.50 -17.68 -1.14
C LEU B 29 0.54 -18.21 -0.14
N ASN B 30 1.53 -17.39 0.09
CA ASN B 30 2.62 -17.71 1.01
C ASN B 30 2.08 -18.22 2.36
N GLN B 31 1.07 -17.57 2.89
CA GLN B 31 0.49 -17.98 4.17
C GLN B 31 0.31 -19.50 4.25
N ILE B 32 -0.88 -19.96 3.99
CA ILE B 32 -1.23 -21.38 4.06
C ILE B 32 -0.04 -22.27 3.68
N LYS B 33 0.42 -22.17 2.46
CA LYS B 33 1.55 -22.97 2.00
C LYS B 33 2.62 -23.06 3.08
N ARG B 34 2.96 -21.93 3.65
CA ARG B 34 3.97 -21.88 4.70
C ARG B 34 3.32 -22.05 6.08
N GLY B 35 2.34 -22.91 6.15
CA GLY B 35 1.64 -23.16 7.40
C GLY B 35 0.56 -24.21 7.23
N SER C 6 -2.06 26.96 -1.25
CA SER C 6 -2.51 26.33 -2.52
C SER C 6 -2.75 24.83 -2.29
N ASP C 7 -3.30 24.50 -1.15
CA ASP C 7 -3.57 23.11 -0.81
C ASP C 7 -2.43 22.21 -1.24
N PRO C 8 -1.23 22.51 -0.81
CA PRO C 8 -0.04 21.69 -1.15
C PRO C 8 -0.17 20.31 -0.53
N LEU C 9 -0.96 20.23 0.50
CA LEU C 9 -1.18 18.97 1.21
C LEU C 9 -1.80 17.91 0.29
N VAL C 10 -2.73 18.32 -0.53
CA VAL C 10 -3.40 17.40 -1.44
C VAL C 10 -2.50 16.88 -2.55
N VAL C 11 -1.83 17.78 -3.21
CA VAL C 11 -0.96 17.40 -4.32
C VAL C 11 0.33 16.72 -3.84
N ALA C 12 0.79 17.05 -2.67
CA ALA C 12 2.04 16.48 -2.17
C ALA C 12 1.91 14.99 -1.83
N ALA C 13 0.94 14.64 -1.03
CA ALA C 13 0.80 13.24 -0.64
C ALA C 13 0.32 12.42 -1.82
N SER C 14 -0.41 13.05 -2.70
CA SER C 14 -0.93 12.38 -3.88
C SER C 14 0.16 11.62 -4.62
N ILE C 15 1.26 12.27 -4.90
CA ILE C 15 2.35 11.64 -5.64
C ILE C 15 2.72 10.27 -5.06
N ILE C 16 2.56 10.10 -3.78
CA ILE C 16 2.89 8.82 -3.15
C ILE C 16 2.00 7.71 -3.73
N GLY C 17 0.75 8.02 -3.89
CA GLY C 17 -0.22 7.04 -4.39
C GLY C 17 0.31 6.28 -5.61
N ILE C 18 0.79 6.96 -6.60
CA ILE C 18 1.31 6.30 -7.79
C ILE C 18 2.62 5.59 -7.50
N LEU C 19 3.36 6.11 -6.56
CA LEU C 19 4.67 5.54 -6.20
C LEU C 19 4.55 4.09 -5.72
N HIS C 20 3.50 3.77 -5.03
CA HIS C 20 3.32 2.41 -4.52
C HIS C 20 3.05 1.41 -5.64
N PHE C 21 2.36 1.86 -6.66
CA PHE C 21 2.03 0.96 -7.78
C PHE C 21 3.29 0.49 -8.50
N ILE C 22 4.18 1.40 -8.82
CA ILE C 22 5.40 1.03 -9.52
C ILE C 22 6.28 0.15 -8.64
N ALA C 23 6.23 0.36 -7.36
CA ALA C 23 7.02 -0.46 -6.45
C ALA C 23 6.43 -1.86 -6.36
N TRP C 24 5.13 -1.94 -6.46
CA TRP C 24 4.42 -3.21 -6.34
C TRP C 24 4.99 -4.30 -7.24
N THR C 25 5.16 -3.98 -8.49
CA THR C 25 5.70 -4.94 -9.45
C THR C 25 7.00 -5.57 -8.97
N ILE C 26 7.73 -4.88 -8.14
CA ILE C 26 9.01 -5.40 -7.64
C ILE C 26 8.81 -6.60 -6.69
N GLY C 27 7.82 -6.51 -5.83
CA GLY C 27 7.52 -7.58 -4.87
C GLY C 27 6.92 -8.80 -5.58
N HIS C 28 6.25 -8.55 -6.66
CA HIS C 28 5.61 -9.61 -7.43
C HIS C 28 6.58 -10.74 -7.81
N LEU C 29 7.84 -10.43 -7.95
CA LEU C 29 8.83 -11.43 -8.35
C LEU C 29 8.72 -12.75 -7.59
N ASN C 30 8.35 -12.73 -6.35
CA ASN C 30 8.24 -14.00 -5.60
C ASN C 30 7.09 -14.86 -6.16
N GLN C 31 5.92 -14.29 -6.26
CA GLN C 31 4.75 -15.01 -6.74
C GLN C 31 5.06 -15.84 -7.99
N ILE C 32 5.70 -15.25 -8.96
CA ILE C 32 6.04 -15.97 -10.19
C ILE C 32 7.03 -17.10 -9.91
N LYS C 33 7.85 -16.94 -8.92
CA LYS C 33 8.84 -17.97 -8.58
C LYS C 33 8.13 -19.27 -8.20
N ARG C 34 7.08 -19.15 -7.44
CA ARG C 34 6.32 -20.32 -7.00
C ARG C 34 6.00 -21.22 -8.19
N GLY C 35 6.20 -22.50 -8.01
CA GLY C 35 5.91 -23.46 -9.07
C GLY C 35 6.74 -23.15 -10.32
N SER D 6 -13.62 23.14 8.19
CA SER D 6 -13.40 21.69 7.95
C SER D 6 -12.15 21.23 8.70
N ASP D 7 -12.15 19.97 9.08
CA ASP D 7 -11.02 19.41 9.81
C ASP D 7 -9.97 18.87 8.83
N PRO D 8 -8.69 19.01 9.09
CA PRO D 8 -7.61 18.50 8.16
C PRO D 8 -7.89 17.10 7.60
N LEU D 9 -8.80 17.00 6.67
CA LEU D 9 -9.12 15.71 6.05
C LEU D 9 -7.96 15.26 5.15
N VAL D 10 -7.40 16.18 4.41
CA VAL D 10 -6.31 15.87 3.49
C VAL D 10 -5.12 15.24 4.21
N VAL D 11 -4.69 15.84 5.28
CA VAL D 11 -3.56 15.32 6.04
C VAL D 11 -3.91 14.03 6.76
N ALA D 12 -5.17 13.85 7.06
CA ALA D 12 -5.63 12.66 7.76
C ALA D 12 -5.27 11.37 7.00
N ALA D 13 -5.54 11.35 5.71
CA ALA D 13 -5.22 10.17 4.93
C ALA D 13 -3.70 10.06 4.74
N SER D 14 -3.12 11.11 4.22
CA SER D 14 -1.67 11.16 3.97
C SER D 14 -0.83 10.78 5.19
N ILE D 15 -1.35 10.99 6.35
CA ILE D 15 -0.60 10.67 7.57
C ILE D 15 -0.15 9.21 7.54
N ILE D 16 -1.04 8.33 7.20
CA ILE D 16 -0.70 6.91 7.15
C ILE D 16 0.29 6.60 6.03
N GLY D 17 0.16 7.26 4.91
CA GLY D 17 1.01 6.99 3.76
C GLY D 17 2.49 6.87 4.10
N ILE D 18 3.02 7.75 4.90
CA ILE D 18 4.44 7.65 5.21
C ILE D 18 4.74 6.36 5.98
N LEU D 19 3.78 5.89 6.72
CA LEU D 19 3.95 4.66 7.50
C LEU D 19 4.11 3.46 6.55
N HIS D 20 3.20 3.35 5.62
CA HIS D 20 3.23 2.25 4.66
C HIS D 20 4.48 2.31 3.79
N PHE D 21 4.95 3.49 3.54
CA PHE D 21 6.15 3.67 2.71
C PHE D 21 7.39 3.08 3.38
N ILE D 22 7.59 3.39 4.63
CA ILE D 22 8.77 2.90 5.34
C ILE D 22 8.72 1.39 5.59
N ALA D 23 7.56 0.89 5.92
CA ALA D 23 7.41 -0.53 6.19
C ALA D 23 7.60 -1.32 4.91
N TRP D 24 7.27 -0.71 3.81
CA TRP D 24 7.39 -1.37 2.51
C TRP D 24 8.75 -2.02 2.30
N THR D 25 9.77 -1.36 2.76
CA THR D 25 11.14 -1.85 2.57
C THR D 25 11.29 -3.33 2.96
N ILE D 26 10.70 -3.73 4.05
CA ILE D 26 10.83 -5.13 4.48
C ILE D 26 10.52 -6.10 3.35
N GLY D 27 9.68 -5.72 2.42
CA GLY D 27 9.35 -6.64 1.33
C GLY D 27 10.62 -7.01 0.55
N HIS D 28 11.35 -6.02 0.13
CA HIS D 28 12.56 -6.24 -0.66
C HIS D 28 13.42 -7.36 -0.09
N LEU D 29 13.34 -7.59 1.18
CA LEU D 29 14.15 -8.63 1.79
C LEU D 29 14.10 -9.93 0.97
N ASN D 30 13.06 -10.20 0.21
CA ASN D 30 12.99 -11.43 -0.59
C ASN D 30 13.95 -11.46 -1.80
N GLN D 31 14.27 -10.31 -2.36
CA GLN D 31 15.19 -10.26 -3.51
C GLN D 31 16.50 -10.90 -3.12
N ILE D 32 17.06 -10.43 -2.05
CA ILE D 32 18.33 -10.95 -1.56
C ILE D 32 18.33 -12.48 -1.59
N LYS D 33 17.80 -13.07 -0.56
CA LYS D 33 17.75 -14.53 -0.49
C LYS D 33 17.29 -15.13 -1.83
N ARG D 34 16.19 -14.63 -2.34
CA ARG D 34 15.66 -15.11 -3.60
C ARG D 34 15.28 -16.59 -3.48
N GLY D 35 16.27 -17.43 -3.41
CA GLY D 35 16.03 -18.87 -3.30
C GLY D 35 15.34 -19.41 -4.55
CA RIM E . -3.11 7.93 -1.11
CB RIM E . -2.62 9.23 -0.45
NC RIM E . -1.34 9.64 -1.10
CD RIM E . -3.66 10.38 -0.55
CE1 RIM E . -4.73 10.21 0.51
CE2 RIM E . -4.29 10.43 -1.95
CE3 RIM E . -2.92 11.71 -0.29
CF1 RIM E . -5.75 11.37 0.44
CF2 RIM E . -5.28 11.61 -2.02
CF3 RIM E . -3.91 12.88 -0.36
CG1 RIM E . -6.36 11.40 -0.97
CG2 RIM E . -4.54 12.91 -1.75
CG3 RIM E . -5.00 12.68 0.68
HA1 RIM E . -3.05 8.04 -2.18
HA2 RIM E . -4.13 7.74 -0.83
HA3 RIM E . -2.50 7.11 -0.79
HB RIM E . -2.42 9.02 0.60
HNC1 RIM E . -1.01 9.14 -1.87
HNC2 RIM E . -0.86 10.42 -0.77
HE11 RIM E . -4.26 10.21 1.48
HE12 RIM E . -5.25 9.28 0.36
HE21 RIM E . -4.82 9.52 -2.16
HE22 RIM E . -3.52 10.58 -2.68
HE31 RIM E . -2.15 11.84 -1.03
HE32 RIM E . -2.49 11.67 0.69
HF1 RIM E . -6.54 11.23 1.21
HF2 RIM E . -5.73 11.64 -3.00
HF3 RIM E . -3.36 13.80 -0.18
HG11 RIM E . -6.85 10.47 -1.16
HG12 RIM E . -7.06 12.24 -1.02
HG21 RIM E . -3.76 13.04 -2.49
HG22 RIM E . -5.25 13.73 -1.79
HG31 RIM E . -4.53 12.65 1.67
HG32 RIM E . -5.71 13.51 0.61
N SER A 6 -19.94 16.28 2.24
CA SER A 6 -19.09 16.61 3.42
C SER A 6 -17.68 16.05 3.20
N ASP A 7 -17.05 16.46 2.14
CA ASP A 7 -15.71 16.01 1.82
C ASP A 7 -15.65 14.49 1.71
N PRO A 8 -16.55 13.91 0.97
CA PRO A 8 -16.59 12.42 0.77
C PRO A 8 -15.45 11.94 -0.13
N LEU A 9 -14.85 12.87 -0.82
CA LEU A 9 -13.73 12.54 -1.70
C LEU A 9 -12.46 12.24 -0.89
N VAL A 10 -12.15 13.12 0.02
CA VAL A 10 -10.96 12.98 0.85
C VAL A 10 -11.07 11.77 1.76
N VAL A 11 -12.23 11.56 2.30
CA VAL A 11 -12.45 10.45 3.21
C VAL A 11 -12.41 9.09 2.52
N ALA A 12 -12.92 9.01 1.30
CA ALA A 12 -12.95 7.71 0.62
C ALA A 12 -11.56 7.11 0.42
N ALA A 13 -10.64 7.84 -0.17
CA ALA A 13 -9.32 7.28 -0.38
C ALA A 13 -8.71 6.92 0.97
N SER A 14 -8.76 7.85 1.87
CA SER A 14 -8.23 7.64 3.21
C SER A 14 -8.78 6.34 3.79
N ILE A 15 -10.08 6.19 3.75
CA ILE A 15 -10.73 5.00 4.30
C ILE A 15 -10.06 3.72 3.80
N ILE A 16 -9.86 3.61 2.51
CA ILE A 16 -9.21 2.41 1.98
C ILE A 16 -7.79 2.31 2.54
N GLY A 17 -7.12 3.43 2.56
CA GLY A 17 -5.74 3.49 3.04
C GLY A 17 -5.58 2.79 4.39
N ILE A 18 -6.44 3.10 5.32
CA ILE A 18 -6.35 2.49 6.65
C ILE A 18 -6.72 1.01 6.60
N LEU A 19 -7.62 0.68 5.71
CA LEU A 19 -8.08 -0.70 5.57
C LEU A 19 -6.94 -1.64 5.18
N HIS A 20 -5.98 -1.12 4.45
CA HIS A 20 -4.86 -1.93 4.01
C HIS A 20 -3.90 -2.28 5.15
N PHE A 21 -3.79 -1.42 6.13
CA PHE A 21 -2.86 -1.65 7.23
C PHE A 21 -3.14 -2.98 7.95
N ILE A 22 -4.36 -3.20 8.34
CA ILE A 22 -4.71 -4.43 9.04
C ILE A 22 -4.27 -5.66 8.25
N ALA A 23 -4.26 -5.52 6.96
CA ALA A 23 -3.83 -6.62 6.09
C ALA A 23 -2.31 -6.80 6.15
N TRP A 24 -1.62 -5.73 6.41
CA TRP A 24 -0.16 -5.72 6.44
C TRP A 24 0.40 -6.68 7.48
N THR A 25 -0.07 -6.57 8.69
CA THR A 25 0.43 -7.40 9.78
C THR A 25 0.48 -8.89 9.44
N ILE A 26 -0.58 -9.42 8.85
CA ILE A 26 -0.59 -10.84 8.53
C ILE A 26 0.48 -11.19 7.48
N GLY A 27 0.62 -10.37 6.47
CA GLY A 27 1.60 -10.63 5.42
C GLY A 27 3.03 -10.52 5.95
N HIS A 28 3.23 -9.62 6.88
CA HIS A 28 4.55 -9.41 7.46
C HIS A 28 5.19 -10.72 7.90
N LEU A 29 4.37 -11.69 8.24
CA LEU A 29 4.87 -12.97 8.73
C LEU A 29 6.04 -13.47 7.88
N ASN A 30 6.07 -13.11 6.62
CA ASN A 30 7.16 -13.55 5.75
C ASN A 30 8.49 -13.03 6.30
N GLN A 31 8.55 -11.75 6.56
CA GLN A 31 9.77 -11.12 7.07
C GLN A 31 10.28 -11.86 8.31
N ILE A 32 9.46 -11.94 9.32
CA ILE A 32 9.86 -12.63 10.55
C ILE A 32 10.48 -13.98 10.23
N LYS A 33 9.79 -14.76 9.45
CA LYS A 33 10.28 -16.09 9.07
C LYS A 33 11.55 -15.95 8.24
N ARG A 34 11.40 -15.51 7.01
CA ARG A 34 12.55 -15.36 6.12
C ARG A 34 13.28 -14.06 6.42
N GLY A 35 14.46 -14.17 6.95
CA GLY A 35 15.27 -12.99 7.28
C GLY A 35 15.70 -12.26 6.01
N SER B 6 -10.44 21.76 -11.87
CA SER B 6 -10.65 20.93 -13.09
C SER B 6 -9.64 19.78 -13.09
N ASP B 7 -9.30 19.30 -11.93
CA ASP B 7 -8.35 18.19 -11.80
C ASP B 7 -8.64 17.40 -10.53
N PRO B 8 -9.67 16.59 -10.54
CA PRO B 8 -10.05 15.76 -9.37
C PRO B 8 -8.86 15.01 -8.77
N LEU B 9 -8.09 15.72 -7.99
CA LEU B 9 -6.91 15.15 -7.35
C LEU B 9 -7.33 14.18 -6.26
N VAL B 10 -8.20 14.61 -5.40
CA VAL B 10 -8.64 13.79 -4.30
C VAL B 10 -9.23 12.47 -4.80
N VAL B 11 -10.07 12.54 -5.80
CA VAL B 11 -10.68 11.34 -6.36
C VAL B 11 -9.66 10.50 -7.12
N ALA B 12 -8.62 11.13 -7.57
CA ALA B 12 -7.59 10.43 -8.33
C ALA B 12 -6.90 9.36 -7.48
N ALA B 13 -6.69 9.64 -6.22
CA ALA B 13 -6.06 8.64 -5.38
C ALA B 13 -7.03 7.49 -5.09
N SER B 14 -8.22 7.84 -4.69
CA SER B 14 -9.22 6.85 -4.31
C SER B 14 -9.32 5.69 -5.30
N ILE B 15 -9.45 5.95 -6.57
CA ILE B 15 -9.57 4.87 -7.54
C ILE B 15 -8.41 3.88 -7.42
N ILE B 16 -7.28 4.36 -7.00
CA ILE B 16 -6.09 3.52 -6.80
C ILE B 16 -6.26 2.64 -5.56
N GLY B 17 -7.07 3.10 -4.65
CA GLY B 17 -7.30 2.39 -3.40
C GLY B 17 -7.74 0.94 -3.63
N ILE B 18 -8.75 0.76 -4.43
CA ILE B 18 -9.24 -0.58 -4.71
C ILE B 18 -8.25 -1.37 -5.59
N LEU B 19 -7.62 -0.69 -6.51
CA LEU B 19 -6.65 -1.34 -7.40
C LEU B 19 -5.62 -2.12 -6.58
N HIS B 20 -5.07 -1.46 -5.61
CA HIS B 20 -4.06 -2.08 -4.76
C HIS B 20 -4.68 -3.18 -3.90
N PHE B 21 -5.93 -3.03 -3.57
CA PHE B 21 -6.63 -4.01 -2.74
C PHE B 21 -6.83 -5.36 -3.44
N ILE B 22 -7.19 -5.34 -4.70
CA ILE B 22 -7.43 -6.59 -5.42
C ILE B 22 -6.15 -7.39 -5.63
N ALA B 23 -5.07 -6.72 -5.93
CA ALA B 23 -3.80 -7.41 -6.13
C ALA B 23 -3.26 -7.94 -4.80
N TRP B 24 -3.62 -7.25 -3.75
CA TRP B 24 -3.16 -7.59 -2.40
C TRP B 24 -3.40 -9.06 -2.06
N THR B 25 -4.61 -9.52 -2.24
CA THR B 25 -4.94 -10.89 -1.90
C THR B 25 -3.94 -11.87 -2.51
N ILE B 26 -3.47 -11.58 -3.69
CA ILE B 26 -2.55 -12.49 -4.37
C ILE B 26 -1.39 -12.94 -3.46
N GLY B 27 -0.93 -12.07 -2.60
CA GLY B 27 0.15 -12.43 -1.68
C GLY B 27 -0.28 -13.59 -0.80
N HIS B 28 -1.45 -13.47 -0.27
CA HIS B 28 -2.00 -14.43 0.69
C HIS B 28 -1.70 -15.88 0.31
N LEU B 29 -1.45 -16.17 -0.94
CA LEU B 29 -1.13 -17.56 -1.29
C LEU B 29 -0.06 -18.06 -0.30
N ASN B 30 0.97 -17.26 -0.20
CA ASN B 30 2.10 -17.55 0.68
C ASN B 30 1.63 -17.95 2.10
N GLN B 31 0.72 -17.18 2.66
CA GLN B 31 0.21 -17.47 4.00
C GLN B 31 -0.05 -18.97 4.23
N ILE B 32 -1.30 -19.37 4.12
CA ILE B 32 -1.69 -20.76 4.35
C ILE B 32 -0.61 -21.74 3.89
N LYS B 33 -0.29 -21.74 2.62
CA LYS B 33 0.72 -22.66 2.09
C LYS B 33 1.90 -22.77 3.06
N ARG B 34 2.41 -21.65 3.49
CA ARG B 34 3.53 -21.64 4.42
C ARG B 34 3.08 -22.11 5.80
N GLY B 35 1.90 -21.71 6.18
CA GLY B 35 1.37 -22.10 7.49
C GLY B 35 -0.04 -21.57 7.67
N SER C 6 -2.24 26.72 -1.78
CA SER C 6 -2.95 26.04 -2.90
C SER C 6 -3.17 24.57 -2.54
N ASP C 7 -3.59 24.33 -1.32
CA ASP C 7 -3.85 22.97 -0.86
C ASP C 7 -2.76 22.02 -1.34
N PRO C 8 -1.52 22.33 -1.05
CA PRO C 8 -0.38 21.47 -1.46
C PRO C 8 -0.45 20.12 -0.76
N LEU C 9 -1.20 20.07 0.29
CA LEU C 9 -1.35 18.84 1.07
C LEU C 9 -1.99 17.72 0.24
N VAL C 10 -3.01 18.06 -0.50
CA VAL C 10 -3.73 17.07 -1.30
C VAL C 10 -2.86 16.49 -2.42
N VAL C 11 -2.16 17.33 -3.12
CA VAL C 11 -1.32 16.87 -4.23
C VAL C 11 -0.08 16.14 -3.74
N ALA C 12 0.55 16.65 -2.73
CA ALA C 12 1.78 16.04 -2.21
C ALA C 12 1.55 14.71 -1.51
N ALA C 13 0.38 14.52 -0.95
CA ALA C 13 0.12 13.28 -0.24
C ALA C 13 -0.03 12.12 -1.20
N SER C 14 -0.74 12.31 -2.28
CA SER C 14 -0.93 11.24 -3.27
C SER C 14 0.35 10.94 -4.03
N ILE C 15 1.19 11.93 -4.18
CA ILE C 15 2.44 11.75 -4.92
C ILE C 15 3.16 10.49 -4.44
N ILE C 16 3.22 10.29 -3.16
CA ILE C 16 3.89 9.11 -2.63
C ILE C 16 3.17 7.83 -3.07
N GLY C 17 1.88 7.83 -2.90
CA GLY C 17 1.05 6.67 -3.23
C GLY C 17 1.36 6.08 -4.60
N ILE C 18 1.39 6.89 -5.63
CA ILE C 18 1.66 6.38 -6.97
C ILE C 18 3.03 5.68 -7.04
N LEU C 19 3.94 6.11 -6.22
CA LEU C 19 5.29 5.53 -6.21
C LEU C 19 5.26 4.06 -5.76
N HIS C 20 4.31 3.72 -4.93
CA HIS C 20 4.22 2.35 -4.42
C HIS C 20 3.80 1.36 -5.51
N PHE C 21 3.03 1.81 -6.46
CA PHE C 21 2.56 0.92 -7.52
C PHE C 21 3.72 0.31 -8.31
N ILE C 22 4.62 1.14 -8.76
CA ILE C 22 5.76 0.65 -9.55
C ILE C 22 6.61 -0.29 -8.71
N ALA C 23 6.62 -0.10 -7.42
CA ALA C 23 7.39 -0.96 -6.55
C ALA C 23 6.74 -2.34 -6.45
N TRP C 24 5.44 -2.34 -6.47
CA TRP C 24 4.64 -3.57 -6.33
C TRP C 24 5.14 -4.69 -7.26
N THR C 25 5.26 -4.39 -8.51
CA THR C 25 5.70 -5.38 -9.49
C THR C 25 6.96 -6.11 -9.03
N ILE C 26 7.77 -5.46 -8.22
CA ILE C 26 9.01 -6.06 -7.75
C ILE C 26 8.74 -7.23 -6.77
N GLY C 27 7.74 -7.07 -5.95
CA GLY C 27 7.38 -8.09 -4.96
C GLY C 27 6.77 -9.33 -5.64
N HIS C 28 6.15 -9.10 -6.76
CA HIS C 28 5.51 -10.16 -7.52
C HIS C 28 6.46 -11.34 -7.76
N LEU C 29 7.74 -11.09 -7.84
CA LEU C 29 8.71 -12.14 -8.13
C LEU C 29 8.52 -13.40 -7.26
N ASN C 30 8.18 -13.27 -6.00
CA ASN C 30 8.00 -14.47 -5.18
C ASN C 30 6.78 -15.28 -5.64
N GLN C 31 5.65 -14.64 -5.72
CA GLN C 31 4.42 -15.32 -6.11
C GLN C 31 4.58 -16.09 -7.43
N ILE C 32 5.04 -15.43 -8.45
CA ILE C 32 5.21 -16.09 -9.75
C ILE C 32 6.22 -17.23 -9.65
N LYS C 33 7.25 -17.02 -8.88
CA LYS C 33 8.27 -18.05 -8.70
C LYS C 33 7.73 -19.20 -7.86
N ARG C 34 7.38 -20.27 -8.51
CA ARG C 34 6.85 -21.43 -7.80
C ARG C 34 6.74 -22.63 -8.76
N GLY C 35 7.44 -23.68 -8.42
CA GLY C 35 7.43 -24.89 -9.25
C GLY C 35 7.68 -24.55 -10.72
N SER D 6 -12.66 23.19 9.97
CA SER D 6 -12.64 21.83 9.35
C SER D 6 -11.49 21.03 9.94
N ASP D 7 -11.75 19.79 10.26
CA ASP D 7 -10.73 18.92 10.82
C ASP D 7 -9.77 18.46 9.72
N PRO D 8 -8.47 18.77 9.81
CA PRO D 8 -7.46 18.35 8.78
C PRO D 8 -7.62 16.90 8.32
N LEU D 9 -8.68 16.63 7.60
CA LEU D 9 -8.94 15.28 7.11
C LEU D 9 -7.87 14.89 6.08
N VAL D 10 -7.48 15.83 5.27
CA VAL D 10 -6.49 15.57 4.22
C VAL D 10 -5.15 15.11 4.80
N VAL D 11 -4.61 15.82 5.76
CA VAL D 11 -3.33 15.45 6.35
C VAL D 11 -3.46 14.22 7.25
N ALA D 12 -4.63 14.01 7.78
CA ALA D 12 -4.88 12.88 8.67
C ALA D 12 -4.59 11.56 7.97
N ALA D 13 -4.92 11.47 6.72
CA ALA D 13 -4.67 10.25 5.98
C ALA D 13 -3.17 10.12 5.67
N SER D 14 -2.62 11.15 5.10
CA SER D 14 -1.21 11.21 4.72
C SER D 14 -0.28 10.84 5.87
N ILE D 15 -0.73 11.07 7.07
CA ILE D 15 0.09 10.77 8.25
C ILE D 15 0.48 9.29 8.27
N ILE D 16 -0.46 8.42 8.03
CA ILE D 16 -0.16 7.00 8.05
C ILE D 16 0.73 6.60 6.86
N GLY D 17 0.56 7.26 5.74
CA GLY D 17 1.31 6.92 4.53
C GLY D 17 2.79 6.69 4.76
N ILE D 18 3.45 7.54 5.50
CA ILE D 18 4.89 7.34 5.72
C ILE D 18 5.15 5.98 6.38
N LEU D 19 4.21 5.52 7.16
CA LEU D 19 4.34 4.25 7.85
C LEU D 19 4.48 3.10 6.85
N HIS D 20 3.58 3.07 5.90
CA HIS D 20 3.58 2.01 4.89
C HIS D 20 4.84 2.09 4.02
N PHE D 21 5.35 3.29 3.85
CA PHE D 21 6.54 3.48 3.02
C PHE D 21 7.77 2.81 3.63
N ILE D 22 8.03 3.06 4.88
CA ILE D 22 9.19 2.48 5.55
C ILE D 22 9.08 0.97 5.67
N ALA D 23 7.91 0.49 5.97
CA ALA D 23 7.68 -0.94 6.12
C ALA D 23 7.81 -1.63 4.78
N TRP D 24 7.52 -0.93 3.74
CA TRP D 24 7.57 -1.49 2.39
C TRP D 24 8.99 -1.97 2.03
N THR D 25 9.96 -1.19 2.38
CA THR D 25 11.36 -1.48 2.04
C THR D 25 11.79 -2.91 2.38
N ILE D 26 11.44 -3.39 3.55
CA ILE D 26 11.86 -4.75 3.93
C ILE D 26 11.48 -5.79 2.87
N GLY D 27 10.43 -5.57 2.13
CA GLY D 27 10.02 -6.54 1.11
C GLY D 27 11.21 -6.98 0.26
N HIS D 28 11.93 -6.04 -0.26
CA HIS D 28 13.06 -6.32 -1.13
C HIS D 28 13.91 -7.47 -0.57
N LEU D 29 13.86 -7.68 0.71
CA LEU D 29 14.66 -8.74 1.30
C LEU D 29 14.56 -10.05 0.51
N ASN D 30 13.47 -10.28 -0.19
CA ASN D 30 13.34 -11.53 -0.97
C ASN D 30 14.23 -11.59 -2.21
N GLN D 31 14.54 -10.45 -2.81
CA GLN D 31 15.39 -10.42 -4.00
C GLN D 31 16.75 -11.02 -3.69
N ILE D 32 17.38 -10.50 -2.67
CA ILE D 32 18.70 -10.99 -2.27
C ILE D 32 18.73 -12.51 -2.29
N LYS D 33 18.28 -13.11 -1.22
CA LYS D 33 18.26 -14.57 -1.13
C LYS D 33 17.57 -15.18 -2.35
N ARG D 34 16.44 -14.62 -2.73
CA ARG D 34 15.70 -15.13 -3.87
C ARG D 34 15.21 -16.56 -3.61
N GLY D 35 16.12 -17.50 -3.58
CA GLY D 35 15.76 -18.89 -3.34
C GLY D 35 14.66 -19.34 -4.28
CA RIM E . -4.02 7.54 0.59
CB RIM E . -3.27 8.85 0.30
NC RIM E . -2.48 8.67 -0.94
CD RIM E . -4.24 10.06 0.13
CE1 RIM E . -4.64 10.60 1.49
CE2 RIM E . -5.50 9.67 -0.62
CE3 RIM E . -3.49 11.15 -0.66
CF1 RIM E . -5.56 11.82 1.33
CF2 RIM E . -6.39 10.90 -0.87
CF3 RIM E . -4.36 12.39 -0.79
CG1 RIM E . -6.80 11.44 0.51
CG2 RIM E . -5.60 12.00 -1.59
CG3 RIM E . -4.78 12.90 0.59
HA1 RIM E . -3.32 6.77 0.87
HA2 RIM E . -4.56 7.24 -0.30
HA3 RIM E . -4.72 7.69 1.40
HB RIM E . -2.60 9.05 1.12
HNC1 RIM E . -1.58 8.27 -0.90
HNC2 RIM E . -2.83 8.98 -1.80
HE11 RIM E . -3.76 10.88 2.05
HE12 RIM E . -5.18 9.83 2.03
HE21 RIM E . -6.05 8.98 -0.01
HE22 RIM E . -5.23 9.20 -1.53
HE31 RIM E . -3.27 10.78 -1.65
HE32 RIM E . -2.58 11.38 -0.16
HF1 RIM E . -5.85 12.18 2.31
HF2 RIM E . -7.27 10.62 -1.48
HF3 RIM E . -3.81 13.17 -1.31
HG11 RIM E . -7.35 10.68 1.04
HG12 RIM E . -7.41 12.33 0.37
HG21 RIM E . -5.29 11.64 -2.56
HG22 RIM E . -6.24 12.89 -1.69
HG31 RIM E . -3.89 13.15 1.16
HG32 RIM E . -5.42 13.77 0.46
N SER A 6 -21.57 17.17 0.94
CA SER A 6 -20.52 17.86 1.74
C SER A 6 -19.15 17.58 1.14
N ASP A 7 -19.10 16.63 0.23
CA ASP A 7 -17.86 16.25 -0.42
C ASP A 7 -17.05 15.34 0.50
N PRO A 8 -17.56 14.17 0.77
CA PRO A 8 -16.89 13.17 1.64
C PRO A 8 -15.88 12.32 0.86
N LEU A 9 -15.57 12.75 -0.33
CA LEU A 9 -14.62 12.01 -1.17
C LEU A 9 -13.25 11.92 -0.53
N VAL A 10 -12.89 12.92 0.20
CA VAL A 10 -11.60 12.97 0.87
C VAL A 10 -11.45 11.82 1.85
N VAL A 11 -12.52 11.47 2.50
CA VAL A 11 -12.50 10.37 3.46
C VAL A 11 -12.40 9.01 2.76
N ALA A 12 -12.94 8.91 1.57
CA ALA A 12 -12.95 7.63 0.85
C ALA A 12 -11.53 7.12 0.55
N ALA A 13 -10.70 7.92 -0.07
CA ALA A 13 -9.36 7.46 -0.38
C ALA A 13 -8.67 7.05 0.91
N SER A 14 -8.72 7.94 1.86
CA SER A 14 -8.13 7.70 3.15
C SER A 14 -8.59 6.37 3.74
N ILE A 15 -9.89 6.16 3.75
CA ILE A 15 -10.46 4.92 4.30
C ILE A 15 -9.76 3.68 3.72
N ILE A 16 -9.59 3.62 2.43
CA ILE A 16 -8.93 2.46 1.85
C ILE A 16 -7.52 2.32 2.43
N GLY A 17 -6.81 3.41 2.44
CA GLY A 17 -5.44 3.41 2.95
C GLY A 17 -5.34 2.72 4.31
N ILE A 18 -6.20 3.09 5.23
CA ILE A 18 -6.18 2.49 6.56
C ILE A 18 -6.56 1.01 6.50
N LEU A 19 -7.56 0.71 5.73
CA LEU A 19 -8.05 -0.65 5.58
C LEU A 19 -6.92 -1.62 5.23
N HIS A 20 -5.93 -1.15 4.53
CA HIS A 20 -4.82 -2.01 4.11
C HIS A 20 -3.90 -2.37 5.30
N PHE A 21 -3.81 -1.50 6.26
CA PHE A 21 -2.92 -1.75 7.40
C PHE A 21 -3.20 -3.09 8.08
N ILE A 22 -4.43 -3.37 8.40
CA ILE A 22 -4.77 -4.63 9.06
C ILE A 22 -4.27 -5.81 8.22
N ALA A 23 -4.28 -5.65 6.93
CA ALA A 23 -3.80 -6.71 6.04
C ALA A 23 -2.28 -6.83 6.10
N TRP A 24 -1.62 -5.74 6.38
CA TRP A 24 -0.17 -5.70 6.41
C TRP A 24 0.43 -6.61 7.47
N THR A 25 -0.04 -6.49 8.67
CA THR A 25 0.49 -7.27 9.78
C THR A 25 0.56 -8.77 9.47
N ILE A 26 -0.45 -9.34 8.87
CA ILE A 26 -0.42 -10.76 8.59
C ILE A 26 0.71 -11.14 7.62
N GLY A 27 0.91 -10.35 6.60
CA GLY A 27 1.96 -10.64 5.62
C GLY A 27 3.35 -10.64 6.28
N HIS A 28 3.52 -9.78 7.24
CA HIS A 28 4.79 -9.65 7.94
C HIS A 28 5.30 -11.02 8.42
N LEU A 29 4.41 -11.93 8.65
CA LEU A 29 4.78 -13.25 9.16
C LEU A 29 5.98 -13.83 8.40
N ASN A 30 6.12 -13.48 7.14
CA ASN A 30 7.25 -13.99 6.37
C ASN A 30 8.57 -13.54 6.99
N GLN A 31 8.69 -12.25 7.21
CA GLN A 31 9.90 -11.69 7.80
C GLN A 31 10.36 -12.52 9.00
N ILE A 32 9.45 -12.77 9.90
CA ILE A 32 9.77 -13.54 11.10
C ILE A 32 10.47 -14.84 10.71
N LYS A 33 9.91 -15.55 9.78
CA LYS A 33 10.49 -16.82 9.35
C LYS A 33 11.71 -16.55 8.46
N ARG A 34 11.47 -16.06 7.28
CA ARG A 34 12.55 -15.77 6.36
C ARG A 34 13.36 -14.55 6.83
N GLY A 35 14.65 -14.70 6.83
CA GLY A 35 15.53 -13.61 7.27
C GLY A 35 15.29 -12.35 6.43
N SER B 6 -6.94 21.50 -10.76
CA SER B 6 -7.84 21.44 -11.93
C SER B 6 -8.46 20.04 -12.03
N ASP B 7 -7.66 19.04 -11.73
CA ASP B 7 -8.13 17.66 -11.79
C ASP B 7 -8.34 17.11 -10.37
N PRO B 8 -9.55 16.76 -9.98
CA PRO B 8 -9.82 16.22 -8.61
C PRO B 8 -8.74 15.25 -8.13
N LEU B 9 -7.69 15.81 -7.57
CA LEU B 9 -6.59 15.00 -7.04
C LEU B 9 -7.10 14.11 -5.92
N VAL B 10 -7.95 14.66 -5.10
CA VAL B 10 -8.50 13.92 -3.97
C VAL B 10 -9.21 12.67 -4.42
N VAL B 11 -10.05 12.78 -5.41
CA VAL B 11 -10.79 11.64 -5.94
C VAL B 11 -9.86 10.71 -6.72
N ALA B 12 -8.80 11.28 -7.23
CA ALA B 12 -7.85 10.53 -8.03
C ALA B 12 -7.13 9.45 -7.22
N ALA B 13 -6.94 9.65 -5.94
CA ALA B 13 -6.25 8.61 -5.17
C ALA B 13 -7.13 7.39 -4.94
N SER B 14 -8.32 7.61 -4.43
CA SER B 14 -9.26 6.52 -4.15
C SER B 14 -9.39 5.54 -5.31
N ILE B 15 -9.16 6.01 -6.50
CA ILE B 15 -9.27 5.14 -7.68
C ILE B 15 -8.18 4.05 -7.65
N ILE B 16 -6.99 4.44 -7.27
CA ILE B 16 -5.87 3.50 -7.13
C ILE B 16 -6.03 2.63 -5.87
N GLY B 17 -6.74 3.18 -4.92
CA GLY B 17 -6.96 2.51 -3.64
C GLY B 17 -7.51 1.10 -3.82
N ILE B 18 -8.55 0.97 -4.59
CA ILE B 18 -9.18 -0.33 -4.82
C ILE B 18 -8.28 -1.24 -5.67
N LEU B 19 -7.50 -0.66 -6.54
CA LEU B 19 -6.62 -1.45 -7.40
C LEU B 19 -5.64 -2.26 -6.55
N HIS B 20 -5.00 -1.59 -5.64
CA HIS B 20 -4.03 -2.23 -4.77
C HIS B 20 -4.69 -3.30 -3.91
N PHE B 21 -5.95 -3.09 -3.60
CA PHE B 21 -6.69 -4.03 -2.75
C PHE B 21 -6.92 -5.38 -3.44
N ILE B 22 -7.30 -5.36 -4.69
CA ILE B 22 -7.59 -6.61 -5.39
C ILE B 22 -6.32 -7.43 -5.63
N ALA B 23 -5.24 -6.79 -5.94
CA ALA B 23 -3.99 -7.50 -6.15
C ALA B 23 -3.45 -8.04 -4.82
N TRP B 24 -3.77 -7.34 -3.77
CA TRP B 24 -3.30 -7.70 -2.44
C TRP B 24 -3.54 -9.16 -2.10
N THR B 25 -4.75 -9.62 -2.28
CA THR B 25 -5.07 -11.00 -1.93
C THR B 25 -4.07 -11.98 -2.53
N ILE B 26 -3.56 -11.68 -3.69
CA ILE B 26 -2.61 -12.58 -4.36
C ILE B 26 -1.49 -13.01 -3.40
N GLY B 27 -0.97 -12.08 -2.63
CA GLY B 27 0.10 -12.41 -1.69
C GLY B 27 -0.29 -13.60 -0.82
N HIS B 28 -1.48 -13.55 -0.30
CA HIS B 28 -2.00 -14.56 0.61
C HIS B 28 -1.64 -15.99 0.23
N LEU B 29 -1.33 -16.26 -1.01
CA LEU B 29 -0.95 -17.64 -1.35
C LEU B 29 0.12 -18.09 -0.33
N ASN B 30 1.10 -17.26 -0.18
CA ASN B 30 2.22 -17.52 0.74
C ASN B 30 1.71 -17.89 2.14
N GLN B 31 0.83 -17.09 2.69
CA GLN B 31 0.29 -17.34 4.03
C GLN B 31 0.07 -18.82 4.32
N ILE B 32 -1.17 -19.26 4.24
CA ILE B 32 -1.53 -20.65 4.53
C ILE B 32 -0.41 -21.62 4.16
N LYS B 33 0.03 -21.58 2.92
CA LYS B 33 1.10 -22.47 2.48
C LYS B 33 2.22 -22.53 3.51
N ARG B 34 2.72 -21.39 3.90
CA ARG B 34 3.80 -21.32 4.88
C ARG B 34 3.23 -21.40 6.29
N GLY B 35 1.95 -21.16 6.43
CA GLY B 35 1.30 -21.22 7.74
C GLY B 35 -0.09 -20.61 7.68
N SER C 6 -2.47 27.14 -1.73
CA SER C 6 -2.97 27.33 -0.34
C SER C 6 -3.36 25.99 0.25
N ASP C 7 -3.06 24.93 -0.45
CA ASP C 7 -3.40 23.59 0.00
C ASP C 7 -2.63 22.54 -0.80
N PRO C 8 -1.33 22.62 -0.80
CA PRO C 8 -0.46 21.67 -1.55
C PRO C 8 -0.40 20.29 -0.87
N LEU C 9 -1.06 20.18 0.25
CA LEU C 9 -1.08 18.91 0.98
C LEU C 9 -1.76 17.82 0.17
N VAL C 10 -2.80 18.20 -0.52
CA VAL C 10 -3.58 17.26 -1.33
C VAL C 10 -2.77 16.62 -2.46
N VAL C 11 -2.06 17.43 -3.19
CA VAL C 11 -1.27 16.94 -4.31
C VAL C 11 -0.02 16.20 -3.85
N ALA C 12 0.61 16.71 -2.83
CA ALA C 12 1.84 16.12 -2.32
C ALA C 12 1.61 14.79 -1.61
N ALA C 13 0.45 14.58 -1.04
CA ALA C 13 0.21 13.34 -0.34
C ALA C 13 0.03 12.17 -1.30
N SER C 14 -0.73 12.37 -2.36
CA SER C 14 -0.95 11.30 -3.33
C SER C 14 0.30 11.00 -4.16
N ILE C 15 1.11 12.00 -4.39
CA ILE C 15 2.32 11.84 -5.19
C ILE C 15 3.10 10.61 -4.73
N ILE C 16 3.12 10.37 -3.46
CA ILE C 16 3.83 9.21 -2.93
C ILE C 16 3.20 7.91 -3.42
N GLY C 17 1.91 7.84 -3.29
CA GLY C 17 1.16 6.64 -3.65
C GLY C 17 1.52 6.07 -5.03
N ILE C 18 1.52 6.89 -6.04
CA ILE C 18 1.82 6.40 -7.39
C ILE C 18 3.17 5.65 -7.41
N LEU C 19 4.07 6.03 -6.55
CA LEU C 19 5.38 5.38 -6.49
C LEU C 19 5.29 3.94 -5.99
N HIS C 20 4.29 3.64 -5.21
CA HIS C 20 4.13 2.29 -4.66
C HIS C 20 3.75 1.27 -5.73
N PHE C 21 3.06 1.69 -6.75
CA PHE C 21 2.62 0.77 -7.80
C PHE C 21 3.81 0.11 -8.51
N ILE C 22 4.78 0.89 -8.89
CA ILE C 22 5.94 0.35 -9.60
C ILE C 22 6.74 -0.61 -8.71
N ALA C 23 6.70 -0.38 -7.42
CA ALA C 23 7.42 -1.25 -6.49
C ALA C 23 6.71 -2.60 -6.37
N TRP C 24 5.41 -2.56 -6.42
CA TRP C 24 4.57 -3.75 -6.29
C TRP C 24 5.01 -4.89 -7.21
N THR C 25 5.16 -4.58 -8.46
CA THR C 25 5.55 -5.59 -9.46
C THR C 25 6.81 -6.35 -9.07
N ILE C 26 7.67 -5.74 -8.31
CA ILE C 26 8.93 -6.40 -7.91
C ILE C 26 8.66 -7.68 -7.09
N GLY C 27 7.81 -7.58 -6.11
CA GLY C 27 7.49 -8.72 -5.25
C GLY C 27 6.88 -9.86 -6.06
N HIS C 28 6.24 -9.52 -7.13
CA HIS C 28 5.60 -10.51 -7.98
C HIS C 28 6.54 -11.66 -8.30
N LEU C 29 7.82 -11.41 -8.30
CA LEU C 29 8.79 -12.44 -8.66
C LEU C 29 8.45 -13.77 -7.97
N ASN C 30 7.93 -13.73 -6.78
CA ASN C 30 7.58 -14.97 -6.08
C ASN C 30 6.47 -15.71 -6.83
N GLN C 31 5.39 -15.01 -7.10
CA GLN C 31 4.25 -15.60 -7.81
C GLN C 31 4.69 -16.39 -9.04
N ILE C 32 5.37 -15.72 -9.95
CA ILE C 32 5.82 -16.37 -11.18
C ILE C 32 6.79 -17.52 -10.88
N LYS C 33 7.56 -17.39 -9.83
CA LYS C 33 8.51 -18.43 -9.47
C LYS C 33 7.78 -19.71 -9.10
N ARG C 34 6.72 -19.59 -8.34
CA ARG C 34 5.94 -20.75 -7.94
C ARG C 34 5.45 -21.52 -9.16
N GLY C 35 5.73 -22.80 -9.19
CA GLY C 35 5.30 -23.63 -10.30
C GLY C 35 6.07 -23.30 -11.56
N SER D 6 -12.54 23.24 9.17
CA SER D 6 -12.93 21.80 9.22
C SER D 6 -11.78 20.99 9.82
N ASP D 7 -12.01 19.72 10.01
CA ASP D 7 -11.00 18.84 10.58
C ASP D 7 -10.00 18.42 9.49
N PRO D 8 -8.74 18.79 9.59
CA PRO D 8 -7.69 18.43 8.57
C PRO D 8 -7.77 16.97 8.09
N LEU D 9 -8.80 16.65 7.36
CA LEU D 9 -8.96 15.29 6.85
C LEU D 9 -7.81 14.94 5.90
N VAL D 10 -7.46 15.87 5.05
CA VAL D 10 -6.39 15.65 4.08
C VAL D 10 -5.05 15.27 4.74
N VAL D 11 -4.59 16.02 5.71
CA VAL D 11 -3.33 15.72 6.38
C VAL D 11 -3.43 14.50 7.29
N ALA D 12 -4.61 14.26 7.80
CA ALA D 12 -4.83 13.14 8.71
C ALA D 12 -4.57 11.80 8.02
N ALA D 13 -5.00 11.68 6.81
CA ALA D 13 -4.80 10.44 6.09
C ALA D 13 -3.33 10.29 5.69
N SER D 14 -2.81 11.30 5.05
CA SER D 14 -1.43 11.31 4.59
C SER D 14 -0.43 10.92 5.68
N ILE D 15 -0.71 11.32 6.88
CA ILE D 15 0.20 11.03 7.99
C ILE D 15 0.50 9.52 8.05
N ILE D 16 -0.47 8.71 7.74
CA ILE D 16 -0.26 7.27 7.77
C ILE D 16 0.64 6.84 6.60
N GLY D 17 0.53 7.52 5.49
CA GLY D 17 1.29 7.14 4.30
C GLY D 17 2.76 6.84 4.55
N ILE D 18 3.45 7.69 5.27
CA ILE D 18 4.86 7.44 5.51
C ILE D 18 5.07 6.10 6.22
N LEU D 19 4.10 5.69 7.00
CA LEU D 19 4.20 4.43 7.74
C LEU D 19 4.32 3.25 6.77
N HIS D 20 3.42 3.20 5.82
CA HIS D 20 3.43 2.10 4.84
C HIS D 20 4.69 2.15 3.98
N PHE D 21 5.20 3.33 3.76
CA PHE D 21 6.40 3.49 2.95
C PHE D 21 7.63 2.88 3.61
N ILE D 22 7.83 3.16 4.86
CA ILE D 22 9.00 2.65 5.58
C ILE D 22 8.99 1.14 5.67
N ALA D 23 7.85 0.57 5.97
CA ALA D 23 7.74 -0.88 6.09
C ALA D 23 7.87 -1.54 4.73
N TRP D 24 7.46 -0.83 3.71
CA TRP D 24 7.51 -1.36 2.35
C TRP D 24 8.91 -1.85 2.01
N THR D 25 9.89 -1.03 2.28
CA THR D 25 11.27 -1.38 1.97
C THR D 25 11.60 -2.78 2.48
N ILE D 26 11.14 -3.09 3.66
CA ILE D 26 11.42 -4.40 4.25
C ILE D 26 11.12 -5.53 3.26
N GLY D 27 10.13 -5.36 2.43
CA GLY D 27 9.79 -6.41 1.45
C GLY D 27 11.04 -6.82 0.66
N HIS D 28 11.74 -5.84 0.16
CA HIS D 28 12.93 -6.10 -0.65
C HIS D 28 13.79 -7.20 -0.05
N LEU D 29 13.67 -7.42 1.22
CA LEU D 29 14.48 -8.44 1.87
C LEU D 29 14.49 -9.76 1.08
N ASN D 30 13.45 -10.05 0.32
CA ASN D 30 13.43 -11.30 -0.46
C ASN D 30 14.38 -11.29 -1.68
N GLN D 31 14.64 -10.12 -2.23
CA GLN D 31 15.53 -10.03 -3.39
C GLN D 31 16.94 -10.48 -3.03
N ILE D 32 17.48 -9.89 -2.00
CA ILE D 32 18.83 -10.22 -1.54
C ILE D 32 19.02 -11.73 -1.52
N LYS D 33 18.64 -12.36 -0.44
CA LYS D 33 18.79 -13.80 -0.32
C LYS D 33 18.26 -14.51 -1.55
N ARG D 34 17.07 -14.14 -1.97
CA ARG D 34 16.45 -14.74 -3.15
C ARG D 34 16.19 -16.22 -2.90
N GLY D 35 17.24 -16.99 -2.84
CA GLY D 35 17.11 -18.43 -2.61
C GLY D 35 16.22 -19.07 -3.68
CA RIM E . -2.67 8.51 -0.56
CB RIM E . -3.55 8.91 0.63
NC RIM E . -2.68 9.15 1.82
CD RIM E . -4.39 10.19 0.35
CE1 RIM E . -4.84 10.78 1.67
CE2 RIM E . -5.64 9.82 -0.44
CE3 RIM E . -3.57 11.22 -0.45
CF1 RIM E . -5.69 12.03 1.43
CF2 RIM E . -6.48 11.08 -0.74
CF3 RIM E . -4.40 12.49 -0.65
CG1 RIM E . -6.92 11.68 0.59
CG2 RIM E . -5.63 12.13 -1.48
CG3 RIM E . -4.83 13.06 0.69
HA1 RIM E . -2.27 7.52 -0.39
HA2 RIM E . -1.85 9.21 -0.66
HA3 RIM E . -3.24 8.51 -1.46
HB RIM E . -4.22 8.09 0.86
HNC1 RIM E . -2.95 8.81 2.70
HNC2 RIM E . -1.81 9.58 1.70
HE11 RIM E . -3.98 11.05 2.27
HE12 RIM E . -5.43 10.05 2.19
HE21 RIM E . -6.22 9.14 0.15
HE22 RIM E . -5.36 9.35 -1.35
HE31 RIM E . -3.32 10.82 -1.42
HE32 RIM E . -2.67 11.45 0.09
HF1 RIM E . -6.00 12.44 2.40
HF2 RIM E . -7.35 10.81 -1.37
HF3 RIM E . -3.79 13.23 -1.18
HG11 RIM E . -7.52 10.95 1.12
HG12 RIM E . -7.49 12.59 0.40
HG21 RIM E . -5.30 11.72 -2.42
HG22 RIM E . -6.22 13.02 -1.62
HG31 RIM E . -3.96 13.28 1.29
HG32 RIM E . -5.43 13.95 0.53
N SER A 6 -20.30 17.82 0.00
CA SER A 6 -19.20 18.28 0.88
C SER A 6 -17.86 17.85 0.30
N ASP A 7 -17.92 16.95 -0.65
CA ASP A 7 -16.70 16.44 -1.29
C ASP A 7 -16.01 15.45 -0.37
N PRO A 8 -16.71 14.42 0.05
CA PRO A 8 -16.15 13.38 0.96
C PRO A 8 -15.10 12.52 0.25
N LEU A 9 -14.68 12.95 -0.90
CA LEU A 9 -13.67 12.20 -1.65
C LEU A 9 -12.40 12.00 -0.83
N VAL A 10 -12.09 12.95 0.01
CA VAL A 10 -10.89 12.88 0.85
C VAL A 10 -10.96 11.72 1.83
N VAL A 11 -12.12 11.47 2.35
CA VAL A 11 -12.29 10.39 3.32
C VAL A 11 -12.24 9.01 2.66
N ALA A 12 -12.69 8.89 1.43
CA ALA A 12 -12.71 7.58 0.78
C ALA A 12 -11.33 6.98 0.59
N ALA A 13 -10.41 7.70 -0.01
CA ALA A 13 -9.09 7.14 -0.21
C ALA A 13 -8.49 6.79 1.14
N SER A 14 -8.55 7.72 2.04
CA SER A 14 -8.04 7.52 3.38
C SER A 14 -8.59 6.21 3.95
N ILE A 15 -9.87 6.02 3.86
CA ILE A 15 -10.51 4.82 4.38
C ILE A 15 -9.83 3.55 3.86
N ILE A 16 -9.64 3.46 2.56
CA ILE A 16 -8.97 2.28 2.00
C ILE A 16 -7.58 2.13 2.62
N GLY A 17 -6.85 3.21 2.64
CA GLY A 17 -5.50 3.21 3.17
C GLY A 17 -5.43 2.51 4.54
N ILE A 18 -6.33 2.84 5.42
CA ILE A 18 -6.33 2.22 6.75
C ILE A 18 -6.75 0.74 6.67
N LEU A 19 -7.59 0.45 5.71
CA LEU A 19 -8.08 -0.92 5.54
C LEU A 19 -6.95 -1.90 5.26
N HIS A 20 -5.93 -1.42 4.60
CA HIS A 20 -4.79 -2.28 4.25
C HIS A 20 -3.93 -2.62 5.47
N PHE A 21 -3.89 -1.73 6.43
CA PHE A 21 -3.06 -1.94 7.62
C PHE A 21 -3.27 -3.31 8.25
N ILE A 22 -4.50 -3.69 8.49
CA ILE A 22 -4.79 -4.98 9.09
C ILE A 22 -4.26 -6.13 8.23
N ALA A 23 -4.30 -5.94 6.94
CA ALA A 23 -3.81 -6.95 6.03
C ALA A 23 -2.28 -7.03 6.06
N TRP A 24 -1.66 -5.93 6.33
CA TRP A 24 -0.20 -5.86 6.34
C TRP A 24 0.42 -6.74 7.43
N THR A 25 -0.05 -6.59 8.64
CA THR A 25 0.50 -7.35 9.77
C THR A 25 0.59 -8.85 9.50
N ILE A 26 -0.39 -9.43 8.87
CA ILE A 26 -0.34 -10.88 8.63
C ILE A 26 0.81 -11.24 7.68
N GLY A 27 0.99 -10.48 6.62
CA GLY A 27 2.07 -10.75 5.67
C GLY A 27 3.43 -10.62 6.33
N HIS A 28 3.54 -9.70 7.24
CA HIS A 28 4.80 -9.46 7.94
C HIS A 28 5.40 -10.78 8.45
N LEU A 29 4.57 -11.75 8.69
CA LEU A 29 5.03 -13.03 9.22
C LEU A 29 6.29 -13.51 8.48
N ASN A 30 6.42 -13.16 7.23
CA ASN A 30 7.59 -13.59 6.47
C ASN A 30 8.86 -12.98 7.06
N GLN A 31 8.88 -11.68 7.24
CA GLN A 31 10.05 -11.02 7.78
C GLN A 31 10.53 -11.70 9.05
N ILE A 32 9.63 -11.95 9.96
CA ILE A 32 9.99 -12.59 11.22
C ILE A 32 10.80 -13.87 10.97
N LYS A 33 10.28 -14.71 10.10
CA LYS A 33 10.97 -15.96 9.78
C LYS A 33 12.09 -15.72 8.76
N ARG A 34 11.71 -15.42 7.55
CA ARG A 34 12.70 -15.17 6.50
C ARG A 34 13.38 -13.82 6.71
N GLY A 35 14.68 -13.82 6.63
CA GLY A 35 15.45 -12.58 6.81
C GLY A 35 14.84 -11.43 6.02
N SER B 6 -7.87 22.54 -11.32
CA SER B 6 -8.40 21.58 -12.33
C SER B 6 -7.55 20.32 -12.32
N ASP B 7 -7.57 19.62 -11.23
CA ASP B 7 -6.79 18.39 -11.09
C ASP B 7 -7.34 17.51 -9.96
N PRO B 8 -8.35 16.72 -10.24
CA PRO B 8 -8.98 15.81 -9.22
C PRO B 8 -7.97 14.89 -8.53
N LEU B 9 -7.11 15.46 -7.74
CA LEU B 9 -6.11 14.70 -7.01
C LEU B 9 -6.77 13.81 -5.96
N VAL B 10 -7.73 14.36 -5.27
CA VAL B 10 -8.42 13.65 -4.22
C VAL B 10 -9.06 12.36 -4.72
N VAL B 11 -9.79 12.44 -5.80
CA VAL B 11 -10.44 11.26 -6.37
C VAL B 11 -9.40 10.33 -6.98
N ALA B 12 -8.28 10.88 -7.34
CA ALA B 12 -7.21 10.10 -7.95
C ALA B 12 -6.70 9.00 -7.02
N ALA B 13 -6.60 9.28 -5.74
CA ALA B 13 -6.10 8.24 -4.85
C ALA B 13 -7.14 7.14 -4.63
N SER B 14 -8.34 7.52 -4.23
CA SER B 14 -9.40 6.55 -3.96
C SER B 14 -9.67 5.61 -5.16
N ILE B 15 -9.61 6.14 -6.34
CA ILE B 15 -9.87 5.31 -7.52
C ILE B 15 -8.76 4.27 -7.69
N ILE B 16 -7.54 4.67 -7.44
CA ILE B 16 -6.41 3.77 -7.57
C ILE B 16 -6.40 2.74 -6.42
N GLY B 17 -6.64 3.18 -5.22
CA GLY B 17 -6.59 2.28 -4.06
C GLY B 17 -7.36 0.98 -4.26
N ILE B 18 -8.59 1.07 -4.67
CA ILE B 18 -9.37 -0.15 -4.87
C ILE B 18 -8.59 -1.13 -5.75
N LEU B 19 -7.77 -0.61 -6.63
CA LEU B 19 -6.98 -1.47 -7.51
C LEU B 19 -6.00 -2.29 -6.67
N HIS B 20 -5.26 -1.58 -5.86
CA HIS B 20 -4.25 -2.22 -5.01
C HIS B 20 -4.90 -3.25 -4.07
N PHE B 21 -6.13 -3.01 -3.70
CA PHE B 21 -6.84 -3.90 -2.78
C PHE B 21 -7.12 -5.27 -3.40
N ILE B 22 -7.60 -5.30 -4.62
CA ILE B 22 -7.92 -6.57 -5.26
C ILE B 22 -6.67 -7.37 -5.62
N ALA B 23 -5.62 -6.70 -6.00
CA ALA B 23 -4.38 -7.37 -6.36
C ALA B 23 -3.73 -7.99 -5.12
N TRP B 24 -4.03 -7.41 -4.00
CA TRP B 24 -3.48 -7.85 -2.72
C TRP B 24 -3.62 -9.36 -2.51
N THR B 25 -4.76 -9.88 -2.84
CA THR B 25 -5.02 -11.31 -2.63
C THR B 25 -3.86 -12.18 -3.12
N ILE B 26 -3.26 -11.82 -4.23
CA ILE B 26 -2.16 -12.63 -4.74
C ILE B 26 -1.13 -12.92 -3.64
N GLY B 27 -0.77 -11.91 -2.88
CA GLY B 27 0.21 -12.09 -1.81
C GLY B 27 -0.18 -13.24 -0.88
N HIS B 28 -1.39 -13.20 -0.39
CA HIS B 28 -1.90 -14.16 0.55
C HIS B 28 -1.50 -15.60 0.20
N LEU B 29 -1.20 -15.87 -1.04
CA LEU B 29 -0.78 -17.23 -1.38
C LEU B 29 0.32 -17.66 -0.39
N ASN B 30 1.31 -16.82 -0.26
CA ASN B 30 2.45 -17.07 0.63
C ASN B 30 1.99 -17.43 2.06
N GLN B 31 1.11 -16.64 2.60
CA GLN B 31 0.60 -16.85 3.95
C GLN B 31 0.32 -18.33 4.23
N ILE B 32 -0.91 -18.73 4.02
CA ILE B 32 -1.31 -20.13 4.28
C ILE B 32 -0.21 -21.12 3.93
N LYS B 33 0.19 -21.15 2.68
CA LYS B 33 1.24 -22.06 2.24
C LYS B 33 2.38 -22.11 3.25
N ARG B 34 2.87 -20.96 3.63
CA ARG B 34 3.97 -20.88 4.59
C ARG B 34 3.43 -20.92 6.02
N GLY B 35 2.54 -21.85 6.27
CA GLY B 35 1.96 -22.00 7.60
C GLY B 35 1.07 -23.23 7.67
N SER C 6 -2.53 26.83 -1.68
CA SER C 6 -3.19 26.10 -2.80
C SER C 6 -3.37 24.64 -2.43
N ASP C 7 -3.86 24.39 -1.24
CA ASP C 7 -4.09 23.04 -0.76
C ASP C 7 -2.93 22.12 -1.17
N PRO C 8 -1.73 22.51 -0.82
CA PRO C 8 -0.52 21.70 -1.15
C PRO C 8 -0.56 20.35 -0.45
N LEU C 9 -1.37 20.28 0.58
CA LEU C 9 -1.50 19.06 1.35
C LEU C 9 -2.03 17.90 0.50
N VAL C 10 -2.99 18.19 -0.33
CA VAL C 10 -3.62 17.18 -1.18
C VAL C 10 -2.67 16.66 -2.27
N VAL C 11 -2.01 17.55 -2.95
CA VAL C 11 -1.12 17.16 -4.04
C VAL C 11 0.16 16.48 -3.51
N ALA C 12 0.57 16.85 -2.33
CA ALA C 12 1.81 16.29 -1.78
C ALA C 12 1.69 14.81 -1.43
N ALA C 13 0.68 14.44 -0.68
CA ALA C 13 0.53 13.05 -0.30
C ALA C 13 0.12 12.20 -1.50
N SER C 14 -0.58 12.83 -2.40
CA SER C 14 -1.07 12.15 -3.59
C SER C 14 0.08 11.43 -4.31
N ILE C 15 1.15 12.12 -4.56
CA ILE C 15 2.28 11.54 -5.28
C ILE C 15 2.66 10.17 -4.74
N ILE C 16 2.41 9.96 -3.47
CA ILE C 16 2.74 8.67 -2.86
C ILE C 16 1.88 7.55 -3.47
N GLY C 17 0.62 7.84 -3.67
CA GLY C 17 -0.31 6.86 -4.21
C GLY C 17 0.23 6.13 -5.45
N ILE C 18 0.70 6.85 -6.42
CA ILE C 18 1.22 6.21 -7.64
C ILE C 18 2.53 5.48 -7.35
N LEU C 19 3.27 5.98 -6.40
CA LEU C 19 4.57 5.39 -6.05
C LEU C 19 4.42 3.94 -5.59
N HIS C 20 3.32 3.60 -4.99
CA HIS C 20 3.11 2.24 -4.51
C HIS C 20 2.89 1.26 -5.67
N PHE C 21 2.23 1.71 -6.70
CA PHE C 21 1.94 0.84 -7.85
C PHE C 21 3.22 0.34 -8.51
N ILE C 22 4.13 1.22 -8.83
CA ILE C 22 5.37 0.82 -9.48
C ILE C 22 6.18 -0.07 -8.56
N ALA C 23 6.05 0.13 -7.28
CA ALA C 23 6.77 -0.68 -6.32
C ALA C 23 6.14 -2.08 -6.25
N TRP C 24 4.85 -2.13 -6.39
CA TRP C 24 4.09 -3.38 -6.31
C TRP C 24 4.68 -4.48 -7.18
N THR C 25 4.92 -4.17 -8.42
CA THR C 25 5.47 -5.16 -9.35
C THR C 25 6.74 -5.81 -8.79
N ILE C 26 7.47 -5.13 -7.94
CA ILE C 26 8.70 -5.68 -7.38
C ILE C 26 8.41 -6.87 -6.44
N GLY C 27 7.35 -6.78 -5.69
CA GLY C 27 6.96 -7.84 -4.75
C GLY C 27 6.44 -9.07 -5.50
N HIS C 28 5.88 -8.84 -6.65
CA HIS C 28 5.32 -9.91 -7.47
C HIS C 28 6.38 -10.97 -7.83
N LEU C 29 7.62 -10.57 -7.90
CA LEU C 29 8.68 -11.50 -8.27
C LEU C 29 8.58 -12.84 -7.54
N ASN C 30 8.09 -12.84 -6.33
CA ASN C 30 7.96 -14.11 -5.62
C ASN C 30 6.89 -14.99 -6.29
N GLN C 31 5.73 -14.45 -6.50
CA GLN C 31 4.63 -15.20 -7.12
C GLN C 31 5.11 -16.07 -8.28
N ILE C 32 5.87 -15.49 -9.18
CA ILE C 32 6.35 -16.24 -10.34
C ILE C 32 7.32 -17.35 -9.95
N LYS C 33 7.95 -17.20 -8.81
CA LYS C 33 8.91 -18.22 -8.35
C LYS C 33 8.21 -19.54 -8.11
N ARG C 34 7.10 -19.50 -7.42
CA ARG C 34 6.35 -20.70 -7.11
C ARG C 34 5.75 -21.30 -8.38
N GLY C 35 5.79 -22.60 -8.50
CA GLY C 35 5.25 -23.27 -9.68
C GLY C 35 6.16 -23.06 -10.88
N SER D 6 -12.18 23.44 8.87
CA SER D 6 -12.60 22.03 9.08
C SER D 6 -11.45 21.25 9.72
N ASP D 7 -11.66 19.97 9.90
CA ASP D 7 -10.64 19.12 10.51
C ASP D 7 -9.63 18.67 9.44
N PRO D 8 -8.36 19.01 9.55
CA PRO D 8 -7.31 18.60 8.55
C PRO D 8 -7.42 17.12 8.14
N LEU D 9 -8.42 16.81 7.38
CA LEU D 9 -8.66 15.44 6.92
C LEU D 9 -7.53 15.01 5.98
N VAL D 10 -7.15 15.92 5.11
CA VAL D 10 -6.11 15.65 4.12
C VAL D 10 -4.78 15.24 4.76
N VAL D 11 -4.30 16.01 5.71
CA VAL D 11 -3.03 15.72 6.37
C VAL D 11 -3.13 14.53 7.33
N ALA D 12 -4.31 14.30 7.83
CA ALA D 12 -4.53 13.23 8.79
C ALA D 12 -4.35 11.85 8.15
N ALA D 13 -4.96 11.66 7.01
CA ALA D 13 -4.85 10.37 6.35
C ALA D 13 -3.43 10.16 5.83
N SER D 14 -2.94 11.11 5.10
CA SER D 14 -1.61 11.03 4.50
C SER D 14 -0.54 10.58 5.50
N ILE D 15 -0.61 11.02 6.73
CA ILE D 15 0.40 10.66 7.72
C ILE D 15 0.64 9.14 7.75
N ILE D 16 -0.35 8.37 7.43
CA ILE D 16 -0.21 6.91 7.38
C ILE D 16 0.60 6.50 6.15
N GLY D 17 0.58 7.35 5.16
CA GLY D 17 1.27 7.10 3.90
C GLY D 17 2.72 6.67 4.10
N ILE D 18 3.45 7.40 4.89
CA ILE D 18 4.86 7.07 5.12
C ILE D 18 5.02 5.75 5.86
N LEU D 19 4.06 5.41 6.68
CA LEU D 19 4.12 4.16 7.43
C LEU D 19 4.27 2.97 6.49
N HIS D 20 3.43 2.92 5.51
CA HIS D 20 3.46 1.82 4.54
C HIS D 20 4.73 1.86 3.70
N PHE D 21 5.26 3.03 3.48
CA PHE D 21 6.47 3.19 2.67
C PHE D 21 7.69 2.60 3.38
N ILE D 22 7.88 2.96 4.62
CA ILE D 22 9.03 2.47 5.39
C ILE D 22 8.96 0.96 5.59
N ALA D 23 7.78 0.46 5.83
CA ALA D 23 7.59 -0.96 6.03
C ALA D 23 7.81 -1.72 4.74
N TRP D 24 7.59 -1.06 3.64
CA TRP D 24 7.74 -1.68 2.33
C TRP D 24 9.16 -2.19 2.09
N THR D 25 10.11 -1.33 2.34
CA THR D 25 11.53 -1.64 2.09
C THR D 25 11.98 -2.99 2.61
N ILE D 26 11.56 -3.39 3.77
CA ILE D 26 12.00 -4.69 4.28
C ILE D 26 11.61 -5.82 3.32
N GLY D 27 10.55 -5.63 2.57
CA GLY D 27 10.09 -6.65 1.63
C GLY D 27 11.25 -7.19 0.79
N HIS D 28 12.02 -6.30 0.20
CA HIS D 28 13.13 -6.69 -0.67
C HIS D 28 13.90 -7.86 -0.10
N LEU D 29 13.79 -8.09 1.18
CA LEU D 29 14.49 -9.20 1.81
C LEU D 29 14.32 -10.48 0.98
N ASN D 30 13.24 -10.58 0.25
CA ASN D 30 12.98 -11.75 -0.58
C ASN D 30 14.00 -11.91 -1.73
N GLN D 31 14.45 -10.80 -2.28
CA GLN D 31 15.42 -10.84 -3.38
C GLN D 31 16.75 -11.41 -2.90
N ILE D 32 17.35 -10.78 -1.92
CA ILE D 32 18.63 -11.21 -1.39
C ILE D 32 18.70 -12.73 -1.33
N LYS D 33 18.15 -13.31 -0.29
CA LYS D 33 18.16 -14.75 -0.14
C LYS D 33 17.63 -15.42 -1.41
N ARG D 34 16.64 -14.80 -2.00
CA ARG D 34 16.05 -15.33 -3.23
C ARG D 34 15.42 -16.70 -2.96
N GLY D 35 16.24 -17.69 -2.74
CA GLY D 35 15.75 -19.03 -2.47
C GLY D 35 14.81 -19.50 -3.58
CA RIM E . -4.18 7.45 1.42
CB RIM E . -3.35 8.72 1.21
NC RIM E . -2.36 8.47 0.12
CD RIM E . -4.22 9.95 0.82
CE1 RIM E . -4.84 10.56 2.08
CE2 RIM E . -5.36 9.56 -0.12
CE3 RIM E . -3.33 10.99 0.14
CF1 RIM E . -5.67 11.80 1.71
CF2 RIM E . -6.17 10.80 -0.54
CF3 RIM E . -4.13 12.24 -0.21
CG1 RIM E . -6.77 11.41 0.73
CG2 RIM E . -5.24 11.85 -1.18
CG3 RIM E . -4.75 12.82 1.05
HA1 RIM E . -3.56 6.69 1.87
HA2 RIM E . -4.54 7.09 0.47
HA3 RIM E . -5.01 7.66 2.08
HB RIM E . -2.81 8.95 2.12
HNC1 RIM E . -1.61 9.08 -0.03
HNC2 RIM E . -2.41 7.63 -0.39
HE11 RIM E . -4.05 10.84 2.77
HE12 RIM E . -5.49 9.84 2.55
HE21 RIM E . -6.01 8.88 0.39
HE22 RIM E . -4.95 9.08 -0.99
HE31 RIM E . -2.91 10.58 -0.76
HE32 RIM E . -2.54 11.24 0.82
HF1 RIM E . -6.09 12.21 2.63
HF2 RIM E . -6.97 10.52 -1.25
HF3 RIM E . -3.46 12.98 -0.67
HG11 RIM E . -7.41 10.66 1.21
HG12 RIM E . -7.34 12.30 0.46
HG21 RIM E . -4.80 11.42 -2.07
HG22 RIM E . -5.82 12.73 -1.42
HG31 RIM E . -3.95 13.09 1.74
HG32 RIM E . -5.35 13.69 0.79
N SER A 6 -19.86 17.75 1.55
CA SER A 6 -18.62 18.48 1.90
C SER A 6 -17.44 17.90 1.12
N ASP A 7 -17.75 17.08 0.14
CA ASP A 7 -16.73 16.43 -0.68
C ASP A 7 -16.14 15.25 0.10
N PRO A 8 -16.97 14.33 0.52
CA PRO A 8 -16.50 13.14 1.30
C PRO A 8 -15.48 12.30 0.53
N LEU A 9 -15.10 12.75 -0.63
CA LEU A 9 -14.13 12.02 -1.44
C LEU A 9 -12.80 11.91 -0.70
N VAL A 10 -12.50 12.88 0.11
CA VAL A 10 -11.24 12.89 0.85
C VAL A 10 -11.17 11.71 1.81
N VAL A 11 -12.27 11.41 2.44
CA VAL A 11 -12.31 10.30 3.39
C VAL A 11 -12.24 8.93 2.71
N ALA A 12 -12.82 8.79 1.53
CA ALA A 12 -12.84 7.50 0.86
C ALA A 12 -11.44 6.95 0.58
N ALA A 13 -10.59 7.71 -0.06
CA ALA A 13 -9.26 7.21 -0.34
C ALA A 13 -8.58 6.83 0.95
N SER A 14 -8.61 7.74 1.88
CA SER A 14 -8.02 7.52 3.19
C SER A 14 -8.53 6.20 3.78
N ILE A 15 -9.83 6.02 3.76
CA ILE A 15 -10.43 4.81 4.33
C ILE A 15 -9.73 3.55 3.80
N ILE A 16 -9.58 3.44 2.50
CA ILE A 16 -8.92 2.26 1.95
C ILE A 16 -7.50 2.16 2.54
N GLY A 17 -6.83 3.27 2.55
CA GLY A 17 -5.46 3.34 3.05
C GLY A 17 -5.33 2.65 4.41
N ILE A 18 -6.20 2.98 5.34
CA ILE A 18 -6.14 2.39 6.68
C ILE A 18 -6.54 0.91 6.63
N LEU A 19 -7.40 0.59 5.71
CA LEU A 19 -7.89 -0.78 5.56
C LEU A 19 -6.76 -1.77 5.27
N HIS A 20 -5.76 -1.32 4.54
CA HIS A 20 -4.64 -2.20 4.18
C HIS A 20 -3.74 -2.50 5.38
N PHE A 21 -3.65 -1.59 6.31
CA PHE A 21 -2.77 -1.79 7.47
C PHE A 21 -3.07 -3.10 8.19
N ILE A 22 -4.30 -3.33 8.53
CA ILE A 22 -4.66 -4.56 9.24
C ILE A 22 -4.20 -5.78 8.43
N ALA A 23 -4.22 -5.65 7.14
CA ALA A 23 -3.78 -6.73 6.27
C ALA A 23 -2.26 -6.88 6.32
N TRP A 24 -1.58 -5.81 6.55
CA TRP A 24 -0.13 -5.81 6.56
C TRP A 24 0.46 -6.77 7.60
N THR A 25 0.01 -6.66 8.80
CA THR A 25 0.52 -7.48 9.90
C THR A 25 0.56 -8.97 9.56
N ILE A 26 -0.48 -9.50 8.95
CA ILE A 26 -0.50 -10.93 8.64
C ILE A 26 0.57 -11.30 7.60
N GLY A 27 0.70 -10.51 6.57
CA GLY A 27 1.69 -10.78 5.52
C GLY A 27 3.10 -10.73 6.09
N HIS A 28 3.28 -9.93 7.10
CA HIS A 28 4.57 -9.78 7.74
C HIS A 28 5.19 -11.14 8.03
N LEU A 29 4.36 -12.12 8.20
CA LEU A 29 4.83 -13.46 8.56
C LEU A 29 6.06 -13.88 7.75
N ASN A 30 6.18 -13.44 6.53
CA ASN A 30 7.35 -13.83 5.75
C ASN A 30 8.62 -13.39 6.48
N GLN A 31 8.68 -12.15 6.86
CA GLN A 31 9.84 -11.62 7.57
C GLN A 31 10.18 -12.50 8.76
N ILE A 32 9.25 -12.66 9.66
CA ILE A 32 9.47 -13.46 10.85
C ILE A 32 10.08 -14.82 10.47
N LYS A 33 9.46 -15.49 9.53
CA LYS A 33 9.96 -16.79 9.09
C LYS A 33 11.28 -16.63 8.32
N ARG A 34 11.19 -16.10 7.14
CA ARG A 34 12.38 -15.90 6.31
C ARG A 34 13.17 -14.69 6.79
N GLY A 35 14.42 -14.89 7.10
CA GLY A 35 15.28 -13.81 7.56
C GLY A 35 15.65 -12.87 6.42
N SER B 6 -7.95 21.62 -11.27
CA SER B 6 -8.89 21.34 -12.38
C SER B 6 -9.29 19.87 -12.36
N ASP B 7 -8.34 19.02 -12.11
CA ASP B 7 -8.59 17.58 -12.06
C ASP B 7 -8.75 17.12 -10.61
N PRO B 8 -9.95 16.77 -10.17
CA PRO B 8 -10.19 16.31 -8.77
C PRO B 8 -9.13 15.34 -8.27
N LEU B 9 -8.01 15.88 -7.85
CA LEU B 9 -6.94 15.05 -7.32
C LEU B 9 -7.48 14.16 -6.21
N VAL B 10 -8.37 14.72 -5.43
CA VAL B 10 -8.97 14.01 -4.32
C VAL B 10 -9.64 12.72 -4.77
N VAL B 11 -10.46 12.79 -5.79
CA VAL B 11 -11.15 11.62 -6.30
C VAL B 11 -10.18 10.68 -7.02
N ALA B 12 -9.12 11.25 -7.53
CA ALA B 12 -8.12 10.51 -8.29
C ALA B 12 -7.40 9.45 -7.46
N ALA B 13 -7.18 9.71 -6.19
CA ALA B 13 -6.49 8.71 -5.38
C ALA B 13 -7.39 7.51 -5.07
N SER B 14 -8.57 7.80 -4.58
CA SER B 14 -9.53 6.76 -4.22
C SER B 14 -9.69 5.72 -5.32
N ILE B 15 -9.43 6.11 -6.54
CA ILE B 15 -9.56 5.17 -7.65
C ILE B 15 -8.47 4.08 -7.58
N ILE B 16 -7.30 4.46 -7.15
CA ILE B 16 -6.19 3.51 -7.04
C ILE B 16 -6.41 2.52 -5.89
N GLY B 17 -6.81 3.01 -4.74
CA GLY B 17 -6.96 2.15 -3.57
C GLY B 17 -7.67 0.83 -3.88
N ILE B 18 -8.78 0.89 -4.58
CA ILE B 18 -9.48 -0.36 -4.88
C ILE B 18 -8.58 -1.27 -5.72
N LEU B 19 -7.83 -0.68 -6.63
CA LEU B 19 -6.91 -1.45 -7.46
C LEU B 19 -5.85 -2.09 -6.58
N HIS B 20 -5.32 -1.30 -5.69
CA HIS B 20 -4.27 -1.74 -4.78
C HIS B 20 -4.81 -2.84 -3.85
N PHE B 21 -6.07 -2.75 -3.49
CA PHE B 21 -6.67 -3.73 -2.59
C PHE B 21 -6.86 -5.11 -3.25
N ILE B 22 -7.27 -5.15 -4.48
CA ILE B 22 -7.51 -6.44 -5.15
C ILE B 22 -6.22 -7.21 -5.43
N ALA B 23 -5.18 -6.52 -5.79
CA ALA B 23 -3.91 -7.18 -6.08
C ALA B 23 -3.30 -7.76 -4.80
N TRP B 24 -3.62 -7.13 -3.71
CA TRP B 24 -3.10 -7.54 -2.41
C TRP B 24 -3.31 -9.02 -2.14
N THR B 25 -4.51 -9.48 -2.33
CA THR B 25 -4.83 -10.88 -2.05
C THR B 25 -3.80 -11.81 -2.67
N ILE B 26 -3.35 -11.47 -3.83
CA ILE B 26 -2.38 -12.30 -4.53
C ILE B 26 -1.20 -12.70 -3.62
N GLY B 27 -0.79 -11.82 -2.74
CA GLY B 27 0.32 -12.15 -1.83
C GLY B 27 -0.06 -13.31 -0.92
N HIS B 28 -1.21 -13.19 -0.33
CA HIS B 28 -1.71 -14.21 0.61
C HIS B 28 -1.46 -15.61 0.09
N LEU B 29 -1.34 -15.76 -1.21
CA LEU B 29 -1.13 -17.08 -1.77
C LEU B 29 -0.05 -17.85 -1.02
N ASN B 30 0.90 -17.18 -0.41
CA ASN B 30 1.95 -17.87 0.35
C ASN B 30 1.45 -18.41 1.71
N GLN B 31 0.47 -17.76 2.30
CA GLN B 31 -0.05 -18.17 3.60
C GLN B 31 -0.27 -19.68 3.66
N ILE B 32 -1.47 -20.11 3.30
CA ILE B 32 -1.81 -21.52 3.33
C ILE B 32 -0.61 -22.41 3.00
N LYS B 33 -0.13 -22.32 1.79
CA LYS B 33 1.04 -23.11 1.37
C LYS B 33 2.05 -23.23 2.50
N ARG B 34 2.46 -22.12 3.05
CA ARG B 34 3.42 -22.11 4.13
C ARG B 34 2.79 -22.64 5.42
N GLY B 35 1.56 -22.27 5.65
CA GLY B 35 0.85 -22.72 6.85
C GLY B 35 -0.65 -22.38 6.75
N SER C 6 -3.40 26.99 -2.02
CA SER C 6 -3.36 26.18 -3.28
C SER C 6 -3.50 24.71 -2.92
N ASP C 7 -3.90 24.44 -1.70
CA ASP C 7 -4.09 23.08 -1.24
C ASP C 7 -2.96 22.17 -1.73
N PRO C 8 -1.74 22.55 -1.46
CA PRO C 8 -0.55 21.76 -1.88
C PRO C 8 -0.56 20.40 -1.19
N LEU C 9 -1.28 20.33 -0.10
CA LEU C 9 -1.36 19.10 0.67
C LEU C 9 -2.06 17.98 -0.12
N VAL C 10 -3.11 18.31 -0.81
CA VAL C 10 -3.87 17.31 -1.57
C VAL C 10 -3.06 16.72 -2.73
N VAL C 11 -2.41 17.55 -3.48
CA VAL C 11 -1.62 17.07 -4.62
C VAL C 11 -0.36 16.34 -4.18
N ALA C 12 0.29 16.84 -3.17
CA ALA C 12 1.52 16.26 -2.66
C ALA C 12 1.31 14.93 -1.96
N ALA C 13 0.15 14.71 -1.39
CA ALA C 13 -0.09 13.47 -0.67
C ALA C 13 -0.26 12.27 -1.61
N SER C 14 -0.92 12.46 -2.73
CA SER C 14 -1.14 11.36 -3.67
C SER C 14 0.18 10.87 -4.27
N ILE C 15 1.13 11.75 -4.34
CA ILE C 15 2.43 11.43 -4.91
C ILE C 15 2.94 10.10 -4.37
N ILE C 16 2.84 9.89 -3.08
CA ILE C 16 3.28 8.64 -2.50
C ILE C 16 2.41 7.48 -3.02
N GLY C 17 1.14 7.73 -3.09
CA GLY C 17 0.18 6.71 -3.54
C GLY C 17 0.62 6.04 -4.83
N ILE C 18 0.96 6.81 -5.83
CA ILE C 18 1.38 6.23 -7.10
C ILE C 18 2.75 5.57 -6.99
N LEU C 19 3.57 6.06 -6.11
CA LEU C 19 4.91 5.52 -5.92
C LEU C 19 4.88 4.05 -5.50
N HIS C 20 3.86 3.67 -4.77
CA HIS C 20 3.77 2.28 -4.32
C HIS C 20 3.43 1.32 -5.45
N PHE C 21 2.69 1.78 -6.43
CA PHE C 21 2.31 0.91 -7.55
C PHE C 21 3.53 0.40 -8.32
N ILE C 22 4.40 1.29 -8.71
CA ILE C 22 5.58 0.88 -9.47
C ILE C 22 6.47 -0.02 -8.62
N ALA C 23 6.44 0.17 -7.33
CA ALA C 23 7.24 -0.66 -6.45
C ALA C 23 6.62 -2.06 -6.36
N TRP C 24 5.33 -2.12 -6.47
CA TRP C 24 4.59 -3.38 -6.36
C TRP C 24 5.20 -4.48 -7.23
N THR C 25 5.40 -4.19 -8.47
CA THR C 25 5.96 -5.16 -9.40
C THR C 25 7.26 -5.78 -8.86
N ILE C 26 7.99 -5.04 -8.04
CA ILE C 26 9.25 -5.55 -7.50
C ILE C 26 9.00 -6.70 -6.50
N GLY C 27 8.04 -6.51 -5.64
CA GLY C 27 7.70 -7.52 -4.62
C GLY C 27 7.00 -8.73 -5.25
N HIS C 28 6.32 -8.49 -6.32
CA HIS C 28 5.59 -9.55 -7.01
C HIS C 28 6.49 -10.73 -7.38
N LEU C 29 7.76 -10.47 -7.59
CA LEU C 29 8.69 -11.53 -8.02
C LEU C 29 8.54 -12.81 -7.20
N ASN C 30 8.15 -12.73 -5.97
CA ASN C 30 8.00 -13.96 -5.18
C ASN C 30 6.86 -14.84 -5.72
N GLN C 31 5.69 -14.26 -5.88
CA GLN C 31 4.54 -15.01 -6.36
C GLN C 31 4.88 -15.86 -7.59
N ILE C 32 5.43 -15.24 -8.60
CA ILE C 32 5.77 -15.97 -9.83
C ILE C 32 6.75 -17.10 -9.54
N LYS C 33 7.62 -16.90 -8.58
CA LYS C 33 8.59 -17.92 -8.23
C LYS C 33 7.90 -19.21 -7.78
N ARG C 34 6.83 -19.05 -7.04
CA ARG C 34 6.08 -20.20 -6.56
C ARG C 34 5.78 -21.16 -7.71
N GLY C 35 6.00 -22.43 -7.48
CA GLY C 35 5.75 -23.43 -8.50
C GLY C 35 6.78 -23.35 -9.61
N SER D 6 -12.76 22.95 10.17
CA SER D 6 -12.62 21.63 9.49
C SER D 6 -11.36 20.93 10.01
N ASP D 7 -11.48 19.66 10.28
CA ASP D 7 -10.36 18.89 10.79
C ASP D 7 -9.46 18.45 9.64
N PRO D 8 -8.18 18.84 9.63
CA PRO D 8 -7.23 18.45 8.54
C PRO D 8 -7.36 16.98 8.11
N LEU D 9 -8.41 16.68 7.40
CA LEU D 9 -8.66 15.33 6.93
C LEU D 9 -7.60 14.93 5.90
N VAL D 10 -7.29 15.85 5.03
CA VAL D 10 -6.30 15.61 3.97
C VAL D 10 -4.93 15.20 4.52
N VAL D 11 -4.40 15.96 5.45
CA VAL D 11 -3.09 15.64 6.03
C VAL D 11 -3.14 14.43 6.96
N ALA D 12 -4.28 14.17 7.52
CA ALA D 12 -4.45 13.06 8.44
C ALA D 12 -4.18 11.72 7.78
N ALA D 13 -4.60 11.58 6.55
CA ALA D 13 -4.38 10.33 5.84
C ALA D 13 -2.90 10.19 5.46
N SER D 14 -2.39 11.19 4.81
CA SER D 14 -1.00 11.21 4.36
C SER D 14 0.00 10.83 5.44
N ILE D 15 -0.35 11.11 6.67
CA ILE D 15 0.55 10.80 7.78
C ILE D 15 0.86 9.30 7.80
N ILE D 16 -0.10 8.50 7.47
CA ILE D 16 0.09 7.06 7.44
C ILE D 16 1.02 6.65 6.30
N GLY D 17 0.99 7.37 5.22
CA GLY D 17 1.78 7.02 4.03
C GLY D 17 3.22 6.66 4.35
N ILE D 18 3.89 7.42 5.17
CA ILE D 18 5.28 7.10 5.48
C ILE D 18 5.39 5.75 6.20
N LEU D 19 4.37 5.41 6.94
CA LEU D 19 4.36 4.16 7.69
C LEU D 19 4.48 2.97 6.74
N HIS D 20 3.64 2.96 5.74
CA HIS D 20 3.64 1.87 4.76
C HIS D 20 4.91 1.89 3.91
N PHE D 21 5.44 3.07 3.69
CA PHE D 21 6.65 3.20 2.88
C PHE D 21 7.87 2.59 3.57
N ILE D 22 8.05 2.89 4.83
CA ILE D 22 9.20 2.37 5.57
C ILE D 22 9.14 0.85 5.71
N ALA D 23 7.97 0.34 6.01
CA ALA D 23 7.79 -1.09 6.18
C ALA D 23 7.95 -1.81 4.85
N TRP D 24 7.68 -1.12 3.79
CA TRP D 24 7.79 -1.71 2.46
C TRP D 24 9.23 -2.15 2.16
N THR D 25 10.16 -1.29 2.43
CA THR D 25 11.57 -1.55 2.13
C THR D 25 12.04 -2.92 2.60
N ILE D 26 11.74 -3.30 3.81
CA ILE D 26 12.20 -4.61 4.30
C ILE D 26 11.72 -5.74 3.40
N GLY D 27 10.61 -5.57 2.75
CA GLY D 27 10.09 -6.64 1.87
C GLY D 27 11.20 -7.16 0.95
N HIS D 28 11.87 -6.27 0.29
CA HIS D 28 12.91 -6.65 -0.66
C HIS D 28 13.79 -7.78 -0.10
N LEU D 29 13.83 -7.90 1.18
CA LEU D 29 14.65 -8.93 1.80
C LEU D 29 14.48 -10.29 1.11
N ASN D 30 13.36 -10.55 0.45
CA ASN D 30 13.17 -11.84 -0.22
C ASN D 30 14.05 -11.99 -1.49
N GLN D 31 14.37 -10.90 -2.14
CA GLN D 31 15.20 -10.95 -3.35
C GLN D 31 16.64 -11.31 -3.01
N ILE D 32 17.15 -10.69 -1.98
CA ILE D 32 18.52 -10.95 -1.55
C ILE D 32 18.79 -12.45 -1.55
N LYS D 33 18.51 -13.10 -0.46
CA LYS D 33 18.73 -14.54 -0.35
C LYS D 33 18.21 -15.26 -1.59
N ARG D 34 17.04 -14.86 -2.04
CA ARG D 34 16.45 -15.47 -3.22
C ARG D 34 16.16 -16.94 -2.97
N GLY D 35 17.18 -17.74 -2.88
CA GLY D 35 17.03 -19.17 -2.63
C GLY D 35 16.51 -19.87 -3.88
CA RIM E . -2.28 9.11 1.10
CB RIM E . -3.37 8.97 0.03
NC RIM E . -4.17 7.75 0.32
CD RIM E . -4.30 10.21 -0.04
CE1 RIM E . -4.64 10.73 1.36
CE2 RIM E . -5.61 9.78 -0.69
CE3 RIM E . -3.66 11.30 -0.89
CF1 RIM E . -5.60 11.91 1.25
CF2 RIM E . -6.55 10.99 -0.88
CF3 RIM E . -4.57 12.52 -0.95
CG1 RIM E . -6.89 11.50 0.52
CG2 RIM E . -5.85 12.12 -1.65
CG3 RIM E . -4.92 13.01 0.46
HA1 RIM E . -1.54 8.34 0.97
HA2 RIM E . -2.73 9.00 2.08
HA3 RIM E . -1.82 10.08 1.03
HB RIM E . -2.88 8.83 -0.94
HNC1 RIM E . -4.60 7.26 -0.41
HNC2 RIM E . -4.30 7.46 1.25
HE11 RIM E . -3.75 11.06 1.86
HE12 RIM E . -5.11 9.93 1.93
HE21 RIM E . -6.09 9.07 -0.05
HE22 RIM E . -5.40 9.33 -1.62
HE31 RIM E . -3.51 10.93 -1.88
HE32 RIM E . -2.71 11.56 -0.47
HF1 RIM E . -5.84 12.27 2.26
HF2 RIM E . -7.46 10.67 -1.44
HF3 RIM E . -4.07 13.32 -1.50
HG11 RIM E . -7.38 10.71 1.08
HG12 RIM E . -7.54 12.37 0.42
HG21 RIM E . -5.61 11.77 -2.64
HG22 RIM E . -6.52 12.97 -1.69
HG31 RIM E . -3.99 13.30 0.98
HG32 RIM E . -5.58 13.86 0.38
N SER A 6 -19.34 18.05 0.87
CA SER A 6 -18.20 17.94 1.82
C SER A 6 -17.06 17.16 1.18
N ASP A 7 -17.07 17.09 -0.12
CA ASP A 7 -16.03 16.38 -0.86
C ASP A 7 -15.73 15.05 -0.17
N PRO A 8 -16.74 14.26 0.08
CA PRO A 8 -16.56 12.94 0.76
C PRO A 8 -15.46 12.11 0.11
N LEU A 9 -14.96 12.58 -0.99
CA LEU A 9 -13.90 11.86 -1.71
C LEU A 9 -12.61 11.78 -0.87
N VAL A 10 -12.38 12.75 -0.04
CA VAL A 10 -11.17 12.77 0.77
C VAL A 10 -11.14 11.61 1.76
N VAL A 11 -12.26 11.33 2.35
CA VAL A 11 -12.34 10.25 3.32
C VAL A 11 -12.26 8.86 2.67
N ALA A 12 -12.80 8.72 1.48
CA ALA A 12 -12.81 7.40 0.82
C ALA A 12 -11.40 6.84 0.61
N ALA A 13 -10.52 7.58 0.00
CA ALA A 13 -9.18 7.06 -0.23
C ALA A 13 -8.54 6.70 1.10
N SER A 14 -8.60 7.63 2.00
CA SER A 14 -8.05 7.43 3.34
C SER A 14 -8.58 6.14 3.96
N ILE A 15 -9.88 5.98 3.92
CA ILE A 15 -10.51 4.78 4.51
C ILE A 15 -9.83 3.49 4.04
N ILE A 16 -9.61 3.36 2.76
CA ILE A 16 -8.94 2.15 2.26
C ILE A 16 -7.54 2.05 2.87
N GLY A 17 -6.88 3.17 2.90
CA GLY A 17 -5.52 3.21 3.44
C GLY A 17 -5.42 2.48 4.77
N ILE A 18 -6.30 2.78 5.69
CA ILE A 18 -6.28 2.12 6.98
C ILE A 18 -6.69 0.66 6.87
N LEU A 19 -7.54 0.38 5.91
CA LEU A 19 -8.03 -0.98 5.70
C LEU A 19 -6.87 -1.95 5.40
N HIS A 20 -5.86 -1.48 4.74
CA HIS A 20 -4.72 -2.32 4.39
C HIS A 20 -3.82 -2.64 5.60
N PHE A 21 -3.78 -1.75 6.55
CA PHE A 21 -2.91 -1.94 7.73
C PHE A 21 -3.13 -3.30 8.39
N ILE A 22 -4.36 -3.62 8.70
CA ILE A 22 -4.65 -4.90 9.35
C ILE A 22 -4.15 -6.07 8.51
N ALA A 23 -4.20 -5.90 7.23
CA ALA A 23 -3.74 -6.93 6.31
C ALA A 23 -2.21 -7.03 6.33
N TRP A 24 -1.57 -5.94 6.62
CA TRP A 24 -0.11 -5.87 6.61
C TRP A 24 0.53 -6.76 7.68
N THR A 25 0.10 -6.59 8.90
CA THR A 25 0.68 -7.35 10.01
C THR A 25 0.71 -8.85 9.76
N ILE A 26 -0.32 -9.40 9.16
CA ILE A 26 -0.33 -10.85 8.93
C ILE A 26 0.80 -11.26 7.99
N GLY A 27 1.01 -10.52 6.93
CA GLY A 27 2.06 -10.83 5.96
C GLY A 27 3.45 -10.68 6.57
N HIS A 28 3.56 -9.79 7.51
CA HIS A 28 4.84 -9.53 8.17
C HIS A 28 5.51 -10.84 8.61
N LEU A 29 4.71 -11.84 8.85
CA LEU A 29 5.24 -13.12 9.33
C LEU A 29 6.48 -13.53 8.53
N ASN A 30 6.57 -13.13 7.30
CA ASN A 30 7.73 -13.48 6.49
C ASN A 30 9.01 -12.91 7.10
N GLN A 31 9.01 -11.63 7.36
CA GLN A 31 10.17 -10.97 7.94
C GLN A 31 10.69 -11.75 9.15
N ILE A 32 9.81 -12.02 10.08
CA ILE A 32 10.19 -12.76 11.28
C ILE A 32 11.07 -13.95 10.93
N LYS A 33 10.56 -14.83 10.11
CA LYS A 33 11.32 -16.02 9.70
C LYS A 33 12.35 -15.65 8.64
N ARG A 34 11.89 -15.40 7.44
CA ARG A 34 12.79 -15.05 6.36
C ARG A 34 13.40 -13.66 6.59
N GLY A 35 14.70 -13.57 6.49
CA GLY A 35 15.39 -12.31 6.69
C GLY A 35 14.77 -11.20 5.85
N SER B 6 -6.10 21.45 -10.73
CA SER B 6 -7.28 21.45 -11.63
C SER B 6 -7.76 20.01 -11.83
N ASP B 7 -6.86 19.07 -11.68
CA ASP B 7 -7.18 17.66 -11.86
C ASP B 7 -7.61 17.05 -10.52
N PRO B 8 -8.86 16.60 -10.38
CA PRO B 8 -9.35 15.99 -9.11
C PRO B 8 -8.34 15.03 -8.47
N LEU B 9 -7.37 15.58 -7.81
CA LEU B 9 -6.35 14.76 -7.14
C LEU B 9 -7.01 13.91 -6.06
N VAL B 10 -7.93 14.50 -5.35
CA VAL B 10 -8.62 13.81 -4.28
C VAL B 10 -9.27 12.52 -4.76
N VAL B 11 -9.99 12.59 -5.84
CA VAL B 11 -10.66 11.42 -6.38
C VAL B 11 -9.67 10.44 -7.00
N ALA B 12 -8.54 10.95 -7.41
CA ALA B 12 -7.52 10.12 -8.04
C ALA B 12 -6.98 9.04 -7.10
N ALA B 13 -6.88 9.31 -5.83
CA ALA B 13 -6.36 8.27 -4.93
C ALA B 13 -7.38 7.14 -4.75
N SER B 14 -8.57 7.49 -4.33
CA SER B 14 -9.62 6.50 -4.10
C SER B 14 -9.84 5.62 -5.33
N ILE B 15 -9.58 6.17 -6.48
CA ILE B 15 -9.75 5.43 -7.72
C ILE B 15 -8.72 4.30 -7.80
N ILE B 16 -7.50 4.60 -7.47
CA ILE B 16 -6.44 3.61 -7.52
C ILE B 16 -6.63 2.55 -6.42
N GLY B 17 -7.04 2.96 -5.26
CA GLY B 17 -7.17 2.03 -4.13
C GLY B 17 -7.91 0.75 -4.50
N ILE B 18 -8.99 0.83 -5.24
CA ILE B 18 -9.70 -0.40 -5.60
C ILE B 18 -8.72 -1.37 -6.25
N LEU B 19 -7.83 -0.85 -7.05
CA LEU B 19 -6.82 -1.68 -7.71
C LEU B 19 -5.86 -2.24 -6.66
N HIS B 20 -5.57 -1.43 -5.68
CA HIS B 20 -4.66 -1.78 -4.59
C HIS B 20 -5.21 -2.95 -3.76
N PHE B 21 -6.48 -2.91 -3.48
CA PHE B 21 -7.10 -3.95 -2.66
C PHE B 21 -7.20 -5.30 -3.37
N ILE B 22 -7.60 -5.31 -4.61
CA ILE B 22 -7.75 -6.58 -5.33
C ILE B 22 -6.41 -7.23 -5.64
N ALA B 23 -5.42 -6.44 -5.95
CA ALA B 23 -4.10 -6.98 -6.27
C ALA B 23 -3.44 -7.56 -5.01
N TRP B 24 -3.79 -6.99 -3.90
CA TRP B 24 -3.25 -7.40 -2.61
C TRP B 24 -3.41 -8.90 -2.37
N THR B 25 -4.56 -9.42 -2.69
CA THR B 25 -4.84 -10.83 -2.44
C THR B 25 -3.71 -11.73 -2.93
N ILE B 26 -3.09 -11.41 -4.04
CA ILE B 26 -2.02 -12.25 -4.55
C ILE B 26 -0.99 -12.58 -3.45
N GLY B 27 -0.53 -11.57 -2.75
CA GLY B 27 0.45 -11.80 -1.70
C GLY B 27 0.00 -12.95 -0.78
N HIS B 28 -1.21 -12.86 -0.32
CA HIS B 28 -1.76 -13.82 0.62
C HIS B 28 -1.38 -15.27 0.29
N LEU B 29 -1.04 -15.56 -0.94
CA LEU B 29 -0.63 -16.92 -1.26
C LEU B 29 0.47 -17.34 -0.25
N ASN B 30 1.45 -16.48 -0.11
CA ASN B 30 2.59 -16.74 0.77
C ASN B 30 2.14 -17.18 2.16
N GLN B 31 1.18 -16.50 2.71
CA GLN B 31 0.66 -16.83 4.03
C GLN B 31 0.47 -18.33 4.23
N ILE B 32 -0.73 -18.81 4.03
CA ILE B 32 -1.05 -20.23 4.21
C ILE B 32 0.12 -21.13 3.81
N LYS B 33 0.50 -21.08 2.55
CA LYS B 33 1.61 -21.90 2.05
C LYS B 33 2.74 -21.99 3.07
N ARG B 34 3.33 -20.87 3.38
CA ARG B 34 4.42 -20.83 4.35
C ARG B 34 3.91 -21.16 5.74
N GLY B 35 2.66 -20.85 5.98
CA GLY B 35 2.06 -21.12 7.29
C GLY B 35 0.56 -20.86 7.25
N SER C 6 -2.62 26.85 -1.76
CA SER C 6 -3.13 26.09 -2.93
C SER C 6 -3.31 24.64 -2.56
N ASP C 7 -3.76 24.40 -1.35
CA ASP C 7 -3.97 23.04 -0.87
C ASP C 7 -2.86 22.11 -1.32
N PRO C 8 -1.63 22.47 -1.04
CA PRO C 8 -0.45 21.65 -1.44
C PRO C 8 -0.48 20.29 -0.73
N LEU C 9 -1.23 20.21 0.32
CA LEU C 9 -1.32 18.98 1.09
C LEU C 9 -1.89 17.84 0.24
N VAL C 10 -2.93 18.11 -0.49
CA VAL C 10 -3.60 17.10 -1.31
C VAL C 10 -2.70 16.56 -2.42
N VAL C 11 -2.04 17.45 -3.12
CA VAL C 11 -1.19 17.03 -4.23
C VAL C 11 0.07 16.31 -3.76
N ALA C 12 0.67 16.83 -2.72
CA ALA C 12 1.91 16.27 -2.18
C ALA C 12 1.70 14.90 -1.50
N ALA C 13 0.54 14.65 -0.96
CA ALA C 13 0.30 13.39 -0.28
C ALA C 13 0.15 12.21 -1.25
N SER C 14 -0.46 12.45 -2.40
CA SER C 14 -0.67 11.39 -3.38
C SER C 14 0.63 10.94 -4.05
N ILE C 15 1.57 11.85 -4.16
CA ILE C 15 2.83 11.56 -4.83
C ILE C 15 3.39 10.22 -4.37
N ILE C 16 3.24 9.91 -3.12
CA ILE C 16 3.70 8.63 -2.59
C ILE C 16 2.88 7.49 -3.19
N GLY C 17 1.60 7.71 -3.25
CA GLY C 17 0.65 6.70 -3.75
C GLY C 17 1.09 6.08 -5.09
N ILE C 18 1.41 6.89 -6.05
CA ILE C 18 1.82 6.36 -7.36
C ILE C 18 3.16 5.63 -7.28
N LEU C 19 4.00 6.06 -6.38
CA LEU C 19 5.31 5.46 -6.22
C LEU C 19 5.21 3.99 -5.79
N HIS C 20 4.15 3.64 -5.11
CA HIS C 20 3.98 2.27 -4.64
C HIS C 20 3.68 1.29 -5.79
N PHE C 21 2.92 1.74 -6.76
CA PHE C 21 2.53 0.87 -7.87
C PHE C 21 3.76 0.32 -8.62
N ILE C 22 4.66 1.18 -8.99
CA ILE C 22 5.85 0.72 -9.72
C ILE C 22 6.67 -0.21 -8.84
N ALA C 23 6.63 0.01 -7.56
CA ALA C 23 7.36 -0.84 -6.64
C ALA C 23 6.69 -2.21 -6.54
N TRP C 24 5.39 -2.21 -6.62
CA TRP C 24 4.58 -3.42 -6.50
C TRP C 24 5.11 -4.56 -7.38
N THR C 25 5.31 -4.28 -8.64
CA THR C 25 5.79 -5.28 -9.58
C THR C 25 7.05 -5.98 -9.07
N ILE C 26 7.83 -5.31 -8.26
CA ILE C 26 9.07 -5.91 -7.75
C ILE C 26 8.78 -7.10 -6.84
N GLY C 27 7.70 -7.03 -6.10
CA GLY C 27 7.32 -8.10 -5.18
C GLY C 27 6.79 -9.32 -5.95
N HIS C 28 6.17 -9.05 -7.07
CA HIS C 28 5.60 -10.11 -7.90
C HIS C 28 6.62 -11.19 -8.26
N LEU C 29 7.89 -10.84 -8.33
CA LEU C 29 8.89 -11.82 -8.74
C LEU C 29 8.68 -13.15 -8.01
N ASN C 30 8.16 -13.12 -6.81
CA ASN C 30 7.93 -14.39 -6.11
C ASN C 30 6.85 -15.23 -6.83
N GLN C 31 5.73 -14.62 -7.10
CA GLN C 31 4.62 -15.31 -7.77
C GLN C 31 5.09 -16.20 -8.93
N ILE C 32 5.83 -15.62 -9.85
CA ILE C 32 6.28 -16.38 -11.02
C ILE C 32 7.14 -17.58 -10.60
N LYS C 33 7.79 -17.46 -9.48
CA LYS C 33 8.63 -18.57 -9.00
C LYS C 33 7.76 -19.75 -8.59
N ARG C 34 6.68 -19.47 -7.92
CA ARG C 34 5.77 -20.52 -7.46
C ARG C 34 5.25 -21.31 -8.66
N GLY C 35 5.30 -22.62 -8.55
CA GLY C 35 4.82 -23.48 -9.62
C GLY C 35 5.78 -23.45 -10.81
N SER D 6 -13.40 22.95 10.32
CA SER D 6 -13.02 21.82 9.41
C SER D 6 -11.80 21.10 10.00
N ASP D 7 -11.96 19.82 10.22
CA ASP D 7 -10.88 19.01 10.78
C ASP D 7 -9.92 18.57 9.68
N PRO D 8 -8.65 18.94 9.72
CA PRO D 8 -7.64 18.54 8.69
C PRO D 8 -7.75 17.06 8.29
N LEU D 9 -8.78 16.73 7.57
CA LEU D 9 -8.99 15.36 7.13
C LEU D 9 -7.89 14.93 6.16
N VAL D 10 -7.54 15.82 5.27
CA VAL D 10 -6.52 15.55 4.26
C VAL D 10 -5.16 15.19 4.87
N VAL D 11 -4.67 15.96 5.81
CA VAL D 11 -3.38 15.69 6.42
C VAL D 11 -3.41 14.49 7.36
N ALA D 12 -4.57 14.21 7.89
CA ALA D 12 -4.73 13.10 8.83
C ALA D 12 -4.54 11.74 8.14
N ALA D 13 -5.02 11.62 6.94
CA ALA D 13 -4.87 10.35 6.23
C ALA D 13 -3.42 10.14 5.82
N SER D 14 -2.88 11.10 5.12
CA SER D 14 -1.53 11.07 4.63
C SER D 14 -0.50 10.71 5.71
N ILE D 15 -0.77 11.05 6.93
CA ILE D 15 0.17 10.77 8.00
C ILE D 15 0.54 9.28 7.99
N ILE D 16 -0.39 8.45 7.61
CA ILE D 16 -0.12 7.02 7.56
C ILE D 16 0.85 6.68 6.43
N GLY D 17 0.74 7.36 5.32
CA GLY D 17 1.58 7.04 4.16
C GLY D 17 3.05 6.84 4.50
N ILE D 18 3.66 7.71 5.25
CA ILE D 18 5.08 7.52 5.58
C ILE D 18 5.30 6.12 6.15
N LEU D 19 4.34 5.63 6.88
CA LEU D 19 4.44 4.30 7.46
C LEU D 19 4.38 3.25 6.35
N HIS D 20 3.68 3.57 5.30
CA HIS D 20 3.53 2.68 4.16
C HIS D 20 4.86 2.44 3.45
N PHE D 21 5.55 3.50 3.15
CA PHE D 21 6.83 3.40 2.44
C PHE D 21 7.90 2.76 3.31
N ILE D 22 7.99 3.15 4.56
CA ILE D 22 9.00 2.62 5.45
C ILE D 22 8.87 1.10 5.63
N ALA D 23 7.66 0.64 5.81
CA ALA D 23 7.40 -0.78 6.00
C ALA D 23 7.63 -1.54 4.71
N TRP D 24 7.43 -0.87 3.61
CA TRP D 24 7.57 -1.50 2.30
C TRP D 24 8.99 -2.03 2.09
N THR D 25 9.96 -1.23 2.43
CA THR D 25 11.36 -1.58 2.21
C THR D 25 11.72 -2.98 2.70
N ILE D 26 11.30 -3.36 3.88
CA ILE D 26 11.64 -4.70 4.38
C ILE D 26 11.12 -5.78 3.42
N GLY D 27 10.06 -5.51 2.73
CA GLY D 27 9.49 -6.50 1.80
C GLY D 27 10.58 -7.07 0.89
N HIS D 28 11.33 -6.21 0.27
CA HIS D 28 12.36 -6.62 -0.68
C HIS D 28 13.14 -7.86 -0.22
N LEU D 29 13.12 -8.13 1.05
CA LEU D 29 13.80 -9.33 1.55
C LEU D 29 13.37 -10.54 0.69
N ASN D 30 12.12 -10.51 0.34
CA ASN D 30 11.49 -11.59 -0.41
C ASN D 30 12.34 -12.05 -1.61
N GLN D 31 13.00 -11.15 -2.29
CA GLN D 31 13.83 -11.51 -3.45
C GLN D 31 15.30 -11.74 -3.04
N ILE D 32 15.73 -11.13 -1.97
CA ILE D 32 17.13 -11.30 -1.54
C ILE D 32 17.49 -12.78 -1.48
N LYS D 33 17.24 -13.39 -0.36
CA LYS D 33 17.56 -14.81 -0.18
C LYS D 33 17.14 -15.61 -1.40
N ARG D 34 16.02 -15.26 -1.97
CA ARG D 34 15.52 -15.96 -3.15
C ARG D 34 15.23 -17.42 -2.83
N GLY D 35 16.26 -18.19 -2.63
CA GLY D 35 16.11 -19.60 -2.31
C GLY D 35 15.27 -20.30 -3.37
CA RIM E . -2.44 8.48 -0.20
CB RIM E . -3.43 8.85 0.91
NC RIM E . -2.66 9.12 2.15
CD RIM E . -4.29 10.10 0.55
CE1 RIM E . -4.84 10.69 1.85
CE2 RIM E . -5.47 9.66 -0.31
CE3 RIM E . -3.48 11.16 -0.20
CF1 RIM E . -5.74 11.89 1.55
CF2 RIM E . -6.37 10.87 -0.64
CF3 RIM E . -4.36 12.38 -0.49
CG1 RIM E . -6.90 11.46 0.66
CG2 RIM E . -5.54 11.93 -1.37
CG3 RIM E . -4.91 12.95 0.82
HA1 RIM E . -2.02 7.52 0.00
HA2 RIM E . -1.65 9.22 -0.24
HA3 RIM E . -2.95 8.45 -1.15
HB RIM E . -4.08 8.01 1.09
HNC1 RIM E . -1.90 9.75 2.13
HNC2 RIM E . -2.87 8.64 2.98
HE11 RIM E . -4.03 11.00 2.48
HE12 RIM E . -5.42 9.93 2.35
HE21 RIM E . -6.03 8.92 0.23
HE22 RIM E . -5.10 9.24 -1.21
HE31 RIM E . -3.13 10.76 -1.14
HE32 RIM E . -2.64 11.45 0.41
HF1 RIM E . -6.11 12.29 2.50
HF2 RIM E . -7.22 10.53 -1.29
HF3 RIM E . -3.78 13.14 -1.01
HG11 RIM E . -7.49 10.70 1.18
HG12 RIM E . -7.51 12.34 0.43
HG21 RIM E . -5.16 11.51 -2.30
HG22 RIM E . -6.18 12.79 -1.57
HG31 RIM E . -4.07 13.24 1.45
HG32 RIM E . -5.55 13.79 0.60
N SER A 6 -19.91 17.26 1.62
CA SER A 6 -18.82 17.27 2.64
C SER A 6 -17.53 16.75 2.01
N ASP A 7 -17.46 16.81 0.71
CA ASP A 7 -16.28 16.36 0.00
C ASP A 7 -15.92 14.95 0.43
N PRO A 8 -16.86 14.04 0.35
CA PRO A 8 -16.63 12.62 0.75
C PRO A 8 -15.43 12.02 0.02
N LEU A 9 -14.97 12.72 -0.97
CA LEU A 9 -13.83 12.23 -1.76
C LEU A 9 -12.58 12.05 -0.90
N VAL A 10 -12.33 12.99 -0.02
CA VAL A 10 -11.15 12.92 0.83
C VAL A 10 -11.24 11.79 1.84
N VAL A 11 -12.40 11.56 2.37
CA VAL A 11 -12.58 10.48 3.34
C VAL A 11 -12.52 9.10 2.68
N ALA A 12 -12.91 9.01 1.43
CA ALA A 12 -12.93 7.71 0.74
C ALA A 12 -11.53 7.09 0.62
N ALA A 13 -10.58 7.81 0.08
CA ALA A 13 -9.24 7.24 -0.03
C ALA A 13 -8.75 6.85 1.35
N SER A 14 -8.86 7.79 2.24
CA SER A 14 -8.45 7.57 3.61
C SER A 14 -9.04 6.26 4.13
N ILE A 15 -10.32 6.09 3.97
CA ILE A 15 -10.99 4.87 4.44
C ILE A 15 -10.26 3.61 3.94
N ILE A 16 -9.92 3.56 2.69
CA ILE A 16 -9.21 2.39 2.16
C ILE A 16 -7.86 2.26 2.85
N GLY A 17 -7.19 3.38 2.98
CA GLY A 17 -5.86 3.41 3.59
C GLY A 17 -5.80 2.60 4.88
N ILE A 18 -6.71 2.84 5.78
CA ILE A 18 -6.72 2.12 7.06
C ILE A 18 -7.12 0.66 6.86
N LEU A 19 -7.93 0.41 5.87
CA LEU A 19 -8.40 -0.95 5.59
C LEU A 19 -7.25 -1.88 5.23
N HIS A 20 -6.27 -1.37 4.54
CA HIS A 20 -5.12 -2.18 4.14
C HIS A 20 -4.20 -2.52 5.32
N PHE A 21 -4.15 -1.65 6.29
CA PHE A 21 -3.27 -1.85 7.44
C PHE A 21 -3.46 -3.21 8.09
N ILE A 22 -4.68 -3.60 8.36
CA ILE A 22 -4.94 -4.89 8.99
C ILE A 22 -4.41 -6.04 8.13
N ALA A 23 -4.42 -5.84 6.85
CA ALA A 23 -3.93 -6.88 5.93
C ALA A 23 -2.40 -6.97 5.97
N TRP A 24 -1.77 -5.87 6.27
CA TRP A 24 -0.32 -5.81 6.30
C TRP A 24 0.31 -6.77 7.30
N THR A 25 -0.21 -6.77 8.50
CA THR A 25 0.35 -7.61 9.57
C THR A 25 0.58 -9.06 9.14
N ILE A 26 -0.29 -9.66 8.36
CA ILE A 26 -0.06 -11.05 7.98
C ILE A 26 1.18 -11.17 7.09
N GLY A 27 1.32 -10.29 6.13
CA GLY A 27 2.48 -10.35 5.24
C GLY A 27 3.79 -10.22 6.01
N HIS A 28 3.80 -9.33 6.96
CA HIS A 28 4.99 -9.09 7.78
C HIS A 28 5.59 -10.39 8.31
N LEU A 29 4.77 -11.39 8.49
CA LEU A 29 5.25 -12.66 9.04
C LEU A 29 6.56 -13.12 8.38
N ASN A 30 6.75 -12.75 7.15
CA ASN A 30 7.98 -13.14 6.45
C ASN A 30 9.20 -12.57 7.17
N GLN A 31 9.20 -11.28 7.40
CA GLN A 31 10.31 -10.62 8.08
C GLN A 31 10.65 -11.32 9.39
N ILE A 32 9.66 -11.50 10.22
CA ILE A 32 9.88 -12.14 11.52
C ILE A 32 10.52 -13.52 11.34
N LYS A 33 9.96 -14.30 10.46
CA LYS A 33 10.49 -15.64 10.21
C LYS A 33 11.68 -15.58 9.26
N ARG A 34 11.41 -15.31 8.01
CA ARG A 34 12.48 -15.23 7.01
C ARG A 34 13.23 -13.90 7.13
N GLY A 35 14.53 -13.97 7.07
CA GLY A 35 15.35 -12.77 7.17
C GLY A 35 14.82 -11.67 6.25
N SER B 6 -8.86 21.41 -11.31
CA SER B 6 -9.22 20.89 -12.66
C SER B 6 -9.18 19.36 -12.63
N ASP B 7 -8.15 18.82 -12.02
CA ASP B 7 -7.97 17.38 -11.95
C ASP B 7 -8.16 16.90 -10.51
N PRO B 8 -9.37 16.63 -10.10
CA PRO B 8 -9.66 16.16 -8.71
C PRO B 8 -8.59 15.19 -8.22
N LEU B 9 -7.56 15.75 -7.64
CA LEU B 9 -6.48 14.94 -7.09
C LEU B 9 -7.04 13.99 -6.04
N VAL B 10 -7.98 14.49 -5.30
CA VAL B 10 -8.61 13.71 -4.24
C VAL B 10 -9.26 12.44 -4.79
N VAL B 11 -9.98 12.55 -5.87
CA VAL B 11 -10.63 11.38 -6.47
C VAL B 11 -9.59 10.47 -7.11
N ALA B 12 -8.47 11.03 -7.44
CA ALA B 12 -7.39 10.29 -8.07
C ALA B 12 -6.84 9.18 -7.16
N ALA B 13 -6.62 9.49 -5.91
CA ALA B 13 -6.09 8.47 -5.03
C ALA B 13 -7.16 7.43 -4.71
N SER B 14 -8.31 7.89 -4.30
CA SER B 14 -9.40 6.99 -3.92
C SER B 14 -9.62 5.88 -4.94
N ILE B 15 -9.70 6.19 -6.20
CA ILE B 15 -9.93 5.16 -7.22
C ILE B 15 -8.73 4.24 -7.39
N ILE B 16 -7.55 4.75 -7.12
CA ILE B 16 -6.35 3.94 -7.26
C ILE B 16 -6.27 2.86 -6.18
N GLY B 17 -6.45 3.23 -4.94
CA GLY B 17 -6.34 2.28 -3.84
C GLY B 17 -7.12 0.99 -4.07
N ILE B 18 -8.36 1.09 -4.44
CA ILE B 18 -9.16 -0.10 -4.66
C ILE B 18 -8.42 -1.10 -5.57
N LEU B 19 -7.59 -0.60 -6.44
CA LEU B 19 -6.82 -1.46 -7.33
C LEU B 19 -5.86 -2.31 -6.51
N HIS B 20 -5.11 -1.65 -5.67
CA HIS B 20 -4.14 -2.34 -4.82
C HIS B 20 -4.80 -3.46 -4.02
N PHE B 21 -6.06 -3.26 -3.70
CA PHE B 21 -6.80 -4.24 -2.89
C PHE B 21 -7.00 -5.59 -3.61
N ILE B 22 -7.36 -5.57 -4.86
CA ILE B 22 -7.60 -6.82 -5.57
C ILE B 22 -6.32 -7.62 -5.79
N ALA B 23 -5.24 -6.94 -6.09
CA ALA B 23 -3.97 -7.62 -6.28
C ALA B 23 -3.43 -8.15 -4.94
N TRP B 24 -3.79 -7.47 -3.89
CA TRP B 24 -3.35 -7.81 -2.55
C TRP B 24 -3.54 -9.28 -2.21
N THR B 25 -4.71 -9.79 -2.42
CA THR B 25 -4.99 -11.18 -2.07
C THR B 25 -3.91 -12.11 -2.62
N ILE B 26 -3.37 -11.78 -3.76
CA ILE B 26 -2.35 -12.61 -4.39
C ILE B 26 -1.22 -12.94 -3.39
N GLY B 27 -0.81 -11.97 -2.62
CA GLY B 27 0.26 -12.19 -1.63
C GLY B 27 -0.07 -13.39 -0.74
N HIS B 28 -1.27 -13.38 -0.23
CA HIS B 28 -1.75 -14.38 0.69
C HIS B 28 -1.33 -15.80 0.28
N LEU B 29 -1.04 -15.98 -0.98
CA LEU B 29 -0.56 -17.28 -1.42
C LEU B 29 0.70 -17.63 -0.62
N ASN B 30 1.60 -16.69 -0.57
CA ASN B 30 2.89 -16.87 0.11
C ASN B 30 2.73 -17.22 1.59
N GLN B 31 1.91 -16.49 2.29
CA GLN B 31 1.71 -16.72 3.72
C GLN B 31 1.02 -18.06 4.00
N ILE B 32 -0.25 -18.15 3.67
CA ILE B 32 -1.02 -19.37 3.94
C ILE B 32 -0.17 -20.62 3.83
N LYS B 33 0.50 -20.79 2.72
CA LYS B 33 1.34 -21.97 2.53
C LYS B 33 2.26 -22.17 3.73
N ARG B 34 2.94 -21.12 4.13
CA ARG B 34 3.84 -21.19 5.27
C ARG B 34 3.05 -21.39 6.56
N GLY B 35 1.98 -20.66 6.69
CA GLY B 35 1.15 -20.76 7.89
C GLY B 35 0.26 -19.53 8.03
N SER C 6 -1.88 27.04 -2.28
CA SER C 6 -2.82 26.31 -3.16
C SER C 6 -3.06 24.92 -2.60
N ASP C 7 -3.30 24.85 -1.31
CA ASP C 7 -3.56 23.57 -0.64
C ASP C 7 -2.63 22.49 -1.18
N PRO C 8 -1.35 22.74 -1.17
CA PRO C 8 -0.35 21.75 -1.69
C PRO C 8 -0.45 20.43 -0.94
N LEU C 9 -1.23 20.43 0.12
CA LEU C 9 -1.40 19.23 0.93
C LEU C 9 -2.04 18.10 0.13
N VAL C 10 -3.04 18.42 -0.64
CA VAL C 10 -3.75 17.42 -1.43
C VAL C 10 -2.90 16.86 -2.57
N VAL C 11 -2.20 17.71 -3.27
CA VAL C 11 -1.37 17.28 -4.38
C VAL C 11 -0.12 16.55 -3.89
N ALA C 12 0.48 17.06 -2.86
CA ALA C 12 1.71 16.47 -2.29
C ALA C 12 1.47 15.13 -1.59
N ALA C 13 0.29 14.92 -1.07
CA ALA C 13 0.00 13.68 -0.37
C ALA C 13 -0.16 12.48 -1.31
N SER C 14 -0.74 12.70 -2.46
CA SER C 14 -0.96 11.62 -3.42
C SER C 14 0.34 11.12 -4.03
N ILE C 15 1.31 11.99 -4.11
CA ILE C 15 2.60 11.66 -4.71
C ILE C 15 3.10 10.31 -4.20
N ILE C 16 2.82 10.01 -2.96
CA ILE C 16 3.23 8.73 -2.40
C ILE C 16 2.40 7.60 -3.01
N GLY C 17 1.12 7.84 -3.12
CA GLY C 17 0.19 6.84 -3.66
C GLY C 17 0.69 6.20 -4.95
N ILE C 18 1.09 6.98 -5.91
CA ILE C 18 1.56 6.42 -7.17
C ILE C 18 2.89 5.68 -6.99
N LEU C 19 3.67 6.11 -6.03
CA LEU C 19 4.97 5.51 -5.77
C LEU C 19 4.82 4.04 -5.34
N HIS C 20 3.73 3.71 -4.70
CA HIS C 20 3.53 2.33 -4.25
C HIS C 20 3.23 1.38 -5.41
N PHE C 21 2.60 1.88 -6.43
CA PHE C 21 2.26 1.04 -7.58
C PHE C 21 3.49 0.47 -8.27
N ILE C 22 4.44 1.32 -8.59
CA ILE C 22 5.65 0.87 -9.27
C ILE C 22 6.45 -0.08 -8.37
N ALA C 23 6.33 0.12 -7.09
CA ALA C 23 7.02 -0.72 -6.14
C ALA C 23 6.38 -2.12 -6.10
N TRP C 24 5.08 -2.14 -6.23
CA TRP C 24 4.29 -3.36 -6.18
C TRP C 24 4.83 -4.45 -7.10
N THR C 25 5.02 -4.13 -8.34
CA THR C 25 5.50 -5.10 -9.31
C THR C 25 6.73 -5.86 -8.79
N ILE C 26 7.49 -5.25 -7.92
CA ILE C 26 8.69 -5.89 -7.41
C ILE C 26 8.36 -7.13 -6.57
N GLY C 27 7.28 -7.08 -5.83
CA GLY C 27 6.87 -8.21 -4.98
C GLY C 27 6.36 -9.38 -5.82
N HIS C 28 5.81 -9.07 -6.96
CA HIS C 28 5.27 -10.06 -7.87
C HIS C 28 6.30 -11.15 -8.24
N LEU C 29 7.56 -10.80 -8.22
CA LEU C 29 8.61 -11.75 -8.60
C LEU C 29 8.45 -13.10 -7.91
N ASN C 30 7.93 -13.15 -6.72
CA ASN C 30 7.75 -14.43 -6.05
C ASN C 30 6.72 -15.29 -6.81
N GLN C 31 5.57 -14.72 -7.07
CA GLN C 31 4.50 -15.42 -7.77
C GLN C 31 5.04 -16.28 -8.92
N ILE C 32 5.96 -15.75 -9.69
CA ILE C 32 6.52 -16.50 -10.81
C ILE C 32 7.21 -17.78 -10.33
N LYS C 33 7.70 -17.75 -9.12
CA LYS C 33 8.39 -18.92 -8.57
C LYS C 33 7.44 -20.12 -8.50
N ARG C 34 6.26 -19.91 -8.01
CA ARG C 34 5.29 -20.99 -7.89
C ARG C 34 5.03 -21.64 -9.25
N GLY C 35 5.11 -22.94 -9.29
CA GLY C 35 4.89 -23.67 -10.53
C GLY C 35 5.83 -23.16 -11.64
N SER D 6 -14.26 21.66 9.99
CA SER D 6 -13.42 20.89 9.03
C SER D 6 -12.17 20.39 9.73
N ASP D 7 -12.05 19.09 9.85
CA ASP D 7 -10.89 18.48 10.51
C ASP D 7 -9.82 18.13 9.45
N PRO D 8 -8.56 18.49 9.63
CA PRO D 8 -7.48 18.16 8.65
C PRO D 8 -7.53 16.70 8.15
N LEU D 9 -8.47 16.42 7.29
CA LEU D 9 -8.61 15.07 6.74
C LEU D 9 -7.46 14.78 5.78
N VAL D 10 -7.13 15.74 4.98
CA VAL D 10 -6.06 15.59 3.99
C VAL D 10 -4.72 15.23 4.62
N VAL D 11 -4.31 15.97 5.62
CA VAL D 11 -3.03 15.71 6.29
C VAL D 11 -3.08 14.46 7.17
N ALA D 12 -4.25 14.11 7.63
CA ALA D 12 -4.40 12.96 8.51
C ALA D 12 -4.16 11.64 7.77
N ALA D 13 -4.85 11.46 6.67
CA ALA D 13 -4.71 10.24 5.88
C ALA D 13 -3.36 10.21 5.17
N SER D 14 -2.83 11.37 4.91
CA SER D 14 -1.54 11.49 4.24
C SER D 14 -0.40 10.97 5.12
N ILE D 15 -0.40 11.32 6.38
CA ILE D 15 0.64 10.93 7.33
C ILE D 15 0.86 9.41 7.37
N ILE D 16 -0.13 8.63 7.04
CA ILE D 16 0.04 7.19 7.08
C ILE D 16 0.98 6.71 5.98
N GLY D 17 1.00 7.41 4.87
CA GLY D 17 1.82 7.01 3.74
C GLY D 17 3.26 6.63 4.11
N ILE D 18 3.91 7.39 4.93
CA ILE D 18 5.28 7.06 5.29
C ILE D 18 5.36 5.74 6.06
N LEU D 19 4.31 5.43 6.78
CA LEU D 19 4.28 4.19 7.55
C LEU D 19 4.41 2.99 6.62
N HIS D 20 3.61 2.95 5.61
CA HIS D 20 3.63 1.84 4.66
C HIS D 20 4.93 1.82 3.87
N PHE D 21 5.48 2.99 3.63
CA PHE D 21 6.72 3.10 2.85
C PHE D 21 7.90 2.48 3.61
N ILE D 22 8.07 2.86 4.84
CA ILE D 22 9.18 2.36 5.65
C ILE D 22 9.06 0.85 5.86
N ALA D 23 7.87 0.39 6.07
CA ALA D 23 7.62 -1.03 6.29
C ALA D 23 7.83 -1.81 5.01
N TRP D 24 7.63 -1.17 3.90
CA TRP D 24 7.77 -1.81 2.60
C TRP D 24 9.17 -2.39 2.39
N THR D 25 10.16 -1.61 2.72
CA THR D 25 11.56 -1.99 2.50
C THR D 25 11.92 -3.41 2.98
N ILE D 26 11.37 -3.86 4.08
CA ILE D 26 11.72 -5.20 4.56
C ILE D 26 11.38 -6.27 3.50
N GLY D 27 10.41 -6.00 2.66
CA GLY D 27 10.01 -6.97 1.64
C GLY D 27 11.22 -7.51 0.89
N HIS D 28 12.08 -6.64 0.48
CA HIS D 28 13.24 -6.99 -0.29
C HIS D 28 13.92 -8.28 0.19
N LEU D 29 13.71 -8.65 1.42
CA LEU D 29 14.30 -9.91 1.88
C LEU D 29 13.88 -11.04 0.92
N ASN D 30 12.60 -11.06 0.63
CA ASN D 30 12.01 -12.10 -0.21
C ASN D 30 12.82 -12.35 -1.50
N GLN D 31 13.25 -11.31 -2.15
CA GLN D 31 14.02 -11.45 -3.40
C GLN D 31 15.47 -11.79 -3.08
N ILE D 32 16.09 -11.01 -2.23
CA ILE D 32 17.49 -11.23 -1.87
C ILE D 32 17.75 -12.72 -1.65
N LYS D 33 17.37 -13.21 -0.50
CA LYS D 33 17.57 -14.62 -0.18
C LYS D 33 17.06 -15.49 -1.32
N ARG D 34 15.92 -15.13 -1.85
CA ARG D 34 15.33 -15.89 -2.96
C ARG D 34 15.00 -17.31 -2.51
N GLY D 35 16.01 -18.11 -2.30
CA GLY D 35 15.81 -19.49 -1.88
C GLY D 35 14.84 -20.20 -2.81
CA RIM E . -3.76 7.79 0.97
CB RIM E . -3.09 9.11 0.58
NC RIM E . -2.32 8.90 -0.68
CD RIM E . -4.11 10.26 0.36
CE1 RIM E . -4.50 10.87 1.71
CE2 RIM E . -5.38 9.75 -0.32
CE3 RIM E . -3.46 11.33 -0.52
CF1 RIM E . -5.48 12.02 1.50
CF2 RIM E . -6.34 10.93 -0.60
CF3 RIM E . -4.40 12.51 -0.70
CG1 RIM E . -6.73 11.53 0.75
CG2 RIM E . -5.64 12.01 -1.42
CG3 RIM E . -4.81 13.09 0.66
HA1 RIM E . -3.00 7.08 1.27
HA2 RIM E . -4.30 7.39 0.12
HA3 RIM E . -4.44 7.95 1.78
HB RIM E . -2.39 9.40 1.36
HNC1 RIM E . -1.95 9.67 -1.17
HNC2 RIM E . -2.16 7.99 -1.01
HE11 RIM E . -3.62 11.24 2.21
HE12 RIM E . -4.96 10.11 2.32
HE21 RIM E . -5.89 9.06 0.33
HE22 RIM E . -5.13 9.27 -1.22
HE31 RIM E . -3.25 10.91 -1.49
HE32 RIM E . -2.55 11.65 -0.07
HF1 RIM E . -5.77 12.43 2.48
HF2 RIM E . -7.23 10.57 -1.15
HF3 RIM E . -3.91 13.28 -1.29
HG11 RIM E . -7.22 10.77 1.35
HG12 RIM E . -7.41 12.37 0.59
HG21 RIM E . -5.34 11.59 -2.38
HG22 RIM E . -6.33 12.85 -1.57
HG31 RIM E . -3.93 13.44 1.18
HG32 RIM E . -5.51 13.90 0.49
N SER A 6 -20.21 17.12 1.49
CA SER A 6 -19.41 17.28 2.73
C SER A 6 -18.04 16.63 2.53
N ASP A 7 -17.45 16.84 1.38
CA ASP A 7 -16.15 16.27 1.07
C ASP A 7 -16.12 14.79 1.41
N PRO A 8 -17.08 14.04 0.92
CA PRO A 8 -17.15 12.57 1.19
C PRO A 8 -16.01 11.85 0.48
N LEU A 9 -15.54 12.44 -0.59
CA LEU A 9 -14.48 11.82 -1.37
C LEU A 9 -13.17 11.76 -0.56
N VAL A 10 -12.83 12.83 0.10
CA VAL A 10 -11.59 12.89 0.88
C VAL A 10 -11.59 11.87 2.03
N VAL A 11 -12.68 11.78 2.74
CA VAL A 11 -12.75 10.86 3.88
C VAL A 11 -12.82 9.39 3.44
N ALA A 12 -13.62 9.12 2.45
CA ALA A 12 -13.80 7.76 1.94
C ALA A 12 -12.57 7.23 1.22
N ALA A 13 -11.76 8.08 0.66
CA ALA A 13 -10.60 7.59 -0.07
C ALA A 13 -9.58 7.02 0.91
N SER A 14 -9.41 7.67 2.04
CA SER A 14 -8.46 7.21 3.04
C SER A 14 -8.91 5.88 3.64
N ILE A 15 -10.20 5.64 3.66
CA ILE A 15 -10.73 4.42 4.25
C ILE A 15 -9.94 3.21 3.72
N ILE A 16 -9.78 3.11 2.43
CA ILE A 16 -9.02 1.99 1.88
C ILE A 16 -7.59 2.02 2.45
N GLY A 17 -7.02 3.20 2.42
CA GLY A 17 -5.65 3.38 2.90
C GLY A 17 -5.42 2.74 4.28
N ILE A 18 -6.27 3.05 5.22
CA ILE A 18 -6.13 2.48 6.56
C ILE A 18 -6.49 0.99 6.55
N LEU A 19 -7.39 0.63 5.68
CA LEU A 19 -7.83 -0.76 5.57
C LEU A 19 -6.66 -1.70 5.25
N HIS A 20 -5.71 -1.21 4.50
CA HIS A 20 -4.56 -2.02 4.11
C HIS A 20 -3.59 -2.29 5.28
N PHE A 21 -3.51 -1.39 6.20
CA PHE A 21 -2.58 -1.54 7.32
C PHE A 21 -2.81 -2.85 8.09
N ILE A 22 -4.03 -3.11 8.48
CA ILE A 22 -4.32 -4.32 9.24
C ILE A 22 -3.87 -5.56 8.46
N ALA A 23 -3.92 -5.48 7.16
CA ALA A 23 -3.50 -6.60 6.33
C ALA A 23 -1.98 -6.76 6.35
N TRP A 24 -1.30 -5.66 6.52
CA TRP A 24 0.15 -5.66 6.50
C TRP A 24 0.77 -6.58 7.55
N THR A 25 0.34 -6.43 8.76
CA THR A 25 0.89 -7.22 9.87
C THR A 25 0.92 -8.72 9.58
N ILE A 26 -0.12 -9.27 9.02
CA ILE A 26 -0.14 -10.71 8.76
C ILE A 26 0.90 -11.11 7.71
N GLY A 27 0.98 -10.38 6.63
CA GLY A 27 1.94 -10.68 5.57
C GLY A 27 3.38 -10.53 6.05
N HIS A 28 3.58 -9.64 6.98
CA HIS A 28 4.90 -9.40 7.53
C HIS A 28 5.58 -10.71 7.91
N LEU A 29 4.78 -11.71 8.22
CA LEU A 29 5.32 -12.98 8.67
C LEU A 29 6.51 -13.45 7.81
N ASN A 30 6.54 -13.08 6.55
CA ASN A 30 7.65 -13.50 5.71
C ASN A 30 8.99 -13.02 6.30
N GLN A 31 9.07 -11.74 6.58
CA GLN A 31 10.28 -11.16 7.14
C GLN A 31 10.71 -11.93 8.39
N ILE A 32 9.82 -12.02 9.35
CA ILE A 32 10.11 -12.72 10.59
C ILE A 32 10.72 -14.09 10.30
N LYS A 33 10.04 -14.87 9.50
CA LYS A 33 10.52 -16.21 9.16
C LYS A 33 11.73 -16.13 8.23
N ARG A 34 11.50 -15.77 7.00
CA ARG A 34 12.58 -15.67 6.03
C ARG A 34 13.40 -14.40 6.27
N GLY A 35 14.64 -14.59 6.63
CA GLY A 35 15.53 -13.46 6.89
C GLY A 35 16.09 -12.90 5.59
N SER B 6 -9.92 22.50 -12.37
CA SER B 6 -10.50 21.45 -13.26
C SER B 6 -9.56 20.25 -13.31
N ASP B 7 -9.28 19.69 -12.16
CA ASP B 7 -8.40 18.53 -12.08
C ASP B 7 -8.65 17.75 -10.79
N PRO B 8 -9.72 16.98 -10.77
CA PRO B 8 -10.10 16.15 -9.58
C PRO B 8 -8.92 15.38 -9.00
N LEU B 9 -8.12 16.08 -8.24
CA LEU B 9 -6.94 15.48 -7.62
C LEU B 9 -7.36 14.46 -6.57
N VAL B 10 -8.33 14.82 -5.78
CA VAL B 10 -8.83 13.95 -4.71
C VAL B 10 -9.27 12.59 -5.25
N VAL B 11 -10.09 12.58 -6.28
CA VAL B 11 -10.58 11.32 -6.84
C VAL B 11 -9.48 10.58 -7.61
N ALA B 12 -8.52 11.32 -8.10
CA ALA B 12 -7.42 10.74 -8.88
C ALA B 12 -6.61 9.73 -8.07
N ALA B 13 -6.33 10.05 -6.83
CA ALA B 13 -5.57 9.11 -6.01
C ALA B 13 -6.43 7.91 -5.62
N SER B 14 -7.58 8.21 -5.07
CA SER B 14 -8.54 7.21 -4.63
C SER B 14 -8.80 6.11 -5.67
N ILE B 15 -8.64 6.46 -6.91
CA ILE B 15 -8.87 5.49 -7.98
C ILE B 15 -7.95 4.28 -7.83
N ILE B 16 -6.73 4.53 -7.44
CA ILE B 16 -5.75 3.47 -7.26
C ILE B 16 -6.12 2.55 -6.08
N GLY B 17 -6.58 3.10 -5.00
CA GLY B 17 -6.87 2.31 -3.81
C GLY B 17 -7.62 1.02 -4.10
N ILE B 18 -8.64 1.05 -4.91
CA ILE B 18 -9.37 -0.19 -5.22
C ILE B 18 -8.46 -1.14 -6.01
N LEU B 19 -7.62 -0.59 -6.84
CA LEU B 19 -6.69 -1.41 -7.63
C LEU B 19 -5.72 -2.11 -6.68
N HIS B 20 -5.26 -1.35 -5.72
CA HIS B 20 -4.32 -1.86 -4.73
C HIS B 20 -4.96 -2.98 -3.90
N PHE B 21 -6.24 -2.86 -3.67
CA PHE B 21 -6.95 -3.86 -2.86
C PHE B 21 -6.99 -5.23 -3.53
N ILE B 22 -7.38 -5.30 -4.77
CA ILE B 22 -7.50 -6.59 -5.46
C ILE B 22 -6.14 -7.27 -5.64
N ALA B 23 -5.12 -6.52 -5.94
CA ALA B 23 -3.79 -7.10 -6.12
C ALA B 23 -3.23 -7.57 -4.78
N TRP B 24 -3.63 -6.91 -3.73
CA TRP B 24 -3.15 -7.22 -2.39
C TRP B 24 -3.41 -8.67 -1.98
N THR B 25 -4.63 -9.12 -2.13
CA THR B 25 -4.97 -10.48 -1.72
C THR B 25 -3.96 -11.48 -2.27
N ILE B 26 -3.52 -11.26 -3.47
CA ILE B 26 -2.60 -12.19 -4.11
C ILE B 26 -1.42 -12.56 -3.18
N GLY B 27 -0.91 -11.62 -2.44
CA GLY B 27 0.21 -11.92 -1.52
C GLY B 27 -0.20 -13.05 -0.58
N HIS B 28 -1.37 -12.93 -0.02
CA HIS B 28 -1.87 -13.90 0.95
C HIS B 28 -1.57 -15.32 0.51
N LEU B 29 -1.41 -15.54 -0.77
CA LEU B 29 -1.12 -16.88 -1.25
C LEU B 29 -0.05 -17.57 -0.42
N ASN B 30 0.84 -16.83 0.21
CA ASN B 30 1.88 -17.43 1.05
C ASN B 30 1.36 -18.00 2.38
N GLN B 31 0.32 -17.43 2.93
CA GLN B 31 -0.21 -17.89 4.21
C GLN B 31 -0.49 -19.39 4.20
N ILE B 32 -1.61 -19.76 3.63
CA ILE B 32 -2.01 -21.17 3.55
C ILE B 32 -0.80 -22.09 3.36
N LYS B 33 -0.28 -22.10 2.16
CA LYS B 33 0.88 -22.94 1.84
C LYS B 33 1.87 -23.02 3.01
N ARG B 34 2.60 -21.96 3.23
CA ARG B 34 3.57 -21.94 4.32
C ARG B 34 2.87 -22.20 5.65
N GLY B 35 2.30 -21.18 6.20
CA GLY B 35 1.60 -21.30 7.49
C GLY B 35 1.23 -19.94 8.04
N SER C 6 -2.29 26.55 -1.37
CA SER C 6 -2.96 25.94 -2.56
C SER C 6 -3.27 24.48 -2.26
N ASP C 7 -3.85 24.23 -1.11
CA ASP C 7 -4.21 22.87 -0.72
C ASP C 7 -3.13 21.88 -1.10
N PRO C 8 -1.92 22.11 -0.66
CA PRO C 8 -0.79 21.20 -0.96
C PRO C 8 -0.99 19.85 -0.27
N LEU C 9 -1.87 19.85 0.69
CA LEU C 9 -2.15 18.64 1.45
C LEU C 9 -2.69 17.52 0.55
N VAL C 10 -3.52 17.88 -0.39
CA VAL C 10 -4.13 16.89 -1.29
C VAL C 10 -3.09 16.22 -2.21
N VAL C 11 -2.24 17.00 -2.81
CA VAL C 11 -1.27 16.44 -3.75
C VAL C 11 -0.16 15.64 -3.06
N ALA C 12 0.25 16.01 -1.88
CA ALA C 12 1.34 15.30 -1.21
C ALA C 12 1.01 13.82 -0.96
N ALA C 13 -0.10 13.53 -0.33
CA ALA C 13 -0.43 12.15 -0.05
C ALA C 13 -0.58 11.38 -1.37
N SER C 14 -1.38 11.93 -2.24
CA SER C 14 -1.59 11.31 -3.54
C SER C 14 -0.24 10.96 -4.20
N ILE C 15 0.64 11.92 -4.22
CA ILE C 15 1.96 11.74 -4.84
C ILE C 15 2.61 10.44 -4.37
N ILE C 16 2.61 10.18 -3.10
CA ILE C 16 3.21 8.95 -2.60
C ILE C 16 2.48 7.73 -3.17
N GLY C 17 1.20 7.88 -3.30
CA GLY C 17 0.34 6.80 -3.79
C GLY C 17 0.90 6.15 -5.07
N ILE C 18 1.25 6.93 -6.04
CA ILE C 18 1.77 6.38 -7.30
C ILE C 18 3.16 5.76 -7.11
N LEU C 19 3.91 6.30 -6.18
CA LEU C 19 5.26 5.80 -5.93
C LEU C 19 5.25 4.33 -5.53
N HIS C 20 4.25 3.93 -4.79
CA HIS C 20 4.16 2.54 -4.33
C HIS C 20 3.82 1.57 -5.47
N PHE C 21 3.08 2.02 -6.45
CA PHE C 21 2.69 1.14 -7.55
C PHE C 21 3.90 0.58 -8.30
N ILE C 22 4.79 1.45 -8.71
CA ILE C 22 5.97 0.99 -9.45
C ILE C 22 6.79 0.03 -8.60
N ALA C 23 6.76 0.22 -7.31
CA ALA C 23 7.49 -0.66 -6.41
C ALA C 23 6.81 -2.03 -6.36
N TRP C 24 5.50 -2.03 -6.46
CA TRP C 24 4.70 -3.24 -6.37
C TRP C 24 5.23 -4.35 -7.27
N THR C 25 5.42 -4.05 -8.53
CA THR C 25 5.89 -5.05 -9.48
C THR C 25 7.13 -5.78 -8.96
N ILE C 26 7.91 -5.11 -8.15
CA ILE C 26 9.13 -5.72 -7.63
C ILE C 26 8.81 -6.90 -6.68
N GLY C 27 7.74 -6.78 -5.93
CA GLY C 27 7.34 -7.83 -5.00
C GLY C 27 6.75 -9.05 -5.72
N HIS C 28 6.16 -8.81 -6.85
CA HIS C 28 5.54 -9.87 -7.64
C HIS C 28 6.46 -11.08 -7.86
N LEU C 29 7.74 -10.86 -7.98
CA LEU C 29 8.66 -11.97 -8.26
C LEU C 29 8.35 -13.20 -7.41
N ASN C 30 7.87 -13.03 -6.21
CA ASN C 30 7.53 -14.19 -5.39
C ASN C 30 6.41 -15.00 -6.06
N GLN C 31 5.35 -14.33 -6.43
CA GLN C 31 4.20 -14.99 -7.08
C GLN C 31 4.64 -15.95 -8.19
N ILE C 32 5.30 -15.44 -9.18
CA ILE C 32 5.74 -16.26 -10.32
C ILE C 32 6.61 -17.43 -9.87
N LYS C 33 7.33 -17.26 -8.79
CA LYS C 33 8.19 -18.33 -8.30
C LYS C 33 7.36 -19.56 -7.94
N ARG C 34 6.27 -19.34 -7.24
CA ARG C 34 5.40 -20.45 -6.84
C ARG C 34 5.01 -21.28 -8.06
N GLY C 35 5.13 -22.57 -7.93
CA GLY C 35 4.77 -23.46 -9.03
C GLY C 35 5.46 -23.03 -10.33
N SER D 6 -13.20 22.18 10.41
CA SER D 6 -12.78 21.12 9.44
C SER D 6 -11.50 20.46 9.93
N ASP D 7 -11.60 19.19 10.25
CA ASP D 7 -10.44 18.45 10.74
C ASP D 7 -9.52 18.09 9.58
N PRO D 8 -8.25 18.46 9.60
CA PRO D 8 -7.29 18.13 8.50
C PRO D 8 -7.37 16.66 8.04
N LEU D 9 -8.42 16.32 7.34
CA LEU D 9 -8.59 14.95 6.84
C LEU D 9 -7.56 14.66 5.74
N VAL D 10 -7.36 15.60 4.88
CA VAL D 10 -6.43 15.42 3.77
C VAL D 10 -5.04 15.03 4.26
N VAL D 11 -4.49 15.78 5.17
CA VAL D 11 -3.16 15.48 5.71
C VAL D 11 -3.19 14.25 6.60
N ALA D 12 -4.33 13.97 7.14
CA ALA D 12 -4.48 12.83 8.04
C ALA D 12 -4.16 11.51 7.34
N ALA D 13 -4.41 11.41 6.07
CA ALA D 13 -4.10 10.16 5.38
C ALA D 13 -2.59 10.02 5.21
N SER D 14 -1.99 11.04 4.64
CA SER D 14 -0.59 11.10 4.37
C SER D 14 0.27 10.72 5.60
N ILE D 15 -0.26 10.93 6.77
CA ILE D 15 0.48 10.60 7.99
C ILE D 15 0.88 9.12 8.02
N ILE D 16 -0.07 8.26 7.75
CA ILE D 16 0.24 6.83 7.75
C ILE D 16 1.09 6.46 6.54
N GLY D 17 0.93 7.20 5.47
CA GLY D 17 1.65 6.90 4.24
C GLY D 17 3.13 6.61 4.45
N ILE D 18 3.81 7.38 5.24
CA ILE D 18 5.23 7.13 5.45
C ILE D 18 5.44 5.80 6.16
N LEU D 19 4.49 5.40 6.94
CA LEU D 19 4.58 4.12 7.66
C LEU D 19 4.68 2.95 6.70
N HIS D 20 3.86 2.97 5.69
CA HIS D 20 3.86 1.90 4.69
C HIS D 20 5.12 1.95 3.82
N PHE D 21 5.63 3.14 3.62
CA PHE D 21 6.82 3.31 2.79
C PHE D 21 8.05 2.68 3.45
N ILE D 22 8.29 2.99 4.69
CA ILE D 22 9.45 2.45 5.40
C ILE D 22 9.35 0.95 5.60
N ALA D 23 8.17 0.47 5.89
CA ALA D 23 7.95 -0.95 6.10
C ALA D 23 8.16 -1.72 4.80
N TRP D 24 7.92 -1.06 3.72
CA TRP D 24 8.05 -1.69 2.41
C TRP D 24 9.46 -2.27 2.21
N THR D 25 10.45 -1.49 2.49
CA THR D 25 11.85 -1.89 2.28
C THR D 25 12.19 -3.27 2.85
N ILE D 26 11.85 -3.52 4.08
CA ILE D 26 12.19 -4.82 4.67
C ILE D 26 11.69 -5.97 3.80
N GLY D 27 10.61 -5.76 3.09
CA GLY D 27 10.07 -6.81 2.22
C GLY D 27 11.11 -7.27 1.21
N HIS D 28 11.69 -6.34 0.50
CA HIS D 28 12.64 -6.66 -0.56
C HIS D 28 13.65 -7.73 -0.13
N LEU D 29 13.88 -7.90 1.13
CA LEU D 29 14.82 -8.93 1.57
C LEU D 29 14.36 -10.28 0.96
N ASN D 30 13.09 -10.53 1.09
CA ASN D 30 12.49 -11.80 0.65
C ASN D 30 12.97 -12.19 -0.76
N GLN D 31 13.18 -11.25 -1.62
CA GLN D 31 13.63 -11.54 -2.97
C GLN D 31 15.14 -11.86 -2.98
N ILE D 32 15.92 -11.01 -2.37
CA ILE D 32 17.39 -11.20 -2.32
C ILE D 32 17.75 -12.68 -2.21
N LYS D 33 17.61 -13.22 -1.03
CA LYS D 33 17.94 -14.63 -0.80
C LYS D 33 17.39 -15.48 -1.93
N ARG D 34 16.22 -15.14 -2.39
CA ARG D 34 15.59 -15.87 -3.49
C ARG D 34 15.33 -17.32 -3.08
N GLY D 35 16.38 -18.09 -2.98
CA GLY D 35 16.26 -19.50 -2.61
C GLY D 35 15.49 -20.28 -3.67
CA RIM E . -5.54 7.12 -1.21
CB RIM E . -4.94 8.02 -0.12
NC RIM E . -3.46 8.08 -0.32
CD RIM E . -5.52 9.46 -0.16
CE1 RIM E . -6.86 9.50 0.59
CE2 RIM E . -5.73 9.95 -1.60
CE3 RIM E . -4.52 10.40 0.50
CF1 RIM E . -7.43 10.91 0.56
CF2 RIM E . -6.24 11.39 -1.59
CF3 RIM E . -5.09 11.82 0.59
CG1 RIM E . -7.59 11.41 -0.88
CG2 RIM E . -5.27 12.32 -0.84
CG3 RIM E . -6.46 11.84 1.29
HA1 RIM E . -5.27 6.10 -1.01
HA2 RIM E . -5.17 7.42 -2.17
HA3 RIM E . -6.62 7.20 -1.19
HB RIM E . -5.13 7.58 0.85
HNC1 RIM E . -3.09 8.12 -1.24
HNC2 RIM E . -2.86 8.07 0.45
HE11 RIM E . -6.69 9.21 1.62
HE12 RIM E . -7.55 8.81 0.15
HE21 RIM E . -6.45 9.33 -2.09
HE22 RIM E . -4.79 9.91 -2.12
HE31 RIM E . -3.64 10.42 -0.10
HE32 RIM E . -4.28 10.03 1.48
HF1 RIM E . -8.40 10.93 1.05
HF2 RIM E . -6.36 11.73 -2.63
HF3 RIM E . -4.39 12.46 1.16
HG11 RIM E . -8.26 10.75 -1.42
HG12 RIM E . -7.97 12.43 -0.87
HG21 RIM E . -4.31 12.31 -1.35
HG22 RIM E . -5.69 13.32 -0.81
HG31 RIM E . -6.35 11.48 2.31
HG32 RIM E . -6.85 12.85 1.26
#